data_3KPX
# 
_entry.id   3KPX 
# 
_audit_conform.dict_name       mmcif_pdbx.dic 
_audit_conform.dict_version    5.380 
_audit_conform.dict_location   http://mmcif.pdb.org/dictionaries/ascii/mmcif_pdbx.dic 
# 
loop_
_database_2.database_id 
_database_2.database_code 
_database_2.pdbx_database_accession 
_database_2.pdbx_DOI 
PDB   3KPX         pdb_00003kpx 10.2210/pdb3kpx/pdb 
RCSB  RCSB056299   ?            ?                   
WWPDB D_1000056299 ?            ?                   
# 
_pdbx_database_status.status_code                     REL 
_pdbx_database_status.entry_id                        3KPX 
_pdbx_database_status.recvd_initial_deposition_date   2009-11-17 
_pdbx_database_status.deposit_site                    RCSB 
_pdbx_database_status.process_site                    PDBJ 
_pdbx_database_status.status_code_sf                  REL 
_pdbx_database_status.status_code_mr                  ? 
_pdbx_database_status.SG_entry                        ? 
_pdbx_database_status.status_code_cs                  ? 
_pdbx_database_status.methods_development_category    ? 
_pdbx_database_status.pdb_format_compatible           Y 
_pdbx_database_status.status_code_nmr_data            ? 
# 
loop_
_audit_author.name 
_audit_author.pdbx_ordinal 
'Titushin, M.S.'  1 
'Li, Y.'          2 
'Stepanyuk, G.A.' 3 
'Wang, B.-C.'     4 
'Lee, J.'         5 
'Vysotski, E.S.'  6 
'Liu, Z.-J.'      7 
# 
_citation.id                        primary 
_citation.title                     'NMR derived topology of a GFP-photoprotein energy transfer complex' 
_citation.journal_abbrev            J.Biol.Chem. 
_citation.journal_volume            285 
_citation.page_first                40891 
_citation.page_last                 40900 
_citation.year                      2010 
_citation.journal_id_ASTM           JBCHA3 
_citation.country                   US 
_citation.journal_id_ISSN           0021-9258 
_citation.journal_id_CSD            0071 
_citation.book_publisher            ? 
_citation.pdbx_database_id_PubMed   20926380 
_citation.pdbx_database_id_DOI      10.1074/jbc.M110.133843 
# 
loop_
_citation_author.citation_id 
_citation_author.name 
_citation_author.ordinal 
_citation_author.identifier_ORCID 
primary 'Titushin, M.S.'  1  ? 
primary 'Feng, Y.'        2  ? 
primary 'Stepanyuk, G.A.' 3  ? 
primary 'Li, Y.'          4  ? 
primary 'Markova, S.V.'   5  ? 
primary 'Golz, S.'        6  ? 
primary 'Wang, B.-C.'     7  ? 
primary 'Lee, J.'         8  ? 
primary 'Wang, J.'        9  ? 
primary 'Vysotski, E.S.'  10 ? 
primary 'Liu, Z.-J.'      11 ? 
# 
_cell.entry_id           3KPX 
_cell.length_a           43.392 
_cell.length_b           68.932 
_cell.length_c           115.348 
_cell.angle_alpha        90.00 
_cell.angle_beta         90.00 
_cell.angle_gamma        90.00 
_cell.Z_PDB              8 
_cell.pdbx_unique_axis   ? 
_cell.length_a_esd       ? 
_cell.length_b_esd       ? 
_cell.length_c_esd       ? 
_cell.angle_alpha_esd    ? 
_cell.angle_beta_esd     ? 
_cell.angle_gamma_esd    ? 
# 
_symmetry.entry_id                         3KPX 
_symmetry.space_group_name_H-M             'C 2 2 21' 
_symmetry.pdbx_full_space_group_name_H-M   ? 
_symmetry.cell_setting                     ? 
_symmetry.Int_Tables_number                20 
_symmetry.space_group_name_Hall            ? 
# 
loop_
_entity.id 
_entity.type 
_entity.src_method 
_entity.pdbx_description 
_entity.formula_weight 
_entity.pdbx_number_of_molecules 
_entity.pdbx_ec 
_entity.pdbx_mutation 
_entity.pdbx_fragment 
_entity.details 
1 polymer     man 'Apophotoprotein clytin-3'    22456.164 1   1.13.12.5 ? ? ? 
2 non-polymer syn C2-HYDROPEROXY-COELENTERAZINE 455.462   1   ?         ? ? ? 
3 non-polymer syn 'CALCIUM ION'                 40.078    1   ?         ? ? ? 
4 water       nat water                         18.015    128 ?         ? ? ? 
# 
_entity_name_com.entity_id   1 
_entity_name_com.name        'clytin, Apophotoprotein clytin-5, Apophotoprotein clytin-6' 
# 
_entity_poly.entity_id                      1 
_entity_poly.type                           'polypeptide(L)' 
_entity_poly.nstd_linkage                   no 
_entity_poly.nstd_monomer                   no 
_entity_poly.pdbx_seq_one_letter_code       
;MTDTASKYAVKLKTNFEDPKWVNRHKFMFNFLDINGNGKITLDEIVSKASDDICAKLGATPAQTQRHQEAVEAFFKKIGL
DYGKEVEFPAFVNGWKELAKHDLKLWSQNKKSLIRNWGEAVFDIFDKDGSGSISLDEWKTYGGISGICPSDEDAEKTFKH
CDLDNSGKLDVDEMTRQHLGFWYTLDPNADGLYGNFVP
;
_entity_poly.pdbx_seq_one_letter_code_can   
;MTDTASKYAVKLKTNFEDPKWVNRHKFMFNFLDINGNGKITLDEIVSKASDDICAKLGATPAQTQRHQEAVEAFFKKIGL
DYGKEVEFPAFVNGWKELAKHDLKLWSQNKKSLIRNWGEAVFDIFDKDGSGSISLDEWKTYGGISGICPSDEDAEKTFKH
CDLDNSGKLDVDEMTRQHLGFWYTLDPNADGLYGNFVP
;
_entity_poly.pdbx_strand_id                 A 
_entity_poly.pdbx_target_identifier         ? 
# 
loop_
_entity_poly_seq.entity_id 
_entity_poly_seq.num 
_entity_poly_seq.mon_id 
_entity_poly_seq.hetero 
1 1   MET n 
1 2   THR n 
1 3   ASP n 
1 4   THR n 
1 5   ALA n 
1 6   SER n 
1 7   LYS n 
1 8   TYR n 
1 9   ALA n 
1 10  VAL n 
1 11  LYS n 
1 12  LEU n 
1 13  LYS n 
1 14  THR n 
1 15  ASN n 
1 16  PHE n 
1 17  GLU n 
1 18  ASP n 
1 19  PRO n 
1 20  LYS n 
1 21  TRP n 
1 22  VAL n 
1 23  ASN n 
1 24  ARG n 
1 25  HIS n 
1 26  LYS n 
1 27  PHE n 
1 28  MET n 
1 29  PHE n 
1 30  ASN n 
1 31  PHE n 
1 32  LEU n 
1 33  ASP n 
1 34  ILE n 
1 35  ASN n 
1 36  GLY n 
1 37  ASN n 
1 38  GLY n 
1 39  LYS n 
1 40  ILE n 
1 41  THR n 
1 42  LEU n 
1 43  ASP n 
1 44  GLU n 
1 45  ILE n 
1 46  VAL n 
1 47  SER n 
1 48  LYS n 
1 49  ALA n 
1 50  SER n 
1 51  ASP n 
1 52  ASP n 
1 53  ILE n 
1 54  CYS n 
1 55  ALA n 
1 56  LYS n 
1 57  LEU n 
1 58  GLY n 
1 59  ALA n 
1 60  THR n 
1 61  PRO n 
1 62  ALA n 
1 63  GLN n 
1 64  THR n 
1 65  GLN n 
1 66  ARG n 
1 67  HIS n 
1 68  GLN n 
1 69  GLU n 
1 70  ALA n 
1 71  VAL n 
1 72  GLU n 
1 73  ALA n 
1 74  PHE n 
1 75  PHE n 
1 76  LYS n 
1 77  LYS n 
1 78  ILE n 
1 79  GLY n 
1 80  LEU n 
1 81  ASP n 
1 82  TYR n 
1 83  GLY n 
1 84  LYS n 
1 85  GLU n 
1 86  VAL n 
1 87  GLU n 
1 88  PHE n 
1 89  PRO n 
1 90  ALA n 
1 91  PHE n 
1 92  VAL n 
1 93  ASN n 
1 94  GLY n 
1 95  TRP n 
1 96  LYS n 
1 97  GLU n 
1 98  LEU n 
1 99  ALA n 
1 100 LYS n 
1 101 HIS n 
1 102 ASP n 
1 103 LEU n 
1 104 LYS n 
1 105 LEU n 
1 106 TRP n 
1 107 SER n 
1 108 GLN n 
1 109 ASN n 
1 110 LYS n 
1 111 LYS n 
1 112 SER n 
1 113 LEU n 
1 114 ILE n 
1 115 ARG n 
1 116 ASN n 
1 117 TRP n 
1 118 GLY n 
1 119 GLU n 
1 120 ALA n 
1 121 VAL n 
1 122 PHE n 
1 123 ASP n 
1 124 ILE n 
1 125 PHE n 
1 126 ASP n 
1 127 LYS n 
1 128 ASP n 
1 129 GLY n 
1 130 SER n 
1 131 GLY n 
1 132 SER n 
1 133 ILE n 
1 134 SER n 
1 135 LEU n 
1 136 ASP n 
1 137 GLU n 
1 138 TRP n 
1 139 LYS n 
1 140 THR n 
1 141 TYR n 
1 142 GLY n 
1 143 GLY n 
1 144 ILE n 
1 145 SER n 
1 146 GLY n 
1 147 ILE n 
1 148 CYS n 
1 149 PRO n 
1 150 SER n 
1 151 ASP n 
1 152 GLU n 
1 153 ASP n 
1 154 ALA n 
1 155 GLU n 
1 156 LYS n 
1 157 THR n 
1 158 PHE n 
1 159 LYS n 
1 160 HIS n 
1 161 CYS n 
1 162 ASP n 
1 163 LEU n 
1 164 ASP n 
1 165 ASN n 
1 166 SER n 
1 167 GLY n 
1 168 LYS n 
1 169 LEU n 
1 170 ASP n 
1 171 VAL n 
1 172 ASP n 
1 173 GLU n 
1 174 MET n 
1 175 THR n 
1 176 ARG n 
1 177 GLN n 
1 178 HIS n 
1 179 LEU n 
1 180 GLY n 
1 181 PHE n 
1 182 TRP n 
1 183 TYR n 
1 184 THR n 
1 185 LEU n 
1 186 ASP n 
1 187 PRO n 
1 188 ASN n 
1 189 ALA n 
1 190 ASP n 
1 191 GLY n 
1 192 LEU n 
1 193 TYR n 
1 194 GLY n 
1 195 ASN n 
1 196 PHE n 
1 197 VAL n 
1 198 PRO n 
# 
_entity_src_gen.entity_id                          1 
_entity_src_gen.pdbx_src_id                        1 
_entity_src_gen.pdbx_alt_source_flag               sample 
_entity_src_gen.pdbx_seq_type                      ? 
_entity_src_gen.pdbx_beg_seq_num                   ? 
_entity_src_gen.pdbx_end_seq_num                   ? 
_entity_src_gen.gene_src_common_name               'Phialidium gregarium' 
_entity_src_gen.gene_src_genus                     ? 
_entity_src_gen.pdbx_gene_src_gene                 ? 
_entity_src_gen.gene_src_species                   ? 
_entity_src_gen.gene_src_strain                    ? 
_entity_src_gen.gene_src_tissue                    ? 
_entity_src_gen.gene_src_tissue_fraction           ? 
_entity_src_gen.gene_src_details                   ? 
_entity_src_gen.pdbx_gene_src_fragment             ? 
_entity_src_gen.pdbx_gene_src_scientific_name      'Clytia gregaria' 
_entity_src_gen.pdbx_gene_src_ncbi_taxonomy_id     27801 
_entity_src_gen.pdbx_gene_src_variant              ? 
_entity_src_gen.pdbx_gene_src_cell_line            ? 
_entity_src_gen.pdbx_gene_src_atcc                 ? 
_entity_src_gen.pdbx_gene_src_organ                ? 
_entity_src_gen.pdbx_gene_src_organelle            ? 
_entity_src_gen.pdbx_gene_src_cell                 ? 
_entity_src_gen.pdbx_gene_src_cellular_location    ? 
_entity_src_gen.host_org_common_name               ? 
_entity_src_gen.pdbx_host_org_scientific_name      ? 
_entity_src_gen.pdbx_host_org_ncbi_taxonomy_id     ? 
_entity_src_gen.host_org_genus                     ? 
_entity_src_gen.pdbx_host_org_gene                 ? 
_entity_src_gen.pdbx_host_org_organ                ? 
_entity_src_gen.host_org_species                   ? 
_entity_src_gen.pdbx_host_org_tissue               ? 
_entity_src_gen.pdbx_host_org_tissue_fraction      ? 
_entity_src_gen.pdbx_host_org_strain               ? 
_entity_src_gen.pdbx_host_org_variant              ? 
_entity_src_gen.pdbx_host_org_cell_line            ? 
_entity_src_gen.pdbx_host_org_atcc                 ? 
_entity_src_gen.pdbx_host_org_culture_collection   ? 
_entity_src_gen.pdbx_host_org_cell                 ? 
_entity_src_gen.pdbx_host_org_organelle            ? 
_entity_src_gen.pdbx_host_org_cellular_location    ? 
_entity_src_gen.pdbx_host_org_vector_type          ? 
_entity_src_gen.pdbx_host_org_vector               ? 
_entity_src_gen.host_org_details                   ? 
_entity_src_gen.expression_system_id               ? 
_entity_src_gen.plasmid_name                       ? 
_entity_src_gen.plasmid_details                    ? 
_entity_src_gen.pdbx_description                   ? 
# 
_struct_ref.id                         1 
_struct_ref.db_name                    UNP 
_struct_ref.db_code                    D7PM14_CLYGR 
_struct_ref.pdbx_db_accession          D7PM14 
_struct_ref.entity_id                  1 
_struct_ref.pdbx_seq_one_letter_code   
;MTDTASKYAVKLKTNFEDPKWVNRHKFMFNFLDINGNGKITLDEIVSKASDDICAKLGATPAQTQRHQEAVEAFFKKIGL
DYGKEVEFPAFVNGWKELAKHDLKLWSQNKKSLIRNWGEAVFDIFDKDGSGSISLDEWKTYGGISGICPSDEDAEKTFKH
CDLDNSGKLDVDEMTRQHLGFWYTLDPNADGLYGNFVP
;
_struct_ref.pdbx_align_begin           1 
_struct_ref.pdbx_db_isoform            ? 
# 
_struct_ref_seq.align_id                      1 
_struct_ref_seq.ref_id                        1 
_struct_ref_seq.pdbx_PDB_id_code              3KPX 
_struct_ref_seq.pdbx_strand_id                A 
_struct_ref_seq.seq_align_beg                 1 
_struct_ref_seq.pdbx_seq_align_beg_ins_code   ? 
_struct_ref_seq.seq_align_end                 198 
_struct_ref_seq.pdbx_seq_align_end_ins_code   ? 
_struct_ref_seq.pdbx_db_accession             3KPX 
_struct_ref_seq.db_align_beg                  1 
_struct_ref_seq.pdbx_db_align_beg_ins_code    ? 
_struct_ref_seq.db_align_end                  198 
_struct_ref_seq.pdbx_db_align_end_ins_code    ? 
_struct_ref_seq.pdbx_auth_seq_align_beg       1 
_struct_ref_seq.pdbx_auth_seq_align_end       198 
# 
loop_
_chem_comp.id 
_chem_comp.type 
_chem_comp.mon_nstd_flag 
_chem_comp.name 
_chem_comp.pdbx_synonyms 
_chem_comp.formula 
_chem_comp.formula_weight 
ALA 'L-peptide linking' y ALANINE                       ? 'C3 H7 N O2'     89.093  
ARG 'L-peptide linking' y ARGININE                      ? 'C6 H15 N4 O2 1' 175.209 
ASN 'L-peptide linking' y ASPARAGINE                    ? 'C4 H8 N2 O3'    132.118 
ASP 'L-peptide linking' y 'ASPARTIC ACID'               ? 'C4 H7 N O4'     133.103 
CA  non-polymer         . 'CALCIUM ION'                 ? 'Ca 2'           40.078  
CYS 'L-peptide linking' y CYSTEINE                      ? 'C3 H7 N O2 S'   121.158 
CZH non-polymer         . C2-HYDROPEROXY-COELENTERAZINE 
'8-BENZYL-2-HYDROPEROXY-2-(4-HYDROXY-BENZYL)-6-(4-HYDROXY-PHENYL)-2H-IMIDAZO[1,2-A]PYRAZIN-3-ONE' 'C26 H21 N3 O5'  455.462 
GLN 'L-peptide linking' y GLUTAMINE                     ? 'C5 H10 N2 O3'   146.144 
GLU 'L-peptide linking' y 'GLUTAMIC ACID'               ? 'C5 H9 N O4'     147.129 
GLY 'peptide linking'   y GLYCINE                       ? 'C2 H5 N O2'     75.067  
HIS 'L-peptide linking' y HISTIDINE                     ? 'C6 H10 N3 O2 1' 156.162 
HOH non-polymer         . WATER                         ? 'H2 O'           18.015  
ILE 'L-peptide linking' y ISOLEUCINE                    ? 'C6 H13 N O2'    131.173 
LEU 'L-peptide linking' y LEUCINE                       ? 'C6 H13 N O2'    131.173 
LYS 'L-peptide linking' y LYSINE                        ? 'C6 H15 N2 O2 1' 147.195 
MET 'L-peptide linking' y METHIONINE                    ? 'C5 H11 N O2 S'  149.211 
PHE 'L-peptide linking' y PHENYLALANINE                 ? 'C9 H11 N O2'    165.189 
PRO 'L-peptide linking' y PROLINE                       ? 'C5 H9 N O2'     115.130 
SER 'L-peptide linking' y SERINE                        ? 'C3 H7 N O3'     105.093 
THR 'L-peptide linking' y THREONINE                     ? 'C4 H9 N O3'     119.119 
TRP 'L-peptide linking' y TRYPTOPHAN                    ? 'C11 H12 N2 O2'  204.225 
TYR 'L-peptide linking' y TYROSINE                      ? 'C9 H11 N O3'    181.189 
VAL 'L-peptide linking' y VALINE                        ? 'C5 H11 N O2'    117.146 
# 
_exptl.entry_id          3KPX 
_exptl.method            'X-RAY DIFFRACTION' 
_exptl.crystals_number   1 
# 
_exptl_crystal.id                    1 
_exptl_crystal.density_meas          ? 
_exptl_crystal.density_Matthews      1.92 
_exptl_crystal.density_percent_sol   35.95 
_exptl_crystal.description           ? 
_exptl_crystal.F_000                 ? 
_exptl_crystal.preparation           ? 
# 
_exptl_crystal_grow.crystal_id      1 
_exptl_crystal_grow.method          'VAPOR DIFFUSION, HANGING DROP' 
_exptl_crystal_grow.temp            ? 
_exptl_crystal_grow.temp_details    ? 
_exptl_crystal_grow.pH              ? 
_exptl_crystal_grow.pdbx_details    'VAPOR DIFFUSION, HANGING DROP' 
_exptl_crystal_grow.pdbx_pH_range   . 
# 
_diffrn.id                     1 
_diffrn.ambient_temp           100 
_diffrn.ambient_temp_details   ? 
_diffrn.crystal_id             1 
# 
_diffrn_detector.diffrn_id              1 
_diffrn_detector.detector               'IMAGE PLATE' 
_diffrn_detector.type                   'RIGAKU RAXIS IV' 
_diffrn_detector.pdbx_collection_date   ? 
_diffrn_detector.details                ? 
# 
_diffrn_radiation.diffrn_id                        1 
_diffrn_radiation.wavelength_id                    1 
_diffrn_radiation.pdbx_monochromatic_or_laue_m_l   M 
_diffrn_radiation.monochromator                    ? 
_diffrn_radiation.pdbx_diffrn_protocol             'SINGLE WAVELENGTH' 
_diffrn_radiation.pdbx_scattering_type             x-ray 
# 
_diffrn_radiation_wavelength.id           1 
_diffrn_radiation_wavelength.wavelength   1.5418 
_diffrn_radiation_wavelength.wt           1.0 
# 
_diffrn_source.diffrn_id                   1 
_diffrn_source.source                      'ROTATING ANODE' 
_diffrn_source.type                        'RIGAKU FR-E+ SUPERBRIGHT' 
_diffrn_source.pdbx_synchrotron_site       ? 
_diffrn_source.pdbx_synchrotron_beamline   ? 
_diffrn_source.pdbx_wavelength             ? 
_diffrn_source.pdbx_wavelength_list        1.5418 
# 
_reflns.entry_id                     3KPX 
_reflns.observed_criterion_sigma_I   ? 
_reflns.observed_criterion_sigma_F   ? 
_reflns.d_resolution_low             50 
_reflns.d_resolution_high            1.899 
_reflns.number_obs                   14018 
_reflns.number_all                   14088 
_reflns.percent_possible_obs         99.5 
_reflns.pdbx_Rmerge_I_obs            ? 
_reflns.pdbx_Rsym_value              ? 
_reflns.pdbx_netI_over_sigmaI        ? 
_reflns.B_iso_Wilson_estimate        ? 
_reflns.pdbx_redundancy              ? 
_reflns.R_free_details               ? 
_reflns.limit_h_max                  ? 
_reflns.limit_h_min                  ? 
_reflns.limit_k_max                  ? 
_reflns.limit_k_min                  ? 
_reflns.limit_l_max                  ? 
_reflns.limit_l_min                  ? 
_reflns.observed_criterion_F_max     ? 
_reflns.observed_criterion_F_min     ? 
_reflns.pdbx_chi_squared             ? 
_reflns.pdbx_scaling_rejects         ? 
_reflns.pdbx_ordinal                 1 
_reflns.pdbx_diffrn_id               1 
# 
_refine.entry_id                                 3KPX 
_refine.ls_number_reflns_obs                     13990 
_refine.ls_number_reflns_all                     ? 
_refine.pdbx_ls_sigma_I                          ? 
_refine.pdbx_ls_sigma_F                          1.34 
_refine.pdbx_data_cutoff_high_absF               ? 
_refine.pdbx_data_cutoff_low_absF                ? 
_refine.pdbx_data_cutoff_high_rms_absF           ? 
_refine.ls_d_res_low                             20.306 
_refine.ls_d_res_high                            1.899 
_refine.ls_percent_reflns_obs                    99.54 
_refine.ls_R_factor_obs                          0.1731 
_refine.ls_R_factor_all                          ? 
_refine.ls_R_factor_R_work                       0.1707 
_refine.ls_R_factor_R_free                       0.2194 
_refine.ls_R_factor_R_free_error                 ? 
_refine.ls_R_factor_R_free_error_details         ? 
_refine.ls_percent_reflns_R_free                 4.97 
_refine.ls_number_reflns_R_free                  696 
_refine.ls_number_reflns_R_work                  13294 
_refine.ls_number_parameters                     ? 
_refine.ls_number_restraints                     ? 
_refine.correlation_coeff_Fo_to_Fc               ? 
_refine.correlation_coeff_Fo_to_Fc_free          ? 
_refine.B_iso_mean                               19.122 
_refine.aniso_B[1][1]                            0.651 
_refine.aniso_B[2][2]                            0.555 
_refine.aniso_B[3][3]                            -1.206 
_refine.aniso_B[1][2]                            0.000 
_refine.aniso_B[1][3]                            -0.000 
_refine.aniso_B[2][3]                            -0.000 
_refine.solvent_model_details                    'FLAT BULK SOLVENT MODEL' 
_refine.solvent_model_param_ksol                 0.415 
_refine.solvent_model_param_bsol                 47.840 
_refine.pdbx_solvent_vdw_probe_radii             1.11 
_refine.pdbx_solvent_ion_probe_radii             ? 
_refine.pdbx_solvent_shrinkage_radii             0.90 
_refine.pdbx_ls_cross_valid_method               ? 
_refine.details                                  ? 
_refine.pdbx_starting_model                      'PDB ENTRY 2F8P' 
_refine.pdbx_method_to_determine_struct          'MOLECULAR REPLACEMENT' 
_refine.pdbx_isotropic_thermal_model             ? 
_refine.pdbx_stereochemistry_target_values       ML 
_refine.pdbx_stereochem_target_val_spec_case     ? 
_refine.pdbx_R_Free_selection_details            ? 
_refine.pdbx_overall_ESU_R_Free                  ? 
_refine.overall_SU_ML                            0.26 
_refine.overall_SU_B                             ? 
_refine.ls_redundancy_reflns_obs                 ? 
_refine.overall_SU_R_Cruickshank_DPI             ? 
_refine.overall_SU_R_free                        ? 
_refine.ls_wR_factor_R_free                      ? 
_refine.ls_wR_factor_R_work                      ? 
_refine.overall_FOM_free_R_set                   ? 
_refine.overall_FOM_work_R_set                   0.876 
_refine.B_iso_max                                58.16 
_refine.B_iso_min                                7.49 
_refine.pdbx_overall_phase_error                 19.170 
_refine.occupancy_max                            1.00 
_refine.occupancy_min                            0.50 
_refine.pdbx_refine_id                           'X-RAY DIFFRACTION' 
_refine.pdbx_overall_ESU_R                       ? 
_refine.pdbx_diffrn_id                           1 
_refine.pdbx_TLS_residual_ADP_flag               ? 
_refine.pdbx_overall_SU_R_free_Cruickshank_DPI   ? 
_refine.pdbx_overall_SU_R_Blow_DPI               ? 
_refine.pdbx_overall_SU_R_free_Blow_DPI          ? 
# 
_refine_hist.pdbx_refine_id                   'X-RAY DIFFRACTION' 
_refine_hist.cycle_id                         LAST 
_refine_hist.pdbx_number_atoms_protein        1516 
_refine_hist.pdbx_number_atoms_nucleic_acid   0 
_refine_hist.pdbx_number_atoms_ligand         34 
_refine_hist.number_atoms_solvent             128 
_refine_hist.number_atoms_total               1678 
_refine_hist.d_res_high                       1.899 
_refine_hist.d_res_low                        20.306 
# 
loop_
_refine_ls_restr.pdbx_refine_id 
_refine_ls_restr.type 
_refine_ls_restr.number 
_refine_ls_restr.dev_ideal 
_refine_ls_restr.dev_ideal_target 
_refine_ls_restr.weight 
_refine_ls_restr.pdbx_restraint_function 
'X-RAY DIFFRACTION' f_bond_d           1592 0.011  ? ? ? 
'X-RAY DIFFRACTION' f_angle_d          2152 1.186  ? ? ? 
'X-RAY DIFFRACTION' f_chiral_restr     216  0.082  ? ? ? 
'X-RAY DIFFRACTION' f_plane_restr      278  0.011  ? ? ? 
'X-RAY DIFFRACTION' f_dihedral_angle_d 587  17.516 ? ? ? 
# 
loop_
_refine_ls_shell.pdbx_total_number_of_bins_used 
_refine_ls_shell.d_res_high 
_refine_ls_shell.d_res_low 
_refine_ls_shell.number_reflns_R_work 
_refine_ls_shell.R_factor_R_work 
_refine_ls_shell.percent_reflns_obs 
_refine_ls_shell.R_factor_R_free 
_refine_ls_shell.R_factor_R_free_error 
_refine_ls_shell.percent_reflns_R_free 
_refine_ls_shell.number_reflns_R_free 
_refine_ls_shell.number_reflns_all 
_refine_ls_shell.R_factor_all 
_refine_ls_shell.number_reflns_obs 
_refine_ls_shell.redundancy_reflns_obs 
_refine_ls_shell.pdbx_refine_id 
. 1.8989 2.0454  2589 0.2235 98.00  0.2805 . . 134 . . . . 'X-RAY DIFFRACTION' 
. 2.0454 2.2509  2604 0.1636 100.00 0.2208 . . 147 . . . . 'X-RAY DIFFRACTION' 
. 2.2509 2.5761  2654 0.1545 100.00 0.2120 . . 135 . . . . 'X-RAY DIFFRACTION' 
. 2.5761 3.2435  2641 0.1639 100.00 0.2443 . . 155 . . . . 'X-RAY DIFFRACTION' 
. 3.2435 20.3073 2806 0.1634 100.00 0.1812 . . 125 . . . . 'X-RAY DIFFRACTION' 
# 
_struct.entry_id                  3KPX 
_struct.title                     'Crystal Structure Analysis of photoprotein clytin' 
_struct.pdbx_model_details        ? 
_struct.pdbx_CASP_flag            ? 
_struct.pdbx_model_type_details   ? 
# 
_struct_keywords.entry_id        3KPX 
_struct_keywords.pdbx_keywords   'FLUORESCENT PROTEIN, HYDROLASE' 
_struct_keywords.text            'photoprotein clytin, FLUORESCENT PROTEIN, HYDROLASE' 
# 
loop_
_struct_asym.id 
_struct_asym.pdbx_blank_PDB_chainid_flag 
_struct_asym.pdbx_modified 
_struct_asym.entity_id 
_struct_asym.details 
A N N 1 ? 
B N N 2 ? 
C N N 3 ? 
D N N 4 ? 
# 
_struct_biol.id        1 
_struct_biol.details   ? 
# 
loop_
_struct_conf.conf_type_id 
_struct_conf.id 
_struct_conf.pdbx_PDB_helix_id 
_struct_conf.beg_label_comp_id 
_struct_conf.beg_label_asym_id 
_struct_conf.beg_label_seq_id 
_struct_conf.pdbx_beg_PDB_ins_code 
_struct_conf.end_label_comp_id 
_struct_conf.end_label_asym_id 
_struct_conf.end_label_seq_id 
_struct_conf.pdbx_end_PDB_ins_code 
_struct_conf.beg_auth_comp_id 
_struct_conf.beg_auth_asym_id 
_struct_conf.beg_auth_seq_id 
_struct_conf.end_auth_comp_id 
_struct_conf.end_auth_asym_id 
_struct_conf.end_auth_seq_id 
_struct_conf.pdbx_PDB_helix_class 
_struct_conf.details 
_struct_conf.pdbx_PDB_helix_length 
HELX_P HELX_P1  1  ASP A 18  ? ASP A 33  ? ASP A 18  ASP A 33  1 ? 16 
HELX_P HELX_P2  2  THR A 41  ? ASP A 51  ? THR A 41  ASP A 51  1 ? 11 
HELX_P HELX_P3  3  ASP A 52  ? GLY A 58  ? ASP A 52  GLY A 58  1 ? 7  
HELX_P HELX_P4  4  THR A 60  ? ILE A 78  ? THR A 60  ILE A 78  1 ? 19 
HELX_P HELX_P5  5  PHE A 88  ? GLN A 108 ? PHE A 88  GLN A 108 1 ? 21 
HELX_P HELX_P6  6  SER A 112 ? ASP A 126 ? SER A 112 ASP A 126 1 ? 15 
HELX_P HELX_P7  7  SER A 134 ? GLY A 146 ? SER A 134 GLY A 146 1 ? 13 
HELX_P HELX_P8  8  SER A 150 ? CYS A 161 ? SER A 150 CYS A 161 1 ? 12 
HELX_P HELX_P9  9  VAL A 171 ? TYR A 183 ? VAL A 171 TYR A 183 1 ? 13 
HELX_P HELX_P10 10 ASP A 186 ? ASP A 190 ? ASP A 186 ASP A 190 5 ? 5  
# 
_struct_conf_type.id          HELX_P 
_struct_conf_type.criteria    ? 
_struct_conf_type.reference   ? 
# 
loop_
_struct_conn.id 
_struct_conn.conn_type_id 
_struct_conn.pdbx_leaving_atom_flag 
_struct_conn.pdbx_PDB_id 
_struct_conn.ptnr1_label_asym_id 
_struct_conn.ptnr1_label_comp_id 
_struct_conn.ptnr1_label_seq_id 
_struct_conn.ptnr1_label_atom_id 
_struct_conn.pdbx_ptnr1_label_alt_id 
_struct_conn.pdbx_ptnr1_PDB_ins_code 
_struct_conn.pdbx_ptnr1_standard_comp_id 
_struct_conn.ptnr1_symmetry 
_struct_conn.ptnr2_label_asym_id 
_struct_conn.ptnr2_label_comp_id 
_struct_conn.ptnr2_label_seq_id 
_struct_conn.ptnr2_label_atom_id 
_struct_conn.pdbx_ptnr2_label_alt_id 
_struct_conn.pdbx_ptnr2_PDB_ins_code 
_struct_conn.ptnr1_auth_asym_id 
_struct_conn.ptnr1_auth_comp_id 
_struct_conn.ptnr1_auth_seq_id 
_struct_conn.ptnr2_auth_asym_id 
_struct_conn.ptnr2_auth_comp_id 
_struct_conn.ptnr2_auth_seq_id 
_struct_conn.ptnr2_symmetry 
_struct_conn.pdbx_ptnr3_label_atom_id 
_struct_conn.pdbx_ptnr3_label_seq_id 
_struct_conn.pdbx_ptnr3_label_comp_id 
_struct_conn.pdbx_ptnr3_label_asym_id 
_struct_conn.pdbx_ptnr3_label_alt_id 
_struct_conn.pdbx_ptnr3_PDB_ins_code 
_struct_conn.details 
_struct_conn.pdbx_dist_value 
_struct_conn.pdbx_value_order 
_struct_conn.pdbx_role 
metalc1 metalc ? ? A ASP 33 OD1 ? ? ? 1_555 C CA  . CA ? ? A ASP 33  A CA  202 1_555 ? ? ? ? ? ? ? 2.389 ? ? 
metalc2 metalc ? ? A ASN 35 OD1 ? ? ? 1_555 C CA  . CA ? ? A ASN 35  A CA  202 1_555 ? ? ? ? ? ? ? 2.305 ? ? 
metalc3 metalc ? ? A ASN 37 OD1 ? ? ? 1_555 C CA  . CA ? ? A ASN 37  A CA  202 1_555 ? ? ? ? ? ? ? 2.469 ? ? 
metalc4 metalc ? ? A LYS 39 O   ? ? ? 1_555 C CA  . CA ? ? A LYS 39  A CA  202 1_555 ? ? ? ? ? ? ? 2.275 ? ? 
metalc5 metalc ? ? C CA  .  CA  ? ? ? 1_555 D HOH . O  ? ? A CA  202 A HOH 223 1_555 ? ? ? ? ? ? ? 2.730 ? ? 
# 
_struct_conn_type.id          metalc 
_struct_conn_type.criteria    ? 
_struct_conn_type.reference   ? 
# 
loop_
_struct_sheet.id 
_struct_sheet.type 
_struct_sheet.number_strands 
_struct_sheet.details 
A ? 2 ? 
B ? 2 ? 
# 
loop_
_struct_sheet_order.sheet_id 
_struct_sheet_order.range_id_1 
_struct_sheet_order.range_id_2 
_struct_sheet_order.offset 
_struct_sheet_order.sense 
A 1 2 ? anti-parallel 
B 1 2 ? anti-parallel 
# 
loop_
_struct_sheet_range.sheet_id 
_struct_sheet_range.id 
_struct_sheet_range.beg_label_comp_id 
_struct_sheet_range.beg_label_asym_id 
_struct_sheet_range.beg_label_seq_id 
_struct_sheet_range.pdbx_beg_PDB_ins_code 
_struct_sheet_range.end_label_comp_id 
_struct_sheet_range.end_label_asym_id 
_struct_sheet_range.end_label_seq_id 
_struct_sheet_range.pdbx_end_PDB_ins_code 
_struct_sheet_range.beg_auth_comp_id 
_struct_sheet_range.beg_auth_asym_id 
_struct_sheet_range.beg_auth_seq_id 
_struct_sheet_range.end_auth_comp_id 
_struct_sheet_range.end_auth_asym_id 
_struct_sheet_range.end_auth_seq_id 
A 1 LYS A 39  ? ILE A 40  ? LYS A 39  ILE A 40  
A 2 VAL A 86  ? GLU A 87  ? VAL A 86  GLU A 87  
B 1 SER A 132 ? ILE A 133 ? SER A 132 ILE A 133 
B 2 LEU A 169 ? ASP A 170 ? LEU A 169 ASP A 170 
# 
loop_
_pdbx_struct_sheet_hbond.sheet_id 
_pdbx_struct_sheet_hbond.range_id_1 
_pdbx_struct_sheet_hbond.range_id_2 
_pdbx_struct_sheet_hbond.range_1_label_atom_id 
_pdbx_struct_sheet_hbond.range_1_label_comp_id 
_pdbx_struct_sheet_hbond.range_1_label_asym_id 
_pdbx_struct_sheet_hbond.range_1_label_seq_id 
_pdbx_struct_sheet_hbond.range_1_PDB_ins_code 
_pdbx_struct_sheet_hbond.range_1_auth_atom_id 
_pdbx_struct_sheet_hbond.range_1_auth_comp_id 
_pdbx_struct_sheet_hbond.range_1_auth_asym_id 
_pdbx_struct_sheet_hbond.range_1_auth_seq_id 
_pdbx_struct_sheet_hbond.range_2_label_atom_id 
_pdbx_struct_sheet_hbond.range_2_label_comp_id 
_pdbx_struct_sheet_hbond.range_2_label_asym_id 
_pdbx_struct_sheet_hbond.range_2_label_seq_id 
_pdbx_struct_sheet_hbond.range_2_PDB_ins_code 
_pdbx_struct_sheet_hbond.range_2_auth_atom_id 
_pdbx_struct_sheet_hbond.range_2_auth_comp_id 
_pdbx_struct_sheet_hbond.range_2_auth_asym_id 
_pdbx_struct_sheet_hbond.range_2_auth_seq_id 
A 1 2 N ILE A 40  ? N ILE A 40  O VAL A 86  ? O VAL A 86  
B 1 2 N ILE A 133 ? N ILE A 133 O LEU A 169 ? O LEU A 169 
# 
loop_
_struct_site.id 
_struct_site.pdbx_evidence_code 
_struct_site.pdbx_auth_asym_id 
_struct_site.pdbx_auth_comp_id 
_struct_site.pdbx_auth_seq_id 
_struct_site.pdbx_auth_ins_code 
_struct_site.pdbx_num_residues 
_struct_site.details 
AC1 Software A CZH 201 ? 20 'BINDING SITE FOR RESIDUE CZH A 201' 
AC2 Software A CA  202 ? 5  'BINDING SITE FOR RESIDUE CA A 202'  
# 
loop_
_struct_site_gen.id 
_struct_site_gen.site_id 
_struct_site_gen.pdbx_num_res 
_struct_site_gen.label_comp_id 
_struct_site_gen.label_asym_id 
_struct_site_gen.label_seq_id 
_struct_site_gen.pdbx_auth_ins_code 
_struct_site_gen.auth_comp_id 
_struct_site_gen.auth_asym_id 
_struct_site_gen.auth_seq_id 
_struct_site_gen.label_atom_id 
_struct_site_gen.label_alt_id 
_struct_site_gen.symmetry 
_struct_site_gen.details 
1  AC1 20 HIS A 25  ? HIS A 25  . ? 1_555 ? 
2  AC1 20 MET A 28  ? MET A 28  . ? 1_555 ? 
3  AC1 20 LEU A 32  ? LEU A 32  . ? 1_555 ? 
4  AC1 20 ILE A 45  ? ILE A 45  . ? 1_555 ? 
5  AC1 20 ILE A 53  ? ILE A 53  . ? 1_555 ? 
6  AC1 20 PHE A 91  ? PHE A 91  . ? 1_555 ? 
7  AC1 20 TRP A 95  ? TRP A 95  . ? 1_555 ? 
8  AC1 20 ILE A 114 ? ILE A 114 . ? 1_555 ? 
9  AC1 20 TRP A 117 ? TRP A 117 . ? 1_555 ? 
10 AC1 20 GLY A 118 ? GLY A 118 . ? 1_555 ? 
11 AC1 20 PHE A 122 ? PHE A 122 . ? 1_555 ? 
12 AC1 20 TRP A 138 ? TRP A 138 . ? 1_555 ? 
13 AC1 20 TYR A 141 ? TYR A 141 . ? 1_555 ? 
14 AC1 20 ILE A 147 ? ILE A 147 . ? 1_555 ? 
15 AC1 20 MET A 174 ? MET A 174 . ? 1_555 ? 
16 AC1 20 HIS A 178 ? HIS A 178 . ? 1_555 ? 
17 AC1 20 TRP A 182 ? TRP A 182 . ? 1_555 ? 
18 AC1 20 TYR A 193 ? TYR A 193 . ? 1_555 ? 
19 AC1 20 HOH D .   ? HOH A 213 . ? 1_555 ? 
20 AC1 20 HOH D .   ? HOH A 314 . ? 1_555 ? 
21 AC2 5  ASP A 33  ? ASP A 33  . ? 1_555 ? 
22 AC2 5  ASN A 35  ? ASN A 35  . ? 1_555 ? 
23 AC2 5  ASN A 37  ? ASN A 37  . ? 1_555 ? 
24 AC2 5  LYS A 39  ? LYS A 39  . ? 1_555 ? 
25 AC2 5  HOH D .   ? HOH A 223 . ? 1_555 ? 
# 
_atom_sites.entry_id                    3KPX 
_atom_sites.fract_transf_matrix[1][1]   -0.01734330 
_atom_sites.fract_transf_matrix[1][2]   0.00079868 
_atom_sites.fract_transf_matrix[1][3]   0.01515554 
_atom_sites.fract_transf_matrix[2][1]   0.00423943 
_atom_sites.fract_transf_matrix[2][2]   0.01323730 
_atom_sites.fract_transf_matrix[2][3]   0.00415382 
_atom_sites.fract_transf_matrix[3][1]   -0.00511593 
_atom_sites.fract_transf_matrix[3][2]   0.00353399 
_atom_sites.fract_transf_matrix[3][3]   -0.00604067 
_atom_sites.fract_transf_vector[1]      0.306709 
_atom_sites.fract_transf_vector[2]      0.265404 
_atom_sites.fract_transf_vector[3]      0.383046 
# 
loop_
_atom_type.symbol 
C  
CA 
N  
O  
S  
# 
loop_
_atom_site.group_PDB 
_atom_site.id 
_atom_site.type_symbol 
_atom_site.label_atom_id 
_atom_site.label_alt_id 
_atom_site.label_comp_id 
_atom_site.label_asym_id 
_atom_site.label_entity_id 
_atom_site.label_seq_id 
_atom_site.pdbx_PDB_ins_code 
_atom_site.Cartn_x 
_atom_site.Cartn_y 
_atom_site.Cartn_z 
_atom_site.occupancy 
_atom_site.B_iso_or_equiv 
_atom_site.pdbx_formal_charge 
_atom_site.auth_seq_id 
_atom_site.auth_comp_id 
_atom_site.auth_asym_id 
_atom_site.auth_atom_id 
_atom_site.pdbx_PDB_model_num 
ATOM   1    N  N   . VAL A 1 10  ? 1.389   14.024  10.889  1.00 32.61 ? 10  VAL A N   1 
ATOM   2    C  CA  . VAL A 1 10  ? 0.405   13.510  9.931   1.00 34.77 ? 10  VAL A CA  1 
ATOM   3    C  C   . VAL A 1 10  ? -0.875  14.349  9.931   1.00 36.46 ? 10  VAL A C   1 
ATOM   4    O  O   . VAL A 1 10  ? -1.401  14.682  10.997  1.00 38.02 ? 10  VAL A O   1 
ATOM   5    C  CB  . VAL A 1 10  ? 0.002   12.055  10.271  1.00 35.69 ? 10  VAL A CB  1 
ATOM   6    C  CG1 . VAL A 1 10  ? -1.252  11.641  9.511   1.00 33.63 ? 10  VAL A CG1 1 
ATOM   7    C  CG2 . VAL A 1 10  ? 1.153   11.103  9.996   1.00 38.31 ? 10  VAL A CG2 1 
ATOM   8    N  N   . LYS A 1 11  ? -1.393  14.684  8.751   1.00 32.32 ? 11  LYS A N   1 
ATOM   9    C  CA  . LYS A 1 11  ? -2.641  15.448  8.704   1.00 36.02 ? 11  LYS A CA  1 
ATOM   10   C  C   . LYS A 1 11  ? -3.864  14.526  8.700   1.00 34.35 ? 11  LYS A C   1 
ATOM   11   O  O   . LYS A 1 11  ? -3.813  13.401  8.191   1.00 37.25 ? 11  LYS A O   1 
ATOM   12   C  CB  . LYS A 1 11  ? -2.646  16.432  7.537   1.00 37.73 ? 11  LYS A CB  1 
ATOM   13   C  CG  . LYS A 1 11  ? -2.737  15.791  6.182   1.00 34.17 ? 11  LYS A CG  1 
ATOM   14   C  CD  . LYS A 1 11  ? -4.041  16.141  5.489   1.00 30.00 ? 11  LYS A CD  1 
ATOM   15   C  CE  . LYS A 1 11  ? -3.923  17.404  4.650   1.00 30.48 ? 11  LYS A CE  1 
ATOM   16   N  NZ  . LYS A 1 11  ? -5.158  17.619  3.813   1.00 29.77 ? 11  LYS A NZ  1 
ATOM   17   N  N   . LEU A 1 12  ? -4.956  14.987  9.292   1.00 31.11 ? 12  LEU A N   1 
ATOM   18   C  CA  . LEU A 1 12  ? -6.086  14.097  9.521   1.00 37.64 ? 12  LEU A CA  1 
ATOM   19   C  C   . LEU A 1 12  ? -7.286  14.417  8.639   1.00 32.46 ? 12  LEU A C   1 
ATOM   20   O  O   . LEU A 1 12  ? -8.206  13.598  8.517   1.00 31.51 ? 12  LEU A O   1 
ATOM   21   C  CB  . LEU A 1 12  ? -6.488  14.083  11.000  1.00 37.70 ? 12  LEU A CB  1 
ATOM   22   C  CG  . LEU A 1 12  ? -5.485  13.492  12.001  1.00 45.09 ? 12  LEU A CG  1 
ATOM   23   C  CD1 . LEU A 1 12  ? -6.092  13.456  13.398  1.00 40.96 ? 12  LEU A CD1 1 
ATOM   24   C  CD2 . LEU A 1 12  ? -5.027  12.100  11.592  1.00 37.17 ? 12  LEU A CD2 1 
ATOM   25   N  N   . LYS A 1 13  ? -7.267  15.594  8.014   1.00 27.73 ? 13  LYS A N   1 
ATOM   26   C  CA  . LYS A 1 13  ? -8.353  16.006  7.121   1.00 27.33 ? 13  LYS A CA  1 
ATOM   27   C  C   . LYS A 1 13  ? -8.156  15.414  5.718   1.00 21.94 ? 13  LYS A C   1 
ATOM   28   O  O   . LYS A 1 13  ? -7.047  15.405  5.195   1.00 20.10 ? 13  LYS A O   1 
ATOM   29   C  CB  . LYS A 1 13  ? -8.455  17.537  7.050   1.00 30.05 ? 13  LYS A CB  1 
ATOM   30   C  CG  . LYS A 1 13  ? -8.778  18.208  8.401   1.00 38.86 ? 13  LYS A CG  1 
ATOM   31   C  CD  . LYS A 1 13  ? -9.030  19.720  8.263   1.00 48.89 ? 13  LYS A CD  1 
ATOM   32   C  CE  . LYS A 1 13  ? -10.342 20.011  7.500   1.00 58.16 ? 13  LYS A CE  1 
ATOM   33   N  NZ  . LYS A 1 13  ? -10.812 21.446  7.543   1.00 41.43 ? 13  LYS A NZ  1 
ATOM   34   N  N   . THR A 1 14  ? -9.230  14.915  5.120   1.00 15.98 ? 14  THR A N   1 
ATOM   35   C  CA  . THR A 1 14  ? -9.151  14.349  3.792   1.00 17.63 ? 14  THR A CA  1 
ATOM   36   C  C   . THR A 1 14  ? -9.323  15.432  2.726   1.00 20.19 ? 14  THR A C   1 
ATOM   37   O  O   . THR A 1 14  ? -9.658  16.580  3.019   1.00 19.96 ? 14  THR A O   1 
ATOM   38   C  CB  . THR A 1 14  ? -10.238 13.287  3.586   1.00 17.30 ? 14  THR A CB  1 
ATOM   39   O  OG1 . THR A 1 14  ? -11.478 13.794  4.099   1.00 19.60 ? 14  THR A OG1 1 
ATOM   40   C  CG2 . THR A 1 14  ? -9.877  12.018  4.319   1.00 18.73 ? 14  THR A CG2 1 
ATOM   41   N  N   . ASN A 1 15  ? -9.100  15.052  1.478   1.00 20.10 ? 15  ASN A N   1 
ATOM   42   C  CA  . ASN A 1 15  ? -9.262  15.971  0.365   1.00 19.18 ? 15  ASN A CA  1 
ATOM   43   C  C   . ASN A 1 15  ? -9.837  15.174  -0.800  1.00 17.60 ? 15  ASN A C   1 
ATOM   44   O  O   . ASN A 1 15  ? -9.254  15.117  -1.891  1.00 20.16 ? 15  ASN A O   1 
ATOM   45   C  CB  . ASN A 1 15  ? -7.924  16.638  0.020   1.00 22.68 ? 15  ASN A CB  1 
ATOM   46   C  CG  . ASN A 1 15  ? -8.089  18.021  -0.587  1.00 30.81 ? 15  ASN A CG  1 
ATOM   47   O  OD1 . ASN A 1 15  ? -9.122  18.344  -1.200  1.00 32.15 ? 15  ASN A OD1 1 
ATOM   48   N  ND2 . ASN A 1 15  ? -7.058  18.847  -0.442  1.00 35.31 ? 15  ASN A ND2 1 
ATOM   49   N  N   . PHE A 1 16  ? -10.993 14.566  -0.546  1.00 18.81 ? 16  PHE A N   1 
ATOM   50   C  CA  . PHE A 1 16  ? -11.650 13.660  -1.490  1.00 18.64 ? 16  PHE A CA  1 
ATOM   51   C  C   . PHE A 1 16  ? -12.074 14.361  -2.782  1.00 24.07 ? 16  PHE A C   1 
ATOM   52   O  O   . PHE A 1 16  ? -12.303 13.698  -3.787  1.00 19.82 ? 16  PHE A O   1 
ATOM   53   C  CB  . PHE A 1 16  ? -12.902 13.002  -0.881  1.00 14.72 ? 16  PHE A CB  1 
ATOM   54   C  CG  . PHE A 1 16  ? -12.628 12.037  0.266   1.00 17.23 ? 16  PHE A CG  1 
ATOM   55   C  CD1 . PHE A 1 16  ? -11.396 11.383  0.401   1.00 13.66 ? 16  PHE A CD1 1 
ATOM   56   C  CD2 . PHE A 1 16  ? -13.646 11.733  1.176   1.00 14.88 ? 16  PHE A CD2 1 
ATOM   57   C  CE1 . PHE A 1 16  ? -11.171 10.492  1.451   1.00 14.10 ? 16  PHE A CE1 1 
ATOM   58   C  CE2 . PHE A 1 16  ? -13.427 10.831  2.241   1.00 13.98 ? 16  PHE A CE2 1 
ATOM   59   C  CZ  . PHE A 1 16  ? -12.190 10.214  2.373   1.00 14.14 ? 16  PHE A CZ  1 
ATOM   60   N  N   . GLU A 1 17  ? -12.229 15.685  -2.748  1.00 19.77 ? 17  GLU A N   1 
ATOM   61   C  CA  . GLU A 1 17  ? -12.702 16.399  -3.944  1.00 24.76 ? 17  GLU A CA  1 
ATOM   62   C  C   . GLU A 1 17  ? -11.576 16.878  -4.856  1.00 24.97 ? 17  GLU A C   1 
ATOM   63   O  O   . GLU A 1 17  ? -11.831 17.380  -5.955  1.00 21.14 ? 17  GLU A O   1 
ATOM   64   C  CB  . GLU A 1 17  ? -13.645 17.574  -3.593  1.00 26.36 ? 17  GLU A CB  1 
ATOM   65   C  CG  . GLU A 1 17  ? -13.060 18.626  -2.659  1.00 32.27 ? 17  GLU A CG  1 
ATOM   66   C  CD  . GLU A 1 17  ? -12.744 18.076  -1.269  1.00 36.32 ? 17  GLU A CD  1 
ATOM   67   O  OE1 . GLU A 1 17  ? -11.571 17.729  -1.041  1.00 31.75 ? 17  GLU A OE1 1 
ATOM   68   O  OE2 . GLU A 1 17  ? -13.658 17.982  -0.408  1.00 44.11 ? 17  GLU A OE2 1 
ATOM   69   N  N   . ASP A 1 18  ? -10.339 16.742  -4.383  1.00 20.54 ? 18  ASP A N   1 
ATOM   70   C  CA  . ASP A 1 18  ? -9.185  17.150  -5.151  1.00 19.22 ? 18  ASP A CA  1 
ATOM   71   C  C   . ASP A 1 18  ? -8.948  16.110  -6.260  1.00 19.82 ? 18  ASP A C   1 
ATOM   72   O  O   . ASP A 1 18  ? -8.726  14.921  -5.977  1.00 17.85 ? 18  ASP A O   1 
ATOM   73   C  CB  . ASP A 1 18  ? -7.966  17.306  -4.231  1.00 17.00 ? 18  ASP A CB  1 
ATOM   74   C  CG  . ASP A 1 18  ? -6.836  18.054  -4.890  1.00 22.67 ? 18  ASP A CG  1 
ATOM   75   O  OD1 . ASP A 1 18  ? -6.640  17.887  -6.116  1.00 21.36 ? 18  ASP A OD1 1 
ATOM   76   O  OD2 . ASP A 1 18  ? -6.134  18.802  -4.180  1.00 20.11 ? 18  ASP A OD2 1 
ATOM   77   N  N   . PRO A 1 19  ? -8.994  16.555  -7.527  1.00 20.48 ? 19  PRO A N   1 
ATOM   78   C  CA  . PRO A 1 19  ? -8.885  15.624  -8.656  1.00 15.33 ? 19  PRO A CA  1 
ATOM   79   C  C   . PRO A 1 19  ? -7.563  14.895  -8.578  1.00 16.19 ? 19  PRO A C   1 
ATOM   80   O  O   . PRO A 1 19  ? -7.423  13.813  -9.135  1.00 14.50 ? 19  PRO A O   1 
ATOM   81   C  CB  . PRO A 1 19  ? -8.881  16.541  -9.892  1.00 18.22 ? 19  PRO A CB  1 
ATOM   82   C  CG  . PRO A 1 19  ? -9.394  17.880  -9.407  1.00 19.54 ? 19  PRO A CG  1 
ATOM   83   C  CD  . PRO A 1 19  ? -8.964  17.966  -7.962  1.00 21.46 ? 19  PRO A CD  1 
ATOM   84   N  N   . LYS A 1 20  ? -6.595  15.499  -7.898  1.00 13.75 ? 20  LYS A N   1 
ATOM   85   C  CA  . LYS A 1 20  ? -5.289  14.887  -7.721  1.00 15.02 ? 20  LYS A CA  1 
ATOM   86   C  C   . LYS A 1 20  ? -5.417  13.617  -6.889  1.00 14.69 ? 20  LYS A C   1 
ATOM   87   O  O   . LYS A 1 20  ? -4.744  12.626  -7.153  1.00 12.59 ? 20  LYS A O   1 
ATOM   88   C  CB  . LYS A 1 20  ? -4.317  15.865  -7.081  1.00 16.80 ? 20  LYS A CB  1 
ATOM   89   C  CG  . LYS A 1 20  ? -2.920  15.313  -6.859  1.00 19.55 ? 20  LYS A CG  1 
ATOM   90   C  CD  . LYS A 1 20  ? -2.037  16.387  -6.243  1.00 24.35 ? 20  LYS A CD  1 
ATOM   91   C  CE  . LYS A 1 20  ? -0.678  15.849  -5.813  1.00 27.65 ? 20  LYS A CE  1 
ATOM   92   N  NZ  . LYS A 1 20  ? 0.068   16.908  -5.077  1.00 37.71 ? 20  LYS A NZ  1 
ATOM   93   N  N   . TRP A 1 21  ? -6.283  13.645  -5.880  1.00 16.65 ? 21  TRP A N   1 
ATOM   94   C  CA  . TRP A 1 21  ? -6.529  12.443  -5.071  1.00 15.97 ? 21  TRP A CA  1 
ATOM   95   C  C   . TRP A 1 21  ? -7.314  11.398  -5.872  1.00 13.65 ? 21  TRP A C   1 
ATOM   96   O  O   . TRP A 1 21  ? -6.944  10.226  -5.908  1.00 9.25  ? 21  TRP A O   1 
ATOM   97   C  CB  . TRP A 1 21  ? -7.248  12.776  -3.756  1.00 12.07 ? 21  TRP A CB  1 
ATOM   98   C  CG  . TRP A 1 21  ? -7.504  11.567  -2.894  1.00 13.91 ? 21  TRP A CG  1 
ATOM   99   C  CD1 . TRP A 1 21  ? -6.623  10.973  -2.043  1.00 12.42 ? 21  TRP A CD1 1 
ATOM   100  C  CD2 . TRP A 1 21  ? -8.731  10.833  -2.784  1.00 12.37 ? 21  TRP A CD2 1 
ATOM   101  N  NE1 . TRP A 1 21  ? -7.219  9.896   -1.421  1.00 12.82 ? 21  TRP A NE1 1 
ATOM   102  C  CE2 . TRP A 1 21  ? -8.513  9.792   -1.855  1.00 12.19 ? 21  TRP A CE2 1 
ATOM   103  C  CE3 . TRP A 1 21  ? -9.989  10.939  -3.391  1.00 13.89 ? 21  TRP A CE3 1 
ATOM   104  C  CZ2 . TRP A 1 21  ? -9.511  8.860   -1.518  1.00 12.67 ? 21  TRP A CZ2 1 
ATOM   105  C  CZ3 . TRP A 1 21  ? -10.993 9.996   -3.047  1.00 12.52 ? 21  TRP A CZ3 1 
ATOM   106  C  CH2 . TRP A 1 21  ? -10.740 8.990   -2.113  1.00 14.58 ? 21  TRP A CH2 1 
ATOM   107  N  N   . VAL A 1 22  ? -8.370  11.823  -6.548  1.00 12.04 ? 22  VAL A N   1 
ATOM   108  C  CA  . VAL A 1 22  ? -9.104  10.885  -7.397  1.00 12.33 ? 22  VAL A CA  1 
ATOM   109  C  C   . VAL A 1 22  ? -8.181  10.270  -8.453  1.00 12.95 ? 22  VAL A C   1 
ATOM   110  O  O   . VAL A 1 22  ? -8.209  9.063   -8.680  1.00 11.17 ? 22  VAL A O   1 
ATOM   111  C  CB  . VAL A 1 22  ? -10.277 11.549  -8.097  1.00 14.62 ? 22  VAL A CB  1 
ATOM   112  C  CG1 . VAL A 1 22  ? -10.994 10.520  -8.991  1.00 14.63 ? 22  VAL A CG1 1 
ATOM   113  C  CG2 . VAL A 1 22  ? -11.261 12.133  -7.061  1.00 17.01 ? 22  VAL A CG2 1 
ATOM   114  N  N   . ASN A 1 23  ? -7.337  11.094  -9.074  1.00 12.74 ? 23  ASN A N   1 
ATOM   115  C  CA  . ASN A 1 23  ? -6.455  10.624  -10.155 1.00 12.61 ? 23  ASN A CA  1 
ATOM   116  C  C   . ASN A 1 23  ? -5.314  9.716   -9.675  1.00 11.49 ? 23  ASN A C   1 
ATOM   117  O  O   . ASN A 1 23  ? -4.837  8.846   -10.410 1.00 11.45 ? 23  ASN A O   1 
ATOM   118  C  CB  . ASN A 1 23  ? -5.918  11.820  -10.959 1.00 14.66 ? 23  ASN A CB  1 
ATOM   119  C  CG  . ASN A 1 23  ? -6.969  12.390  -11.928 1.00 25.54 ? 23  ASN A CG  1 
ATOM   120  O  OD1 . ASN A 1 23  ? -7.984  11.741  -12.212 1.00 26.68 ? 23  ASN A OD1 1 
ATOM   121  N  ND2 . ASN A 1 23  ? -6.714  13.593  -12.450 1.00 25.71 ? 23  ASN A ND2 1 
ATOM   122  N  N   . ARG A 1 24  ? -4.877  9.924   -8.439  1.00 11.92 ? 24  ARG A N   1 
ATOM   123  C  CA  . ARG A 1 24  ? -3.846  9.063   -7.848  1.00 9.49  ? 24  ARG A CA  1 
ATOM   124  C  C   . ARG A 1 24  ? -4.423  7.652   -7.744  1.00 13.52 ? 24  ARG A C   1 
ATOM   125  O  O   . ARG A 1 24  ? -3.780  6.681   -8.123  1.00 13.47 ? 24  ARG A O   1 
ATOM   126  C  CB  . ARG A 1 24  ? -3.475  9.578   -6.450  1.00 11.41 ? 24  ARG A CB  1 
ATOM   127  C  CG  . ARG A 1 24  ? -2.509  8.676   -5.669  1.00 12.05 ? 24  ARG A CG  1 
ATOM   128  C  CD  . ARG A 1 24  ? -1.896  9.436   -4.480  1.00 13.47 ? 24  ARG A CD  1 
ATOM   129  N  NE  . ARG A 1 24  ? -1.139  10.604  -4.943  1.00 12.03 ? 24  ARG A NE  1 
ATOM   130  C  CZ  . ARG A 1 24  ? -0.654  11.559  -4.139  1.00 15.21 ? 24  ARG A CZ  1 
ATOM   131  N  NH1 . ARG A 1 24  ? -0.866  11.506  -2.831  1.00 10.73 ? 24  ARG A NH1 1 
ATOM   132  N  NH2 . ARG A 1 24  ? 0.029   12.576  -4.643  1.00 15.84 ? 24  ARG A NH2 1 
ATOM   133  N  N   . HIS A 1 25  ? -5.658  7.538   -7.247  1.00 10.08 ? 25  HIS A N   1 
ATOM   134  C  CA  . HIS A 1 25  ? -6.339  6.250   -7.256  1.00 11.15 ? 25  HIS A CA  1 
ATOM   135  C  C   . HIS A 1 25  ? -6.731  5.705   -8.621  1.00 9.97  ? 25  HIS A C   1 
ATOM   136  O  O   . HIS A 1 25  ? -6.738  4.512   -8.805  1.00 11.83 ? 25  HIS A O   1 
ATOM   137  C  CB  . HIS A 1 25  ? -7.492  6.234   -6.264  1.00 10.96 ? 25  HIS A CB  1 
ATOM   138  C  CG  . HIS A 1 25  ? -7.014  6.157   -4.848  1.00 14.24 ? 25  HIS A CG  1 
ATOM   139  N  ND1 . HIS A 1 25  ? -7.069  7.228   -3.981  1.00 14.03 ? 25  HIS A ND1 1 
ATOM   140  C  CD2 . HIS A 1 25  ? -6.380  5.161   -4.186  1.00 10.84 ? 25  HIS A CD2 1 
ATOM   141  C  CE1 . HIS A 1 25  ? -6.526  6.878   -2.822  1.00 9.87  ? 25  HIS A CE1 1 
ATOM   142  N  NE2 . HIS A 1 25  ? -6.099  5.631   -2.926  1.00 15.57 ? 25  HIS A NE2 1 
ATOM   143  N  N   . LYS A 1 26  ? -7.080  6.563   -9.571  1.00 11.69 ? 26  LYS A N   1 
ATOM   144  C  CA  . LYS A 1 26  ? -7.349  6.084   -10.923 1.00 10.12 ? 26  LYS A CA  1 
ATOM   145  C  C   . LYS A 1 26  ? -6.090  5.492   -11.537 1.00 10.62 ? 26  LYS A C   1 
ATOM   146  O  O   . LYS A 1 26  ? -6.150  4.483   -12.224 1.00 10.46 ? 26  LYS A O   1 
ATOM   147  C  CB  . LYS A 1 26  ? -7.875  7.218   -11.803 1.00 12.94 ? 26  LYS A CB  1 
ATOM   148  C  CG  . LYS A 1 26  ? -8.297  6.771   -13.186 1.00 14.17 ? 26  LYS A CG  1 
ATOM   149  C  CD  . LYS A 1 26  ? -9.422  5.761   -13.116 1.00 20.60 ? 26  LYS A CD  1 
ATOM   150  C  CE  . LYS A 1 26  ? -10.081 5.557   -14.497 1.00 24.47 ? 26  LYS A CE  1 
ATOM   151  N  NZ  . LYS A 1 26  ? -10.297 6.879   -15.183 1.00 25.02 ? 26  LYS A NZ  1 
ATOM   152  N  N   . PHE A 1 27  ? -4.955  6.166   -11.330 1.00 13.61 ? 27  PHE A N   1 
ATOM   153  C  CA  . PHE A 1 27  ? -3.655  5.684   -11.781 1.00 10.31 ? 27  PHE A CA  1 
ATOM   154  C  C   . PHE A 1 27  ? -3.420  4.283   -11.221 1.00 12.88 ? 27  PHE A C   1 
ATOM   155  O  O   . PHE A 1 27  ? -3.077  3.360   -11.964 1.00 9.45  ? 27  PHE A O   1 
ATOM   156  C  CB  . PHE A 1 27  ? -2.551  6.647   -11.327 1.00 12.25 ? 27  PHE A CB  1 
ATOM   157  C  CG  . PHE A 1 27  ? -1.158  6.263   -11.789 1.00 11.42 ? 27  PHE A CG  1 
ATOM   158  C  CD1 . PHE A 1 27  ? -0.579  6.897   -12.884 1.00 12.51 ? 27  PHE A CD1 1 
ATOM   159  C  CD2 . PHE A 1 27  ? -0.413  5.311   -11.089 1.00 13.40 ? 27  PHE A CD2 1 
ATOM   160  C  CE1 . PHE A 1 27  ? 0.719   6.559   -13.297 1.00 12.58 ? 27  PHE A CE1 1 
ATOM   161  C  CE2 . PHE A 1 27  ? 0.886   4.966   -11.490 1.00 11.86 ? 27  PHE A CE2 1 
ATOM   162  C  CZ  . PHE A 1 27  ? 1.451   5.594   -12.600 1.00 10.73 ? 27  PHE A CZ  1 
ATOM   163  N  N   . MET A 1 28  ? -3.621  4.122   -9.912  1.00 9.87  ? 28  MET A N   1 
ATOM   164  C  CA  . MET A 1 28  ? -3.451  2.805   -9.291  1.00 8.64  ? 28  MET A CA  1 
ATOM   165  C  C   . MET A 1 28  ? -4.493  1.784   -9.771  1.00 9.95  ? 28  MET A C   1 
ATOM   166  O  O   . MET A 1 28  ? -4.174  0.606   -9.970  1.00 10.59 ? 28  MET A O   1 
ATOM   167  C  CB  . MET A 1 28  ? -3.454  2.920   -7.767  1.00 11.69 ? 28  MET A CB  1 
ATOM   168  C  CG  . MET A 1 28  ? -2.223  3.654   -7.213  1.00 11.20 ? 28  MET A CG  1 
ATOM   169  S  SD  . MET A 1 28  ? -0.642  2.946   -7.755  1.00 13.10 ? 28  MET A SD  1 
ATOM   170  C  CE  . MET A 1 28  ? -0.711  1.331   -7.008  1.00 12.37 ? 28  MET A CE  1 
ATOM   171  N  N   . PHE A 1 29  ? -5.729  2.220   -9.960  1.00 9.35  ? 29  PHE A N   1 
ATOM   172  C  CA  . PHE A 1 29  ? -6.735  1.330   -10.540 1.00 10.90 ? 29  PHE A CA  1 
ATOM   173  C  C   . PHE A 1 29  ? -6.255  0.810   -11.896 1.00 12.00 ? 29  PHE A C   1 
ATOM   174  O  O   . PHE A 1 29  ? -6.350  -0.381  -12.194 1.00 10.70 ? 29  PHE A O   1 
ATOM   175  C  CB  . PHE A 1 29  ? -8.080  2.034   -10.714 1.00 9.58  ? 29  PHE A CB  1 
ATOM   176  C  CG  . PHE A 1 29  ? -9.186  1.120   -11.152 1.00 14.84 ? 29  PHE A CG  1 
ATOM   177  C  CD1 . PHE A 1 29  ? -9.934  0.424   -10.216 1.00 11.70 ? 29  PHE A CD1 1 
ATOM   178  C  CD2 . PHE A 1 29  ? -9.471  0.945   -12.496 1.00 11.83 ? 29  PHE A CD2 1 
ATOM   179  C  CE1 . PHE A 1 29  ? -10.964 -0.435  -10.623 1.00 14.31 ? 29  PHE A CE1 1 
ATOM   180  C  CE2 . PHE A 1 29  ? -10.488 0.099   -12.911 1.00 13.05 ? 29  PHE A CE2 1 
ATOM   181  C  CZ  . PHE A 1 29  ? -11.243 -0.589  -11.976 1.00 13.29 ? 29  PHE A CZ  1 
ATOM   182  N  N   . ASN A 1 30  ? -5.741  1.703   -12.732 1.00 11.59 ? 30  ASN A N   1 
ATOM   183  C  CA  . ASN A 1 30  ? -5.310  1.285   -14.077 1.00 8.74  ? 30  ASN A CA  1 
ATOM   184  C  C   . ASN A 1 30  ? -4.140  0.292   -14.024 1.00 11.67 ? 30  ASN A C   1 
ATOM   185  O  O   . ASN A 1 30  ? -3.992  -0.604  -14.884 1.00 12.45 ? 30  ASN A O   1 
ATOM   186  C  CB  . ASN A 1 30  ? -4.963  2.504   -14.930 1.00 11.04 ? 30  ASN A CB  1 
ATOM   187  C  CG  . ASN A 1 30  ? -6.181  3.349   -15.275 1.00 12.27 ? 30  ASN A CG  1 
ATOM   188  O  OD1 . ASN A 1 30  ? -7.305  2.859   -15.318 1.00 14.05 ? 30  ASN A OD1 1 
ATOM   189  N  ND2 . ASN A 1 30  ? -5.952  4.635   -15.517 1.00 11.20 ? 30  ASN A ND2 1 
ATOM   190  N  N   . PHE A 1 31  ? -3.323  0.460   -12.988 1.00 10.65 ? 31  PHE A N   1 
ATOM   191  C  CA  . PHE A 1 31  ? -2.170  -0.384  -12.728 1.00 11.31 ? 31  PHE A CA  1 
ATOM   192  C  C   . PHE A 1 31  ? -2.627  -1.797  -12.304 1.00 13.94 ? 31  PHE A C   1 
ATOM   193  O  O   . PHE A 1 31  ? -2.023  -2.794  -12.685 1.00 12.36 ? 31  PHE A O   1 
ATOM   194  C  CB  . PHE A 1 31  ? -1.357  0.275   -11.602 1.00 11.55 ? 31  PHE A CB  1 
ATOM   195  C  CG  . PHE A 1 31  ? -0.343  -0.630  -10.961 1.00 13.91 ? 31  PHE A CG  1 
ATOM   196  C  CD1 . PHE A 1 31  ? 0.893   -0.849  -11.559 1.00 15.68 ? 31  PHE A CD1 1 
ATOM   197  C  CD2 . PHE A 1 31  ? -0.612  -1.232  -9.743  1.00 15.82 ? 31  PHE A CD2 1 
ATOM   198  C  CE1 . PHE A 1 31  ? 1.841   -1.677  -10.958 1.00 19.05 ? 31  PHE A CE1 1 
ATOM   199  C  CE2 . PHE A 1 31  ? 0.322   -2.049  -9.127  1.00 17.78 ? 31  PHE A CE2 1 
ATOM   200  C  CZ  . PHE A 1 31  ? 1.556   -2.275  -9.739  1.00 15.28 ? 31  PHE A CZ  1 
ATOM   201  N  N   . LEU A 1 32  ? -3.689  -1.864  -11.497 1.00 10.80 ? 32  LEU A N   1 
ATOM   202  C  CA  . LEU A 1 32  ? -4.290  -3.143  -11.101 1.00 14.29 ? 32  LEU A CA  1 
ATOM   203  C  C   . LEU A 1 32  ? -5.118  -3.787  -12.215 1.00 13.44 ? 32  LEU A C   1 
ATOM   204  O  O   . LEU A 1 32  ? -5.217  -5.009  -12.301 1.00 16.14 ? 32  LEU A O   1 
ATOM   205  C  CB  . LEU A 1 32  ? -5.155  -2.944  -9.852  1.00 10.75 ? 32  LEU A CB  1 
ATOM   206  C  CG  . LEU A 1 32  ? -4.401  -2.515  -8.577  1.00 13.04 ? 32  LEU A CG  1 
ATOM   207  C  CD1 . LEU A 1 32  ? -5.397  -2.263  -7.485  1.00 12.24 ? 32  LEU A CD1 1 
ATOM   208  C  CD2 . LEU A 1 32  ? -3.352  -3.556  -8.111  1.00 13.06 ? 32  LEU A CD2 1 
ATOM   209  N  N   . ASP A 1 33  ? -5.716  -2.959  -13.066 1.00 12.42 ? 33  ASP A N   1 
ATOM   210  C  CA  . ASP A 1 33  ? -6.579  -3.437  -14.155 1.00 12.47 ? 33  ASP A CA  1 
ATOM   211  C  C   . ASP A 1 33  ? -5.734  -3.946  -15.334 1.00 14.56 ? 33  ASP A C   1 
ATOM   212  O  O   . ASP A 1 33  ? -5.806  -3.433  -16.456 1.00 11.32 ? 33  ASP A O   1 
ATOM   213  C  CB  . ASP A 1 33  ? -7.531  -2.322  -14.591 1.00 10.95 ? 33  ASP A CB  1 
ATOM   214  C  CG  . ASP A 1 33  ? -8.484  -2.762  -15.680 1.00 11.99 ? 33  ASP A CG  1 
ATOM   215  O  OD1 . ASP A 1 33  ? -8.659  -3.979  -15.814 1.00 15.20 ? 33  ASP A OD1 1 
ATOM   216  O  OD2 . ASP A 1 33  ? -9.054  -1.907  -16.404 1.00 12.71 ? 33  ASP A OD2 1 
ATOM   217  N  N   . ILE A 1 34  ? -4.937  -4.973  -15.061 1.00 13.14 ? 34  ILE A N   1 
ATOM   218  C  CA  . ILE A 1 34  ? -3.949  -5.458  -16.019 1.00 16.93 ? 34  ILE A CA  1 
ATOM   219  C  C   . ILE A 1 34  ? -4.581  -6.019  -17.298 1.00 18.25 ? 34  ILE A C   1 
ATOM   220  O  O   . ILE A 1 34  ? -4.004  -5.901  -18.391 1.00 16.89 ? 34  ILE A O   1 
ATOM   221  C  CB  . ILE A 1 34  ? -2.988  -6.481  -15.363 1.00 18.23 ? 34  ILE A CB  1 
ATOM   222  C  CG1 . ILE A 1 34  ? -1.766  -6.733  -16.259 1.00 26.08 ? 34  ILE A CG1 1 
ATOM   223  C  CG2 . ILE A 1 34  ? -3.712  -7.809  -15.089 1.00 21.19 ? 34  ILE A CG2 1 
ATOM   224  C  CD1 . ILE A 1 34  ? -0.870  -5.505  -16.471 1.00 24.52 ? 34  ILE A CD1 1 
ATOM   225  N  N   . ASN A 1 35  ? -5.788  -6.577  -17.188 1.00 18.46 ? 35  ASN A N   1 
ATOM   226  C  CA  . ASN A 1 35  ? -6.477  -7.077  -18.381 1.00 19.23 ? 35  ASN A CA  1 
ATOM   227  C  C   . ASN A 1 35  ? -7.296  -6.011  -19.107 1.00 17.40 ? 35  ASN A C   1 
ATOM   228  O  O   . ASN A 1 35  ? -7.960  -6.290  -20.117 1.00 20.86 ? 35  ASN A O   1 
ATOM   229  C  CB  . ASN A 1 35  ? -7.336  -8.317  -18.066 1.00 20.12 ? 35  ASN A CB  1 
ATOM   230  C  CG  . ASN A 1 35  ? -8.541  -7.990  -17.197 1.00 24.84 ? 35  ASN A CG  1 
ATOM   231  O  OD1 . ASN A 1 35  ? -8.742  -6.846  -16.812 1.00 22.71 ? 35  ASN A OD1 1 
ATOM   232  N  ND2 . ASN A 1 35  ? -9.351  -8.997  -16.898 1.00 26.83 ? 35  ASN A ND2 1 
ATOM   233  N  N   . GLY A 1 36  ? -7.258  -4.783  -18.597 1.00 13.63 ? 36  GLY A N   1 
ATOM   234  C  CA  . GLY A 1 36  ? -7.841  -3.660  -19.316 1.00 14.00 ? 36  GLY A CA  1 
ATOM   235  C  C   . GLY A 1 36  ? -9.354  -3.649  -19.478 1.00 14.63 ? 36  GLY A C   1 
ATOM   236  O  O   . GLY A 1 36  ? -9.880  -3.015  -20.381 1.00 18.03 ? 36  GLY A O   1 
ATOM   237  N  N   . ASN A 1 37  ? -10.075 -4.303  -18.584 1.00 15.24 ? 37  ASN A N   1 
ATOM   238  C  CA  . ASN A 1 37  ? -11.532 -4.372  -18.757 1.00 19.21 ? 37  ASN A CA  1 
ATOM   239  C  C   . ASN A 1 37  ? -12.319 -3.404  -17.848 1.00 20.04 ? 37  ASN A C   1 
ATOM   240  O  O   . ASN A 1 37  ? -13.559 -3.473  -17.790 1.00 15.91 ? 37  ASN A O   1 
ATOM   241  C  CB  . ASN A 1 37  ? -12.041 -5.821  -18.623 1.00 19.39 ? 37  ASN A CB  1 
ATOM   242  C  CG  . ASN A 1 37  ? -12.014 -6.319  -17.190 1.00 21.48 ? 37  ASN A CG  1 
ATOM   243  O  OD1 . ASN A 1 37  ? -11.573 -5.605  -16.301 1.00 20.22 ? 37  ASN A OD1 1 
ATOM   244  N  ND2 . ASN A 1 37  ? -12.493 -7.544  -16.962 1.00 24.19 ? 37  ASN A ND2 1 
ATOM   245  N  N   . GLY A 1 38  ? -11.596 -2.519  -17.146 1.00 12.75 ? 38  GLY A N   1 
ATOM   246  C  CA  . GLY A 1 38  ? -12.207 -1.488  -16.313 1.00 13.25 ? 38  GLY A CA  1 
ATOM   247  C  C   . GLY A 1 38  ? -12.790 -2.005  -15.005 1.00 14.54 ? 38  GLY A C   1 
ATOM   248  O  O   . GLY A 1 38  ? -13.534 -1.280  -14.292 1.00 13.62 ? 38  GLY A O   1 
ATOM   249  N  N   . LYS A 1 39  ? -12.461 -3.257  -14.691 1.00 12.85 ? 39  LYS A N   1 
ATOM   250  C  CA  . LYS A 1 39  ? -12.966 -3.913  -13.491 1.00 16.13 ? 39  LYS A CA  1 
ATOM   251  C  C   . LYS A 1 39  ? -11.856 -4.580  -12.693 1.00 15.38 ? 39  LYS A C   1 
ATOM   252  O  O   . LYS A 1 39  ? -10.851 -4.984  -13.237 1.00 16.24 ? 39  LYS A O   1 
ATOM   253  C  CB  . LYS A 1 39  ? -14.026 -4.938  -13.870 1.00 18.45 ? 39  LYS A CB  1 
ATOM   254  C  CG  . LYS A 1 39  ? -15.181 -4.327  -14.644 1.00 18.33 ? 39  LYS A CG  1 
ATOM   255  C  CD  . LYS A 1 39  ? -16.324 -5.306  -14.766 1.00 24.14 ? 39  LYS A CD  1 
ATOM   256  C  CE  . LYS A 1 39  ? -16.179 -6.134  -16.017 1.00 33.31 ? 39  LYS A CE  1 
ATOM   257  N  NZ  . LYS A 1 39  ? -16.149 -5.265  -17.222 1.00 39.54 ? 39  LYS A NZ  1 
ATOM   258  N  N   . ILE A 1 40  ? -12.044 -4.685  -11.388 1.00 16.71 ? 40  ILE A N   1 
ATOM   259  C  CA  . ILE A 1 40  ? -11.064 -5.356  -10.540 1.00 17.59 ? 40  ILE A CA  1 
ATOM   260  C  C   . ILE A 1 40  ? -11.826 -6.330  -9.647  1.00 16.17 ? 40  ILE A C   1 
ATOM   261  O  O   . ILE A 1 40  ? -12.936 -6.008  -9.176  1.00 14.97 ? 40  ILE A O   1 
ATOM   262  C  CB  . ILE A 1 40  ? -10.322 -4.311  -9.673  1.00 19.67 ? 40  ILE A CB  1 
ATOM   263  C  CG1 . ILE A 1 40  ? -8.887  -4.152  -10.145 1.00 27.95 ? 40  ILE A CG1 1 
ATOM   264  C  CG2 . ILE A 1 40  ? -10.342 -4.667  -8.226  1.00 27.44 ? 40  ILE A CG2 1 
ATOM   265  C  CD1 . ILE A 1 40  ? -8.808  -3.796  -11.569 1.00 19.19 ? 40  ILE A CD1 1 
ATOM   266  N  N   . THR A 1 41  ? -11.247 -7.498  -9.417  1.00 16.11 ? 41  THR A N   1 
ATOM   267  C  CA  . THR A 1 41  ? -11.807 -8.448  -8.449  1.00 19.40 ? 41  THR A CA  1 
ATOM   268  C  C   . THR A 1 41  ? -10.839 -8.741  -7.298  1.00 17.10 ? 41  THR A C   1 
ATOM   269  O  O   . THR A 1 41  ? -9.617  -8.661  -7.449  1.00 14.64 ? 41  THR A O   1 
ATOM   270  C  CB  . THR A 1 41  ? -12.187 -9.795  -9.097  1.00 16.85 ? 41  THR A CB  1 
ATOM   271  O  OG1 . THR A 1 41  ? -11.004 -10.493 -9.492  1.00 15.46 ? 41  THR A OG1 1 
ATOM   272  C  CG2 . THR A 1 41  ? -13.103 -9.584  -10.306 1.00 19.48 ? 41  THR A CG2 1 
ATOM   273  N  N   . LEU A 1 42  ? -11.407 -9.104  -6.157  1.00 15.27 ? 42  LEU A N   1 
ATOM   274  C  CA  . LEU A 1 42  ? -10.610 -9.468  -5.002  1.00 18.87 ? 42  LEU A CA  1 
ATOM   275  C  C   . LEU A 1 42  ? -9.764  -10.695 -5.327  1.00 18.09 ? 42  LEU A C   1 
ATOM   276  O  O   . LEU A 1 42  ? -8.648  -10.808 -4.859  1.00 16.47 ? 42  LEU A O   1 
ATOM   277  C  CB  . LEU A 1 42  ? -11.502 -9.735  -3.790  1.00 16.00 ? 42  LEU A CB  1 
ATOM   278  C  CG  . LEU A 1 42  ? -10.682 -10.006 -2.532  1.00 20.35 ? 42  LEU A CG  1 
ATOM   279  C  CD1 . LEU A 1 42  ? -9.795  -8.798  -2.254  1.00 16.63 ? 42  LEU A CD1 1 
ATOM   280  C  CD2 . LEU A 1 42  ? -11.587 -10.356 -1.342  1.00 17.65 ? 42  LEU A CD2 1 
ATOM   281  N  N   . ASP A 1 43  ? -10.307 -11.621 -6.116  1.00 14.96 ? 43  ASP A N   1 
ATOM   282  C  CA  . ASP A 1 43  ? -9.548  -12.766 -6.603  1.00 17.54 ? 43  ASP A CA  1 
ATOM   283  C  C   . ASP A 1 43  ? -8.233  -12.357 -7.263  1.00 18.86 ? 43  ASP A C   1 
ATOM   284  O  O   . ASP A 1 43  ? -7.162  -12.916 -6.999  1.00 19.54 ? 43  ASP A O   1 
ATOM   285  C  CB  . ASP A 1 43  ? -10.372 -13.534 -7.641  1.00 19.24 ? 43  ASP A CB  1 
ATOM   286  C  CG  . ASP A 1 43  ? -11.815 -13.733 -7.215  1.00 24.33 ? 43  ASP A CG  1 
ATOM   287  O  OD1 . ASP A 1 43  ? -12.180 -14.901 -6.971  1.00 24.89 ? 43  ASP A OD1 1 
ATOM   288  O  OD2 . ASP A 1 43  ? -12.578 -12.742 -7.119  1.00 20.21 ? 43  ASP A OD2 1 
ATOM   289  N  N   . GLU A 1 44  ? -8.322  -11.398 -8.164  1.00 17.31 ? 44  GLU A N   1 
ATOM   290  C  CA  . GLU A 1 44  ? -7.134  -10.886 -8.838  1.00 14.20 ? 44  GLU A CA  1 
ATOM   291  C  C   . GLU A 1 44  ? -6.155  -10.270 -7.841  1.00 17.41 ? 44  GLU A C   1 
ATOM   292  O  O   . GLU A 1 44  ? -4.932  -10.461 -7.938  1.00 15.31 ? 44  GLU A O   1 
ATOM   293  C  CB  . GLU A 1 44  ? -7.558  -9.830  -9.859  1.00 16.22 ? 44  GLU A CB  1 
ATOM   294  C  CG  . GLU A 1 44  ? -8.211  -10.425 -11.094 1.00 22.21 ? 44  GLU A CG  1 
ATOM   295  C  CD  . GLU A 1 44  ? -9.007  -9.401  -11.891 1.00 20.39 ? 44  GLU A CD  1 
ATOM   296  O  OE1 . GLU A 1 44  ? -9.206  -8.274  -11.395 1.00 20.67 ? 44  GLU A OE1 1 
ATOM   297  O  OE2 . GLU A 1 44  ? -9.446  -9.739  -13.002 1.00 29.06 ? 44  GLU A OE2 1 
ATOM   298  N  N   . ILE A 1 45  ? -6.695  -9.542  -6.870  1.00 15.90 ? 45  ILE A N   1 
ATOM   299  C  CA  . ILE A 1 45  ? -5.853  -8.824  -5.920  1.00 15.91 ? 45  ILE A CA  1 
ATOM   300  C  C   . ILE A 1 45  ? -5.103  -9.805  -5.027  1.00 19.02 ? 45  ILE A C   1 
ATOM   301  O  O   . ILE A 1 45  ? -3.895  -9.676  -4.821  1.00 17.29 ? 45  ILE A O   1 
ATOM   302  C  CB  . ILE A 1 45  ? -6.693  -7.901  -5.031  1.00 13.25 ? 45  ILE A CB  1 
ATOM   303  C  CG1 . ILE A 1 45  ? -7.254  -6.729  -5.852  1.00 17.44 ? 45  ILE A CG1 1 
ATOM   304  C  CG2 . ILE A 1 45  ? -5.872  -7.412  -3.828  1.00 17.31 ? 45  ILE A CG2 1 
ATOM   305  C  CD1 . ILE A 1 45  ? -6.218  -5.906  -6.499  1.00 19.49 ? 45  ILE A CD1 1 
ATOM   306  N  N   . VAL A 1 46  ? -5.833  -10.785 -4.506  1.00 14.78 ? 46  VAL A N   1 
ATOM   307  C  CA  . VAL A 1 46  ? -5.249  -11.779 -3.626  1.00 18.05 ? 46  VAL A CA  1 
ATOM   308  C  C   . VAL A 1 46  ? -4.269  -12.674 -4.381  1.00 21.84 ? 46  VAL A C   1 
ATOM   309  O  O   . VAL A 1 46  ? -3.239  -13.084 -3.840  1.00 20.51 ? 46  VAL A O   1 
ATOM   310  C  CB  . VAL A 1 46  ? -6.331  -12.635 -2.939  1.00 19.16 ? 46  VAL A CB  1 
ATOM   311  C  CG1 . VAL A 1 46  ? -5.681  -13.778 -2.173  1.00 19.84 ? 46  VAL A CG1 1 
ATOM   312  C  CG2 . VAL A 1 46  ? -7.159  -11.760 -2.007  1.00 20.39 ? 46  VAL A CG2 1 
ATOM   313  N  N   . SER A 1 47  ? -4.570  -12.955 -5.645  1.00 19.40 ? 47  SER A N   1 
ATOM   314  C  CA  . SER A 1 47  ? -3.635  -13.714 -6.456  1.00 18.80 ? 47  SER A CA  1 
ATOM   315  C  C   . SER A 1 47  ? -2.315  -12.970 -6.648  1.00 20.95 ? 47  SER A C   1 
ATOM   316  O  O   . SER A 1 47  ? -1.244  -13.581 -6.581  1.00 20.78 ? 47  SER A O   1 
ATOM   317  C  CB  . SER A 1 47  ? -4.229  -14.082 -7.809  1.00 21.72 ? 47  SER A CB  1 
ATOM   318  O  OG  . SER A 1 47  ? -3.314  -14.912 -8.506  1.00 27.33 ? 47  SER A OG  1 
ATOM   319  N  N   . LYS A 1 48  ? -2.392  -11.663 -6.896  1.00 17.60 ? 48  LYS A N   1 
ATOM   320  C  CA  . LYS A 1 48  ? -1.200  -10.830 -6.999  1.00 19.11 ? 48  LYS A CA  1 
ATOM   321  C  C   . LYS A 1 48  ? -0.400  -10.884 -5.689  1.00 17.62 ? 48  LYS A C   1 
ATOM   322  O  O   . LYS A 1 48  ? 0.829   -10.976 -5.699  1.00 13.58 ? 48  LYS A O   1 
ATOM   323  C  CB  . LYS A 1 48  ? -1.576  -9.374  -7.333  1.00 21.80 ? 48  LYS A CB  1 
ATOM   324  C  CG  . LYS A 1 48  ? -0.383  -8.401  -7.399  1.00 20.61 ? 48  LYS A CG  1 
ATOM   325  C  CD  . LYS A 1 48  ? -0.838  -6.967  -7.672  1.00 18.56 ? 48  LYS A CD  1 
ATOM   326  C  CE  . LYS A 1 48  ? 0.327   -6.005  -7.917  1.00 14.95 ? 48  LYS A CE  1 
ATOM   327  N  NZ  . LYS A 1 48  ? 1.042   -6.217  -9.210  1.00 20.83 ? 48  LYS A NZ  1 
ATOM   328  N  N   . ALA A 1 49  ? -1.108  -10.830 -4.565  1.00 18.33 ? 49  ALA A N   1 
ATOM   329  C  CA  . ALA A 1 49  ? -0.466  -10.835 -3.252  1.00 16.35 ? 49  ALA A CA  1 
ATOM   330  C  C   . ALA A 1 49  ? 0.241   -12.178 -2.945  1.00 19.45 ? 49  ALA A C   1 
ATOM   331  O  O   . ALA A 1 49  ? 1.358   -12.202 -2.416  1.00 21.00 ? 49  ALA A O   1 
ATOM   332  C  CB  . ALA A 1 49  ? -1.488  -10.501 -2.172  1.00 16.84 ? 49  ALA A CB  1 
ATOM   333  N  N   . SER A 1 50  ? -0.410  -13.285 -3.286  1.00 15.69 ? 50  SER A N   1 
ATOM   334  C  CA  . SER A 1 50  ? 0.039   -14.609 -2.861  1.00 17.59 ? 50  SER A CA  1 
ATOM   335  C  C   . SER A 1 50  ? 0.793   -15.363 -3.930  1.00 20.70 ? 50  SER A C   1 
ATOM   336  O  O   . SER A 1 50  ? 1.929   -15.775 -3.696  1.00 19.80 ? 50  SER A O   1 
ATOM   337  C  CB  . SER A 1 50  ? -1.125  -15.446 -2.336  1.00 20.37 ? 50  SER A CB  1 
ATOM   338  O  OG  . SER A 1 50  ? -1.725  -14.817 -1.205  1.00 20.52 ? 50  SER A OG  1 
ATOM   339  N  N   . ASP A 1 51  ? 0.169   -15.546 -5.094  1.00 19.55 ? 51  ASP A N   1 
ATOM   340  C  CA  . ASP A 1 51  ? 0.759   -16.366 -6.159  1.00 21.12 ? 51  ASP A CA  1 
ATOM   341  C  C   . ASP A 1 51  ? 1.911   -15.653 -6.834  1.00 23.30 ? 51  ASP A C   1 
ATOM   342  O  O   . ASP A 1 51  ? 2.796   -16.284 -7.420  1.00 27.10 ? 51  ASP A O   1 
ATOM   343  C  CB  . ASP A 1 51  ? -0.294  -16.741 -7.206  1.00 24.30 ? 51  ASP A CB  1 
ATOM   344  C  CG  . ASP A 1 51  ? -1.475  -17.455 -6.593  1.00 24.72 ? 51  ASP A CG  1 
ATOM   345  O  OD1 . ASP A 1 51  ? -1.234  -18.469 -5.922  1.00 24.44 ? 51  ASP A OD1 1 
ATOM   346  O  OD2 . ASP A 1 51  ? -2.630  -16.993 -6.747  1.00 28.90 ? 51  ASP A OD2 1 
ATOM   347  N  N   . ASP A 1 52  ? 1.904   -14.330 -6.752  1.00 23.17 ? 52  ASP A N   1 
ATOM   348  C  CA  . ASP A 1 52  ? 2.880   -13.547 -7.481  1.00 20.32 ? 52  ASP A CA  1 
ATOM   349  C  C   . ASP A 1 52  ? 3.955   -13.005 -6.528  1.00 24.09 ? 52  ASP A C   1 
ATOM   350  O  O   . ASP A 1 52  ? 5.088   -13.478 -6.552  1.00 22.43 ? 52  ASP A O   1 
ATOM   351  C  CB  . ASP A 1 52  ? 2.194   -12.427 -8.260  1.00 19.61 ? 52  ASP A CB  1 
ATOM   352  C  CG  . ASP A 1 52  ? 3.152   -11.653 -9.144  1.00 24.86 ? 52  ASP A CG  1 
ATOM   353  O  OD1 . ASP A 1 52  ? 4.338   -12.025 -9.229  1.00 31.02 ? 52  ASP A OD1 1 
ATOM   354  O  OD2 . ASP A 1 52  ? 2.725   -10.653 -9.749  1.00 22.95 ? 52  ASP A OD2 1 
ATOM   355  N  N   . ILE A 1 53  ? 3.594   -12.026 -5.691  1.00 20.69 ? 53  ILE A N   1 
ATOM   356  C  CA  . ILE A 1 53  ? 4.557   -11.383 -4.793  1.00 19.98 ? 53  ILE A CA  1 
ATOM   357  C  C   . ILE A 1 53  ? 5.166   -12.307 -3.729  1.00 18.25 ? 53  ILE A C   1 
ATOM   358  O  O   . ILE A 1 53  ? 6.393   -12.447 -3.654  1.00 19.61 ? 53  ILE A O   1 
ATOM   359  C  CB  . ILE A 1 53  ? 3.930   -10.178 -4.076  1.00 18.39 ? 53  ILE A CB  1 
ATOM   360  C  CG1 . ILE A 1 53  ? 3.671   -9.048  -5.070  1.00 15.41 ? 53  ILE A CG1 1 
ATOM   361  C  CG2 . ILE A 1 53  ? 4.830   -9.698  -2.928  1.00 18.85 ? 53  ILE A CG2 1 
ATOM   362  C  CD1 . ILE A 1 53  ? 2.752   -7.960  -4.499  1.00 18.90 ? 53  ILE A CD1 1 
ATOM   363  N  N   . CYS A 1 54  ? 4.328   -12.904 -2.887  1.00 15.56 ? 54  CYS A N   1 
ATOM   364  C  CA  . CYS A 1 54  ? 4.824   -13.753 -1.796  1.00 17.11 ? 54  CYS A CA  1 
ATOM   365  C  C   . CYS A 1 54  ? 5.621   -14.946 -2.322  1.00 23.44 ? 54  CYS A C   1 
ATOM   366  O  O   . CYS A 1 54  ? 6.610   -15.365 -1.695  1.00 23.06 ? 54  CYS A O   1 
ATOM   367  C  CB  . CYS A 1 54  ? 3.694   -14.254 -0.901  1.00 22.17 ? 54  CYS A CB  1 
ATOM   368  S  SG  . CYS A 1 54  ? 3.091   -13.098 0.389   1.00 20.37 ? 54  CYS A SG  1 
ATOM   369  N  N   . ALA A 1 55  ? 5.201   -15.481 -3.471  1.00 20.97 ? 55  ALA A N   1 
ATOM   370  C  CA  . ALA A 1 55  ? 5.882   -16.630 -4.074  1.00 21.44 ? 55  ALA A CA  1 
ATOM   371  C  C   . ALA A 1 55  ? 7.267   -16.214 -4.540  1.00 21.63 ? 55  ALA A C   1 
ATOM   372  O  O   . ALA A 1 55  ? 8.264   -16.892 -4.277  1.00 19.65 ? 55  ALA A O   1 
ATOM   373  C  CB  . ALA A 1 55  ? 5.072   -17.202 -5.235  1.00 18.84 ? 55  ALA A CB  1 
ATOM   374  N  N   . LYS A 1 56  ? 7.333   -15.082 -5.221  1.00 19.89 ? 56  LYS A N   1 
ATOM   375  C  CA  . LYS A 1 56  ? 8.602   -14.596 -5.712  1.00 18.83 ? 56  LYS A CA  1 
ATOM   376  C  C   . LYS A 1 56  ? 9.524   -14.161 -4.559  1.00 23.14 ? 56  LYS A C   1 
ATOM   377  O  O   . LYS A 1 56  ? 10.752  -14.221 -4.678  1.00 24.73 ? 56  LYS A O   1 
ATOM   378  C  CB  . LYS A 1 56  ? 8.386   -13.448 -6.694  1.00 23.52 ? 56  LYS A CB  1 
ATOM   379  C  CG  . LYS A 1 56  ? 7.764   -13.853 -8.026  1.00 23.69 ? 56  LYS A CG  1 
ATOM   380  C  CD  . LYS A 1 56  ? 7.690   -12.642 -8.952  1.00 24.97 ? 56  LYS A CD  1 
ATOM   381  C  CE  . LYS A 1 56  ? 7.132   -12.984 -10.340 1.00 32.22 ? 56  LYS A CE  1 
ATOM   382  N  NZ  . LYS A 1 56  ? 5.996   -13.958 -10.303 1.00 31.41 ? 56  LYS A NZ  1 
ATOM   383  N  N   . LEU A 1 57  ? 8.945   -13.743 -3.438  1.00 17.85 ? 57  LEU A N   1 
ATOM   384  C  CA  . LEU A 1 57  ? 9.765   -13.293 -2.301  1.00 19.06 ? 57  LEU A CA  1 
ATOM   385  C  C   . LEU A 1 57  ? 10.283  -14.467 -1.477  1.00 22.39 ? 57  LEU A C   1 
ATOM   386  O  O   . LEU A 1 57  ? 11.165  -14.301 -0.633  1.00 21.95 ? 57  LEU A O   1 
ATOM   387  C  CB  . LEU A 1 57  ? 8.989   -12.346 -1.389  1.00 15.58 ? 57  LEU A CB  1 
ATOM   388  C  CG  . LEU A 1 57  ? 8.795   -10.943 -1.947  1.00 17.04 ? 57  LEU A CG  1 
ATOM   389  C  CD1 . LEU A 1 57  ? 7.919   -10.128 -1.017  1.00 15.12 ? 57  LEU A CD1 1 
ATOM   390  C  CD2 . LEU A 1 57  ? 10.153  -10.299 -2.182  1.00 21.16 ? 57  LEU A CD2 1 
ATOM   391  N  N   . GLY A 1 58  ? 9.735   -15.649 -1.738  1.00 24.28 ? 58  GLY A N   1 
ATOM   392  C  CA  . GLY A 1 58  ? 10.074  -16.826 -0.967  1.00 23.80 ? 58  GLY A CA  1 
ATOM   393  C  C   . GLY A 1 58  ? 9.526   -16.722 0.436   1.00 24.26 ? 58  GLY A C   1 
ATOM   394  O  O   . GLY A 1 58  ? 10.168  -17.150 1.400   1.00 22.23 ? 58  GLY A O   1 
ATOM   395  N  N   . ALA A 1 59  ? 8.327   -16.167 0.566   1.00 17.21 ? 59  ALA A N   1 
ATOM   396  C  CA  . ALA A 1 59  ? 7.743   -16.012 1.882   1.00 18.80 ? 59  ALA A CA  1 
ATOM   397  C  C   . ALA A 1 59  ? 7.375   -17.386 2.438   1.00 21.86 ? 59  ALA A C   1 
ATOM   398  O  O   . ALA A 1 59  ? 7.082   -18.313 1.675   1.00 20.03 ? 59  ALA A O   1 
ATOM   399  C  CB  . ALA A 1 59  ? 6.526   -15.133 1.814   1.00 19.38 ? 59  ALA A CB  1 
ATOM   400  N  N   . THR A 1 60  ? 7.377   -17.506 3.766   1.00 23.84 ? 60  THR A N   1 
ATOM   401  C  CA  . THR A 1 60  ? 6.976   -18.739 4.430   1.00 18.77 ? 60  THR A CA  1 
ATOM   402  C  C   . THR A 1 60  ? 5.458   -18.901 4.410   1.00 25.74 ? 60  THR A C   1 
ATOM   403  O  O   . THR A 1 60  ? 4.711   -17.937 4.124   1.00 19.80 ? 60  THR A O   1 
ATOM   404  C  CB  . THR A 1 60  ? 7.428   -18.770 5.897   1.00 23.25 ? 60  THR A CB  1 
ATOM   405  O  OG1 . THR A 1 60  ? 6.710   -17.781 6.648   1.00 20.06 ? 60  THR A OG1 1 
ATOM   406  C  CG2 . THR A 1 60  ? 8.933   -18.533 6.013   1.00 22.32 ? 60  THR A CG2 1 
ATOM   407  N  N   . PRO A 1 61  ? 4.987   -20.121 4.716   1.00 23.61 ? 61  PRO A N   1 
ATOM   408  C  CA  . PRO A 1 61  ? 3.537   -20.314 4.754   1.00 23.39 ? 61  PRO A CA  1 
ATOM   409  C  C   . PRO A 1 61  ? 2.842   -19.308 5.672   1.00 21.48 ? 61  PRO A C   1 
ATOM   410  O  O   . PRO A 1 61  ? 1.856   -18.693 5.247   1.00 21.38 ? 61  PRO A O   1 
ATOM   411  C  CB  . PRO A 1 61  ? 3.404   -21.748 5.280   1.00 28.01 ? 61  PRO A CB  1 
ATOM   412  C  CG  . PRO A 1 61  ? 4.569   -22.432 4.682   1.00 22.03 ? 61  PRO A CG  1 
ATOM   413  C  CD  . PRO A 1 61  ? 5.703   -21.414 4.760   1.00 22.41 ? 61  PRO A CD  1 
ATOM   414  N  N   . ALA A 1 62  ? 3.350   -19.133 6.889   1.00 19.52 ? 62  ALA A N   1 
ATOM   415  C  CA  . ALA A 1 62  ? 2.724   -18.241 7.856   1.00 22.94 ? 62  ALA A CA  1 
ATOM   416  C  C   . ALA A 1 62  ? 2.774   -16.767 7.393   1.00 22.30 ? 62  ALA A C   1 
ATOM   417  O  O   . ALA A 1 62  ? 1.801   -16.014 7.569   1.00 17.76 ? 62  ALA A O   1 
ATOM   418  C  CB  . ALA A 1 62  ? 3.363   -18.408 9.212   1.00 24.03 ? 62  ALA A CB  1 
ATOM   419  N  N   . GLN A 1 63  ? 3.888   -16.365 6.789   1.00 18.72 ? 63  GLN A N   1 
ATOM   420  C  CA  . GLN A 1 63  ? 4.002   -14.988 6.293   1.00 17.89 ? 63  GLN A CA  1 
ATOM   421  C  C   . GLN A 1 63  ? 3.036   -14.760 5.149   1.00 18.03 ? 63  GLN A C   1 
ATOM   422  O  O   . GLN A 1 63  ? 2.372   -13.736 5.091   1.00 16.33 ? 63  GLN A O   1 
ATOM   423  C  CB  . GLN A 1 63  ? 5.412   -14.692 5.807   1.00 16.74 ? 63  GLN A CB  1 
ATOM   424  C  CG  . GLN A 1 63  ? 6.468   -14.663 6.912   1.00 19.09 ? 63  GLN A CG  1 
ATOM   425  C  CD  . GLN A 1 63  ? 7.876   -14.747 6.365   1.00 20.59 ? 63  GLN A CD  1 
ATOM   426  O  OE1 . GLN A 1 63  ? 8.100   -15.155 5.214   1.00 18.76 ? 63  GLN A OE1 1 
ATOM   427  N  NE2 . GLN A 1 63  ? 8.844   -14.352 7.189   1.00 23.70 ? 63  GLN A NE2 1 
ATOM   428  N  N   . THR A 1 64  ? 2.975   -15.731 4.243   1.00 16.95 ? 64  THR A N   1 
ATOM   429  C  CA  . THR A 1 64  ? 2.087   -15.675 3.089   1.00 17.46 ? 64  THR A CA  1 
ATOM   430  C  C   . THR A 1 64  ? 0.630   -15.548 3.517   1.00 20.29 ? 64  THR A C   1 
ATOM   431  O  O   . THR A 1 64  ? -0.110  -14.723 2.973   1.00 16.91 ? 64  THR A O   1 
ATOM   432  C  CB  . THR A 1 64  ? 2.275   -16.908 2.196   1.00 19.66 ? 64  THR A CB  1 
ATOM   433  O  OG1 . THR A 1 64  ? 3.612   -16.923 1.698   1.00 20.34 ? 64  THR A OG1 1 
ATOM   434  C  CG2 . THR A 1 64  ? 1.303   -16.867 0.991   1.00 22.80 ? 64  THR A CG2 1 
ATOM   435  N  N   . GLN A 1 65  ? 0.227   -16.352 4.504   1.00 16.43 ? 65  GLN A N   1 
ATOM   436  C  CA  . GLN A 1 65  ? -1.115  -16.267 5.072   1.00 19.10 ? 65  GLN A CA  1 
ATOM   437  C  C   . GLN A 1 65  ? -1.434  -14.948 5.817   1.00 18.94 ? 65  GLN A C   1 
ATOM   438  O  O   . GLN A 1 65  ? -2.494  -14.377 5.621   1.00 18.27 ? 65  GLN A O   1 
ATOM   439  C  CB  . GLN A 1 65  ? -1.382  -17.458 5.998   1.00 20.44 ? 65  GLN A CB  1 
ATOM   440  C  CG  . GLN A 1 65  ? -2.633  -17.278 6.863   1.00 27.18 ? 65  GLN A CG  1 
ATOM   441  C  CD  . GLN A 1 65  ? -3.172  -18.595 7.400   1.00 42.18 ? 65  GLN A CD  1 
ATOM   442  O  OE1 . GLN A 1 65  ? -3.309  -19.571 6.658   1.00 49.10 ? 65  GLN A OE1 1 
ATOM   443  N  NE2 . GLN A 1 65  ? -3.485  -18.628 8.697   1.00 50.62 ? 65  GLN A NE2 1 
ATOM   444  N  N   . ARG A 1 66  ? -0.547  -14.476 6.687   1.00 18.75 ? 66  ARG A N   1 
ATOM   445  C  CA  . ARG A 1 66  ? -0.761  -13.170 7.332   1.00 18.13 ? 66  ARG A CA  1 
ATOM   446  C  C   . ARG A 1 66  ? -0.867  -12.055 6.289   1.00 18.50 ? 66  ARG A C   1 
ATOM   447  O  O   . ARG A 1 66  ? -1.691  -11.146 6.407   1.00 16.37 ? 66  ARG A O   1 
ATOM   448  C  CB  . ARG A 1 66  ? 0.377   -12.834 8.291   1.00 20.56 ? 66  ARG A CB  1 
ATOM   449  C  CG  . ARG A 1 66  ? 0.454   -13.745 9.506   1.00 33.09 ? 66  ARG A CG  1 
ATOM   450  C  CD  . ARG A 1 66  ? 1.431   -13.206 10.576  1.00 37.73 ? 66  ARG A CD  1 
ATOM   451  N  NE  . ARG A 1 66  ? 1.764   -14.243 11.552  1.00 45.29 ? 66  ARG A NE  1 
ATOM   452  C  CZ  . ARG A 1 66  ? 2.883   -14.966 11.520  1.00 49.15 ? 66  ARG A CZ  1 
ATOM   453  N  NH1 . ARG A 1 66  ? 3.795   -14.755 10.566  1.00 29.73 ? 66  ARG A NH1 1 
ATOM   454  N  NH2 . ARG A 1 66  ? 3.092   -15.896 12.449  1.00 46.93 ? 66  ARG A NH2 1 
ATOM   455  N  N   . HIS A 1 67  ? -0.026  -12.133 5.261   1.00 13.67 ? 67  HIS A N   1 
ATOM   456  C  CA  . HIS A 1 67  ? -0.024  -11.114 4.216   1.00 14.88 ? 67  HIS A CA  1 
ATOM   457  C  C   . HIS A 1 67  ? -1.336  -11.178 3.424   1.00 16.19 ? 67  HIS A C   1 
ATOM   458  O  O   . HIS A 1 67  ? -1.928  -10.145 3.108   1.00 13.27 ? 67  HIS A O   1 
ATOM   459  C  CB  . HIS A 1 67  ? 1.218   -11.279 3.324   1.00 14.60 ? 67  HIS A CB  1 
ATOM   460  C  CG  . HIS A 1 67  ? 1.241   -10.380 2.120   1.00 16.71 ? 67  HIS A CG  1 
ATOM   461  N  ND1 . HIS A 1 67  ? 1.798   -9.112  2.133   1.00 19.78 ? 67  HIS A ND1 1 
ATOM   462  C  CD2 . HIS A 1 67  ? 0.808   -10.583 0.859   1.00 12.73 ? 67  HIS A CD2 1 
ATOM   463  C  CE1 . HIS A 1 67  ? 1.699   -8.573  0.927   1.00 13.56 ? 67  HIS A CE1 1 
ATOM   464  N  NE2 . HIS A 1 67  ? 1.094   -9.448  0.137   1.00 19.03 ? 67  HIS A NE2 1 
ATOM   465  N  N   . GLN A 1 68  ? -1.806  -12.388 3.128   1.00 15.22 ? 68  GLN A N   1 
ATOM   466  C  CA  . GLN A 1 68  ? -3.052  -12.542 2.378   1.00 14.59 ? 68  GLN A CA  1 
ATOM   467  C  C   . GLN A 1 68  ? -4.247  -12.040 3.187   1.00 14.49 ? 68  GLN A C   1 
ATOM   468  O  O   . GLN A 1 68  ? -5.149  -11.403 2.646   1.00 12.24 ? 68  GLN A O   1 
ATOM   469  C  CB  . GLN A 1 68  ? -3.266  -14.006 1.961   1.00 17.75 ? 68  GLN A CB  1 
ATOM   470  C  CG  . GLN A 1 68  ? -4.565  -14.213 1.182   1.00 20.01 ? 68  GLN A CG  1 
ATOM   471  C  CD  . GLN A 1 68  ? -4.656  -15.578 0.529   1.00 22.03 ? 68  GLN A CD  1 
ATOM   472  O  OE1 . GLN A 1 68  ? -3.819  -15.948 -0.304  1.00 19.92 ? 68  GLN A OE1 1 
ATOM   473  N  NE2 . GLN A 1 68  ? -5.686  -16.333 0.894   1.00 27.50 ? 68  GLN A NE2 1 
ATOM   474  N  N   . GLU A 1 69  ? -4.267  -12.354 4.483   1.00 12.15 ? 69  GLU A N   1 
ATOM   475  C  CA  . GLU A 1 69  ? -5.314  -11.861 5.368   1.00 14.98 ? 69  GLU A CA  1 
ATOM   476  C  C   . GLU A 1 69  ? -5.356  -10.317 5.414   1.00 16.64 ? 69  GLU A C   1 
ATOM   477  O  O   . GLU A 1 69  ? -6.429  -9.706  5.411   1.00 14.36 ? 69  GLU A O   1 
ATOM   478  C  CB  . GLU A 1 69  ? -5.156  -12.473 6.778   1.00 16.20 ? 69  GLU A CB  1 
ATOM   479  C  CG  . GLU A 1 69  ? -5.354  -13.980 6.743   1.00 26.47 ? 69  GLU A CG  1 
ATOM   480  C  CD  . GLU A 1 69  ? -5.176  -14.692 8.087   1.00 33.17 ? 69  GLU A CD  1 
ATOM   481  O  OE1 . GLU A 1 69  ? -4.529  -14.144 9.015   1.00 40.20 ? 69  GLU A OE1 1 
ATOM   482  O  OE2 . GLU A 1 69  ? -5.676  -15.832 8.192   1.00 37.45 ? 69  GLU A OE2 1 
ATOM   483  N  N   . ALA A 1 70  ? -4.180  -9.694  5.467   1.00 17.06 ? 70  ALA A N   1 
ATOM   484  C  CA  . ALA A 1 70  ? -4.088  -8.235  5.511   1.00 13.32 ? 70  ALA A CA  1 
ATOM   485  C  C   . ALA A 1 70  ? -4.575  -7.599  4.201   1.00 11.68 ? 70  ALA A C   1 
ATOM   486  O  O   . ALA A 1 70  ? -5.337  -6.649  4.205   1.00 14.77 ? 70  ALA A O   1 
ATOM   487  C  CB  . ALA A 1 70  ? -2.649  -7.820  5.810   1.00 11.96 ? 70  ALA A CB  1 
ATOM   488  N  N   . VAL A 1 71  ? -4.122  -8.129  3.075   1.00 13.81 ? 71  VAL A N   1 
ATOM   489  C  CA  . VAL A 1 71  ? -4.530  -7.612  1.775   1.00 13.00 ? 71  VAL A CA  1 
ATOM   490  C  C   . VAL A 1 71  ? -6.034  -7.806  1.594   1.00 14.07 ? 71  VAL A C   1 
ATOM   491  O  O   . VAL A 1 71  ? -6.729  -6.909  1.108   1.00 11.02 ? 71  VAL A O   1 
ATOM   492  C  CB  . VAL A 1 71  ? -3.744  -8.305  0.617   1.00 16.49 ? 71  VAL A CB  1 
ATOM   493  C  CG1 . VAL A 1 71  ? -4.354  -7.960  -0.768  1.00 17.52 ? 71  VAL A CG1 1 
ATOM   494  C  CG2 . VAL A 1 71  ? -2.283  -7.923  0.670   1.00 13.96 ? 71  VAL A CG2 1 
ATOM   495  N  N   . GLU A 1 72  ? -6.528  -8.987  1.974   1.00 12.50 ? 72  GLU A N   1 
ATOM   496  C  CA  . GLU A 1 72  ? -7.966  -9.267  1.945   1.00 15.13 ? 72  GLU A CA  1 
ATOM   497  C  C   . GLU A 1 72  ? -8.790  -8.266  2.783   1.00 14.17 ? 72  GLU A C   1 
ATOM   498  O  O   . GLU A 1 72  ? -9.738  -7.653  2.285   1.00 15.53 ? 72  GLU A O   1 
ATOM   499  C  CB  . GLU A 1 72  ? -8.228  -10.733 2.345   1.00 16.24 ? 72  GLU A CB  1 
ATOM   500  C  CG  . GLU A 1 72  ? -9.681  -11.120 2.418   1.00 22.42 ? 72  GLU A CG  1 
ATOM   501  C  CD  . GLU A 1 72  ? -9.887  -12.634 2.477   1.00 29.74 ? 72  GLU A CD  1 
ATOM   502  O  OE1 . GLU A 1 72  ? -8.997  -13.385 2.010   1.00 35.25 ? 72  GLU A OE1 1 
ATOM   503  O  OE2 . GLU A 1 72  ? -10.949 -13.060 2.977   1.00 32.09 ? 72  GLU A OE2 1 
ATOM   504  N  N   . ALA A 1 73  ? -8.422  -8.068  4.047   1.00 15.26 ? 73  ALA A N   1 
ATOM   505  C  CA  . ALA A 1 73  ? -9.148  -7.127  4.889   1.00 15.49 ? 73  ALA A CA  1 
ATOM   506  C  C   . ALA A 1 73  ? -9.101  -5.696  4.319   1.00 17.63 ? 73  ALA A C   1 
ATOM   507  O  O   . ALA A 1 73  ? -10.102 -4.968  4.333   1.00 13.33 ? 73  ALA A O   1 
ATOM   508  C  CB  . ALA A 1 73  ? -8.597  -7.152  6.297   1.00 16.24 ? 73  ALA A CB  1 
ATOM   509  N  N   . PHE A 1 74  ? -7.921  -5.294  3.852   1.00 13.89 ? 74  PHE A N   1 
ATOM   510  C  CA  . PHE A 1 74  ? -7.724  -3.972  3.288   1.00 11.46 ? 74  PHE A CA  1 
ATOM   511  C  C   . PHE A 1 74  ? -8.666  -3.714  2.085   1.00 10.64 ? 74  PHE A C   1 
ATOM   512  O  O   . PHE A 1 74  ? -9.394  -2.707  2.036   1.00 13.47 ? 74  PHE A O   1 
ATOM   513  C  CB  . PHE A 1 74  ? -6.252  -3.809  2.887   1.00 9.39  ? 74  PHE A CB  1 
ATOM   514  C  CG  . PHE A 1 74  ? -5.881  -2.399  2.490   1.00 13.74 ? 74  PHE A CG  1 
ATOM   515  C  CD1 . PHE A 1 74  ? -5.367  -1.504  3.436   1.00 10.79 ? 74  PHE A CD1 1 
ATOM   516  C  CD2 . PHE A 1 74  ? -6.031  -1.972  1.165   1.00 12.09 ? 74  PHE A CD2 1 
ATOM   517  C  CE1 . PHE A 1 74  ? -5.023  -0.219  3.085   1.00 11.85 ? 74  PHE A CE1 1 
ATOM   518  C  CE2 . PHE A 1 74  ? -5.684  -0.674  0.800   1.00 11.04 ? 74  PHE A CE2 1 
ATOM   519  C  CZ  . PHE A 1 74  ? -5.183  0.208   1.760   1.00 12.60 ? 74  PHE A CZ  1 
ATOM   520  N  N   . PHE A 1 75  ? -8.685  -4.639  1.136   1.00 12.31 ? 75  PHE A N   1 
ATOM   521  C  CA  . PHE A 1 75  ? -9.495  -4.451  -0.071  1.00 14.85 ? 75  PHE A CA  1 
ATOM   522  C  C   . PHE A 1 75  ? -10.988 -4.781  0.108   1.00 15.24 ? 75  PHE A C   1 
ATOM   523  O  O   . PHE A 1 75  ? -11.854 -4.226  -0.588  1.00 12.53 ? 75  PHE A O   1 
ATOM   524  C  CB  . PHE A 1 75  ? -8.859  -5.188  -1.249  1.00 11.65 ? 75  PHE A CB  1 
ATOM   525  C  CG  . PHE A 1 75  ? -7.648  -4.465  -1.800  1.00 13.46 ? 75  PHE A CG  1 
ATOM   526  C  CD1 . PHE A 1 75  ? -7.797  -3.417  -2.701  1.00 13.44 ? 75  PHE A CD1 1 
ATOM   527  C  CD2 . PHE A 1 75  ? -6.372  -4.796  -1.380  1.00 11.77 ? 75  PHE A CD2 1 
ATOM   528  C  CE1 . PHE A 1 75  ? -6.678  -2.728  -3.194  1.00 12.20 ? 75  PHE A CE1 1 
ATOM   529  C  CE2 . PHE A 1 75  ? -5.256  -4.109  -1.864  1.00 12.99 ? 75  PHE A CE2 1 
ATOM   530  C  CZ  . PHE A 1 75  ? -5.406  -3.080  -2.766  1.00 11.56 ? 75  PHE A CZ  1 
ATOM   531  N  N   . LYS A 1 76  ? -11.298 -5.647  1.066   1.00 13.67 ? 76  LYS A N   1 
ATOM   532  C  CA  . LYS A 1 76  ? -12.708 -5.847  1.430   1.00 15.38 ? 76  LYS A CA  1 
ATOM   533  C  C   . LYS A 1 76  ? -13.299 -4.551  1.999   1.00 15.80 ? 76  LYS A C   1 
ATOM   534  O  O   . LYS A 1 76  ? -14.472 -4.243  1.765   1.00 16.82 ? 76  LYS A O   1 
ATOM   535  C  CB  . LYS A 1 76  ? -12.886 -7.018  2.403   1.00 15.44 ? 76  LYS A CB  1 
ATOM   536  C  CG  . LYS A 1 76  ? -12.800 -8.380  1.713   1.00 14.59 ? 76  LYS A CG  1 
ATOM   537  C  CD  . LYS A 1 76  ? -13.131 -9.550  2.650   1.00 18.78 ? 76  LYS A CD  1 
ATOM   538  C  CE  . LYS A 1 76  ? -13.551 -10.776 1.855   1.00 21.83 ? 76  LYS A CE  1 
ATOM   539  N  NZ  . LYS A 1 76  ? -13.620 -12.016 2.697   1.00 33.45 ? 76  LYS A NZ  1 
ATOM   540  N  N   . LYS A 1 77  ? -12.483 -3.768  2.703   1.00 12.87 ? 77  LYS A N   1 
ATOM   541  C  CA  . LYS A 1 77  ? -12.970 -2.513  3.267   1.00 14.53 ? 77  LYS A CA  1 
ATOM   542  C  C   . LYS A 1 77  ? -13.321 -1.528  2.151   1.00 16.63 ? 77  LYS A C   1 
ATOM   543  O  O   . LYS A 1 77  ? -14.157 -0.653  2.333   1.00 15.53 ? 77  LYS A O   1 
ATOM   544  C  CB  . LYS A 1 77  ? -11.966 -1.909  4.273   1.00 15.15 ? 77  LYS A CB  1 
ATOM   545  C  CG  . LYS A 1 77  ? -12.498 -0.731  5.066   1.00 14.07 ? 77  LYS A CG  1 
ATOM   546  C  CD  . LYS A 1 77  ? -13.573 -1.226  6.056   1.00 21.96 ? 77  LYS A CD  1 
ATOM   547  C  CE  . LYS A 1 77  ? -14.143 -0.085  6.887   1.00 28.60 ? 77  LYS A CE  1 
ATOM   548  N  NZ  . LYS A 1 77  ? -15.313 -0.522  7.723   1.00 27.99 ? 77  LYS A NZ  1 
ATOM   549  N  N   . ILE A 1 78  ? -12.696 -1.704  0.988   1.00 16.07 ? 78  ILE A N   1 
ATOM   550  C  CA  . ILE A 1 78  ? -12.904 -0.823  -0.166  1.00 15.79 ? 78  ILE A CA  1 
ATOM   551  C  C   . ILE A 1 78  ? -14.141 -1.279  -0.946  1.00 16.10 ? 78  ILE A C   1 
ATOM   552  O  O   . ILE A 1 78  ? -14.655 -0.587  -1.827  1.00 14.60 ? 78  ILE A O   1 
ATOM   553  C  CB  . ILE A 1 78  ? -11.629 -0.790  -1.044  1.00 14.64 ? 78  ILE A CB  1 
ATOM   554  C  CG1 . ILE A 1 78  ? -10.558 0.069   -0.348  1.00 15.51 ? 78  ILE A CG1 1 
ATOM   555  C  CG2 . ILE A 1 78  ? -11.922 -0.272  -2.461  1.00 19.15 ? 78  ILE A CG2 1 
ATOM   556  C  CD1 . ILE A 1 78  ? -9.124  -0.283  -0.783  1.00 15.53 ? 78  ILE A CD1 1 
ATOM   557  N  N   . GLY A 1 79  ? -14.639 -2.455  -0.581  1.00 18.08 ? 79  GLY A N   1 
ATOM   558  C  CA  . GLY A 1 79  ? -15.835 -3.008  -1.197  1.00 18.61 ? 79  GLY A CA  1 
ATOM   559  C  C   . GLY A 1 79  ? -15.577 -4.137  -2.175  1.00 18.51 ? 79  GLY A C   1 
ATOM   560  O  O   . GLY A 1 79  ? -16.505 -4.671  -2.760  1.00 18.43 ? 79  GLY A O   1 
ATOM   561  N  N   . LEU A 1 80  ? -14.320 -4.534  -2.349  1.00 17.17 ? 80  LEU A N   1 
ATOM   562  C  CA  . LEU A 1 80  ? -14.045 -5.680  -3.213  1.00 16.15 ? 80  LEU A CA  1 
ATOM   563  C  C   . LEU A 1 80  ? -14.464 -6.982  -2.525  1.00 18.36 ? 80  LEU A C   1 
ATOM   564  O  O   . LEU A 1 80  ? -14.383 -7.108  -1.305  1.00 19.39 ? 80  LEU A O   1 
ATOM   565  C  CB  . LEU A 1 80  ? -12.560 -5.744  -3.557  1.00 16.59 ? 80  LEU A CB  1 
ATOM   566  C  CG  . LEU A 1 80  ? -12.017 -4.876  -4.691  1.00 19.04 ? 80  LEU A CG  1 
ATOM   567  C  CD1 . LEU A 1 80  ? -12.146 -3.421  -4.337  1.00 15.39 ? 80  LEU A CD1 1 
ATOM   568  C  CD2 . LEU A 1 80  ? -10.561 -5.222  -4.924  1.00 21.94 ? 80  LEU A CD2 1 
ATOM   569  N  N   . ASP A 1 81  ? -14.894 -7.961  -3.304  1.00 21.39 ? 81  ASP A N   1 
ATOM   570  C  CA  . ASP A 1 81  ? -15.136 -9.286  -2.749  1.00 21.84 ? 81  ASP A CA  1 
ATOM   571  C  C   . ASP A 1 81  ? -14.856 -10.321 -3.804  1.00 21.08 ? 81  ASP A C   1 
ATOM   572  O  O   . ASP A 1 81  ? -14.766 -10.000 -4.988  1.00 19.10 ? 81  ASP A O   1 
ATOM   573  C  CB  . ASP A 1 81  ? -16.583 -9.427  -2.254  1.00 19.85 ? 81  ASP A CB  1 
ATOM   574  C  CG  . ASP A 1 81  ? -16.752 -10.534 -1.211  1.00 26.80 ? 81  ASP A CG  1 
ATOM   575  O  OD1 . ASP A 1 81  ? -15.800 -11.322 -0.956  1.00 23.16 ? 81  ASP A OD1 1 
ATOM   576  O  OD2 . ASP A 1 81  ? -17.856 -10.610 -0.637  1.00 32.09 ? 81  ASP A OD2 1 
ATOM   577  N  N   . TYR A 1 82  ? -14.714 -11.569 -3.368  1.00 18.80 ? 82  TYR A N   1 
ATOM   578  C  CA  . TYR A 1 82  ? -14.535 -12.654 -4.299  1.00 18.74 ? 82  TYR A CA  1 
ATOM   579  C  C   . TYR A 1 82  ? -15.721 -12.717 -5.246  1.00 21.05 ? 82  TYR A C   1 
ATOM   580  O  O   . TYR A 1 82  ? -16.879 -12.666 -4.811  1.00 19.64 ? 82  TYR A O   1 
ATOM   581  C  CB  . TYR A 1 82  ? -14.336 -13.970 -3.552  1.00 19.96 ? 82  TYR A CB  1 
ATOM   582  C  CG  . TYR A 1 82  ? -13.043 -13.968 -2.754  1.00 25.56 ? 82  TYR A CG  1 
ATOM   583  C  CD1 . TYR A 1 82  ? -11.816 -13.960 -3.404  1.00 21.00 ? 82  TYR A CD1 1 
ATOM   584  C  CD2 . TYR A 1 82  ? -13.056 -13.941 -1.360  1.00 22.52 ? 82  TYR A CD2 1 
ATOM   585  C  CE1 . TYR A 1 82  ? -10.657 -13.951 -2.702  1.00 26.52 ? 82  TYR A CE1 1 
ATOM   586  C  CE2 . TYR A 1 82  ? -11.883 -13.937 -0.644  1.00 20.56 ? 82  TYR A CE2 1 
ATOM   587  C  CZ  . TYR A 1 82  ? -10.691 -13.934 -1.322  1.00 23.02 ? 82  TYR A CZ  1 
ATOM   588  O  OH  . TYR A 1 82  ? -9.510  -13.927 -0.634  1.00 29.70 ? 82  TYR A OH  1 
ATOM   589  N  N   . GLY A 1 83  ? -15.415 -12.812 -6.537  1.00 22.47 ? 83  GLY A N   1 
ATOM   590  C  CA  . GLY A 1 83  ? -16.418 -12.988 -7.574  1.00 23.44 ? 83  GLY A CA  1 
ATOM   591  C  C   . GLY A 1 83  ? -17.204 -11.739 -7.906  1.00 22.50 ? 83  GLY A C   1 
ATOM   592  O  O   . GLY A 1 83  ? -18.168 -11.804 -8.664  1.00 31.67 ? 83  GLY A O   1 
ATOM   593  N  N   . LYS A 1 84  ? -16.797 -10.613 -7.334  1.00 23.62 ? 84  LYS A N   1 
ATOM   594  C  CA  . LYS A 1 84  ? -17.447 -9.327  -7.545  1.00 23.92 ? 84  LYS A CA  1 
ATOM   595  C  C   . LYS A 1 84  ? -16.501 -8.442  -8.363  1.00 23.89 ? 84  LYS A C   1 
ATOM   596  O  O   . LYS A 1 84  ? -15.336 -8.270  -8.021  1.00 22.67 ? 84  LYS A O   1 
ATOM   597  C  CB  . LYS A 1 84  ? -17.802 -8.682  -6.198  1.00 23.26 ? 84  LYS A CB  1 
ATOM   598  C  CG  . LYS A 1 84  ? -18.178 -7.176  -6.231  1.00 28.13 ? 84  LYS A CG  1 
ATOM   599  C  CD  . LYS A 1 84  ? -18.322 -6.530  -4.813  1.00 22.04 ? 84  LYS A CD  1 
ATOM   600  C  CE  . LYS A 1 84  ? -19.105 -5.198  -4.886  1.00 29.56 ? 84  LYS A CE  1 
ATOM   601  N  NZ  . LYS A 1 84  ? -19.124 -4.370  -3.610  1.00 32.51 ? 84  LYS A NZ  1 
ATOM   602  N  N   . GLU A 1 85  ? -17.006 -7.906  -9.463  1.00 28.00 ? 85  GLU A N   1 
ATOM   603  C  CA  . GLU A 1 85  ? -16.243 -6.977  -10.282 1.00 22.18 ? 85  GLU A CA  1 
ATOM   604  C  C   . GLU A 1 85  ? -16.532 -5.544  -9.825  1.00 23.76 ? 85  GLU A C   1 
ATOM   605  O  O   . GLU A 1 85  ? -17.688 -5.132  -9.730  1.00 24.57 ? 85  GLU A O   1 
ATOM   606  C  CB  . GLU A 1 85  ? -16.628 -7.149  -11.750 1.00 20.57 ? 85  GLU A CB  1 
ATOM   607  C  CG  . GLU A 1 85  ? -16.426 -8.552  -12.298 1.00 25.58 ? 85  GLU A CG  1 
ATOM   608  C  CD  . GLU A 1 85  ? -16.879 -8.671  -13.756 1.00 28.07 ? 85  GLU A CD  1 
ATOM   609  O  OE1 . GLU A 1 85  ? -18.014 -8.246  -14.075 1.00 24.64 ? 85  GLU A OE1 1 
ATOM   610  O  OE2 . GLU A 1 85  ? -16.081 -9.152  -14.592 1.00 30.88 ? 85  GLU A OE2 1 
ATOM   611  N  N   . VAL A 1 86  ? -15.491 -4.771  -9.546  1.00 15.39 ? 86  VAL A N   1 
ATOM   612  C  CA  . VAL A 1 86  ? -15.678 -3.408  -9.098  1.00 16.11 ? 86  VAL A CA  1 
ATOM   613  C  C   . VAL A 1 86  ? -15.050 -2.467  -10.123 1.00 15.55 ? 86  VAL A C   1 
ATOM   614  O  O   . VAL A 1 86  ? -13.884 -2.633  -10.482 1.00 14.50 ? 86  VAL A O   1 
ATOM   615  C  CB  . VAL A 1 86  ? -15.029 -3.195  -7.696  1.00 16.59 ? 86  VAL A CB  1 
ATOM   616  C  CG1 . VAL A 1 86  ? -15.053 -1.721  -7.282  1.00 14.58 ? 86  VAL A CG1 1 
ATOM   617  C  CG2 . VAL A 1 86  ? -15.716 -4.073  -6.646  1.00 20.65 ? 86  VAL A CG2 1 
ATOM   618  N  N   . GLU A 1 87  ? -15.811 -1.473  -10.571 1.00 13.32 ? 87  GLU A N   1 
ATOM   619  C  CA  . GLU A 1 87  ? -15.296 -0.488  -11.519 1.00 14.65 ? 87  GLU A CA  1 
ATOM   620  C  C   . GLU A 1 87  ? -14.774 0.739   -10.774 1.00 14.70 ? 87  GLU A C   1 
ATOM   621  O  O   . GLU A 1 87  ? -14.973 0.870   -9.547  1.00 12.01 ? 87  GLU A O   1 
ATOM   622  C  CB  . GLU A 1 87  ? -16.383 -0.101  -12.543 1.00 14.44 ? 87  GLU A CB  1 
ATOM   623  C  CG  . GLU A 1 87  ? -16.932 -1.304  -13.280 1.00 14.32 ? 87  GLU A CG  1 
ATOM   624  C  CD  . GLU A 1 87  ? -18.014 -0.959  -14.312 1.00 21.35 ? 87  GLU A CD  1 
ATOM   625  O  OE1 . GLU A 1 87  ? -18.386 0.231   -14.460 1.00 22.63 ? 87  GLU A OE1 1 
ATOM   626  O  OE2 . GLU A 1 87  ? -18.489 -1.890  -14.979 1.00 28.01 ? 87  GLU A OE2 1 
ATOM   627  N  N   . PHE A 1 88  ? -14.124 1.650   -11.497 1.00 10.23 ? 88  PHE A N   1 
ATOM   628  C  CA  . PHE A 1 88  ? -13.426 2.736   -10.817 1.00 11.51 ? 88  PHE A CA  1 
ATOM   629  C  C   . PHE A 1 88  ? -14.292 3.646   -9.932  1.00 13.12 ? 88  PHE A C   1 
ATOM   630  O  O   . PHE A 1 88  ? -13.893 3.942   -8.826  1.00 12.45 ? 88  PHE A O   1 
ATOM   631  C  CB  . PHE A 1 88  ? -12.544 3.593   -11.748 1.00 11.58 ? 88  PHE A CB  1 
ATOM   632  C  CG  . PHE A 1 88  ? -11.808 4.681   -11.008 1.00 11.32 ? 88  PHE A CG  1 
ATOM   633  C  CD1 . PHE A 1 88  ? -10.789 4.366   -10.111 1.00 10.85 ? 88  PHE A CD1 1 
ATOM   634  C  CD2 . PHE A 1 88  ? -12.178 6.004   -11.159 1.00 14.05 ? 88  PHE A CD2 1 
ATOM   635  C  CE1 . PHE A 1 88  ? -10.152 5.372   -9.391  1.00 12.86 ? 88  PHE A CE1 1 
ATOM   636  C  CE2 . PHE A 1 88  ? -11.533 7.000   -10.470 1.00 15.22 ? 88  PHE A CE2 1 
ATOM   637  C  CZ  . PHE A 1 88  ? -10.519 6.698   -9.590  1.00 10.64 ? 88  PHE A CZ  1 
ATOM   638  N  N   . PRO A 1 89  ? -15.459 4.119   -10.427 1.00 11.11 ? 89  PRO A N   1 
ATOM   639  C  CA  . PRO A 1 89  ? -16.257 5.004   -9.557  1.00 11.87 ? 89  PRO A CA  1 
ATOM   640  C  C   . PRO A 1 89  ? -16.575 4.388   -8.189  1.00 12.20 ? 89  PRO A C   1 
ATOM   641  O  O   . PRO A 1 89  ? -16.426 5.076   -7.166  1.00 12.39 ? 89  PRO A O   1 
ATOM   642  C  CB  . PRO A 1 89  ? -17.532 5.241   -10.369 1.00 12.93 ? 89  PRO A CB  1 
ATOM   643  C  CG  . PRO A 1 89  ? -17.061 5.130   -11.815 1.00 13.16 ? 89  PRO A CG  1 
ATOM   644  C  CD  . PRO A 1 89  ? -16.016 4.022   -11.784 1.00 11.18 ? 89  PRO A CD  1 
ATOM   645  N  N   . ALA A 1 90  ? -16.991 3.127   -8.168  1.00 10.36 ? 90  ALA A N   1 
ATOM   646  C  CA  . ALA A 1 90  ? -17.286 2.442   -6.902  1.00 11.81 ? 90  ALA A CA  1 
ATOM   647  C  C   . ALA A 1 90  ? -16.013 2.172   -6.080  1.00 12.84 ? 90  ALA A C   1 
ATOM   648  O  O   . ALA A 1 90  ? -16.027 2.268   -4.871  1.00 10.56 ? 90  ALA A O   1 
ATOM   649  C  CB  . ALA A 1 90  ? -18.073 1.153   -7.138  1.00 9.89  ? 90  ALA A CB  1 
ATOM   650  N  N   . PHE A 1 91  ? -14.913 1.866   -6.759  1.00 12.18 ? 91  PHE A N   1 
ATOM   651  C  CA  . PHE A 1 91  ? -13.606 1.665   -6.121  1.00 12.88 ? 91  PHE A CA  1 
ATOM   652  C  C   . PHE A 1 91  ? -13.164 2.918   -5.346  1.00 13.79 ? 91  PHE A C   1 
ATOM   653  O  O   . PHE A 1 91  ? -12.840 2.852   -4.164  1.00 10.69 ? 91  PHE A O   1 
ATOM   654  C  CB  . PHE A 1 91  ? -12.599 1.314   -7.235  1.00 9.86  ? 91  PHE A CB  1 
ATOM   655  C  CG  . PHE A 1 91  ? -11.177 1.045   -6.773  1.00 12.25 ? 91  PHE A CG  1 
ATOM   656  C  CD1 . PHE A 1 91  ? -10.818 -0.198  -6.262  1.00 13.84 ? 91  PHE A CD1 1 
ATOM   657  C  CD2 . PHE A 1 91  ? -10.181 2.002   -6.952  1.00 11.86 ? 91  PHE A CD2 1 
ATOM   658  C  CE1 . PHE A 1 91  ? -9.487  -0.468  -5.901  1.00 13.62 ? 91  PHE A CE1 1 
ATOM   659  C  CE2 . PHE A 1 91  ? -8.862  1.746   -6.606  1.00 11.51 ? 91  PHE A CE2 1 
ATOM   660  C  CZ  . PHE A 1 91  ? -8.515  0.501   -6.079  1.00 12.39 ? 91  PHE A CZ  1 
ATOM   661  N  N   . VAL A 1 92  ? -13.210 4.085   -5.980  1.00 11.48 ? 92  VAL A N   1 
ATOM   662  C  CA  . VAL A 1 92  ? -12.741 5.284   -5.298  1.00 10.70 ? 92  VAL A CA  1 
ATOM   663  C  C   . VAL A 1 92  ? -13.727 5.706   -4.173  1.00 12.46 ? 92  VAL A C   1 
ATOM   664  O  O   . VAL A 1 92  ? -13.312 6.190   -3.108  1.00 10.28 ? 92  VAL A O   1 
ATOM   665  C  CB  . VAL A 1 92  ? -12.349 6.398   -6.333  1.00 14.39 ? 92  VAL A CB  1 
ATOM   666  C  CG1 . VAL A 1 92  ? -13.576 6.900   -7.056  1.00 13.88 ? 92  VAL A CG1 1 
ATOM   667  C  CG2 . VAL A 1 92  ? -11.582 7.542   -5.670  1.00 17.24 ? 92  VAL A CG2 1 
ATOM   668  N  N   . ASN A 1 93  ? -15.022 5.456   -4.363  1.00 12.72 ? 93  ASN A N   1 
ATOM   669  C  CA  . ASN A 1 93  ? -15.968 5.658   -3.244  1.00 12.99 ? 93  ASN A CA  1 
ATOM   670  C  C   . ASN A 1 93  ? -15.651 4.740   -2.053  1.00 11.98 ? 93  ASN A C   1 
ATOM   671  O  O   . ASN A 1 93  ? -15.874 5.109   -0.885  1.00 14.42 ? 93  ASN A O   1 
ATOM   672  C  CB  . ASN A 1 93  ? -17.430 5.455   -3.655  1.00 12.34 ? 93  ASN A CB  1 
ATOM   673  C  CG  . ASN A 1 93  ? -18.405 6.173   -2.694  1.00 14.62 ? 93  ASN A CG  1 
ATOM   674  O  OD1 . ASN A 1 93  ? -18.366 7.398   -2.583  1.00 14.55 ? 93  ASN A OD1 1 
ATOM   675  N  ND2 . ASN A 1 93  ? -19.256 5.411   -1.997  1.00 12.98 ? 93  ASN A ND2 1 
ATOM   676  N  N   . GLY A 1 94  ? -15.135 3.549   -2.352  1.00 13.03 ? 94  GLY A N   1 
ATOM   677  C  CA  . GLY A 1 94  ? -14.738 2.606   -1.320  1.00 10.46 ? 94  GLY A CA  1 
ATOM   678  C  C   . GLY A 1 94  ? -13.512 3.067   -0.555  1.00 15.58 ? 94  GLY A C   1 
ATOM   679  O  O   . GLY A 1 94  ? -13.367 2.751   0.619   1.00 13.04 ? 94  GLY A O   1 
ATOM   680  N  N   . TRP A 1 95  ? -12.612 3.787   -1.225  1.00 11.69 ? 95  TRP A N   1 
ATOM   681  C  CA  . TRP A 1 95  ? -11.443 4.357   -0.554  1.00 12.03 ? 95  TRP A CA  1 
ATOM   682  C  C   . TRP A 1 95  ? -11.859 5.368   0.511   1.00 13.53 ? 95  TRP A C   1 
ATOM   683  O  O   . TRP A 1 95  ? -11.173 5.556   1.507   1.00 10.85 ? 95  TRP A O   1 
ATOM   684  C  CB  . TRP A 1 95  ? -10.466 4.969   -1.566  1.00 10.09 ? 95  TRP A CB  1 
ATOM   685  C  CG  . TRP A 1 95  ? -9.540  3.931   -2.101  1.00 10.59 ? 95  TRP A CG  1 
ATOM   686  C  CD1 . TRP A 1 95  ? -9.742  3.113   -3.169  1.00 13.07 ? 95  TRP A CD1 1 
ATOM   687  C  CD2 . TRP A 1 95  ? -8.291  3.543   -1.528  1.00 10.43 ? 95  TRP A CD2 1 
ATOM   688  N  NE1 . TRP A 1 95  ? -8.668  2.264   -3.328  1.00 10.11 ? 95  TRP A NE1 1 
ATOM   689  C  CE2 . TRP A 1 95  ? -7.765  2.514   -2.326  1.00 11.78 ? 95  TRP A CE2 1 
ATOM   690  C  CE3 . TRP A 1 95  ? -7.552  3.999   -0.434  1.00 9.72  ? 95  TRP A CE3 1 
ATOM   691  C  CZ2 . TRP A 1 95  ? -6.526  1.918   -2.057  1.00 11.88 ? 95  TRP A CZ2 1 
ATOM   692  C  CZ3 . TRP A 1 95  ? -6.323  3.401   -0.164  1.00 10.92 ? 95  TRP A CZ3 1 
ATOM   693  C  CH2 . TRP A 1 95  ? -5.826  2.387   -0.977  1.00 8.79  ? 95  TRP A CH2 1 
ATOM   694  N  N   . LYS A 1 96  ? -13.000 6.013   0.313   1.00 12.92 ? 96  LYS A N   1 
ATOM   695  C  CA  . LYS A 1 96  ? -13.529 6.909   1.336   1.00 13.40 ? 96  LYS A CA  1 
ATOM   696  C  C   . LYS A 1 96  ? -13.928 6.176   2.623   1.00 11.73 ? 96  LYS A C   1 
ATOM   697  O  O   . LYS A 1 96  ? -13.660 6.665   3.734   1.00 12.52 ? 96  LYS A O   1 
ATOM   698  C  CB  . LYS A 1 96  ? -14.700 7.714   0.760   1.00 10.65 ? 96  LYS A CB  1 
ATOM   699  C  CG  . LYS A 1 96  ? -14.288 8.459   -0.525  1.00 10.29 ? 96  LYS A CG  1 
ATOM   700  C  CD  . LYS A 1 96  ? -15.402 9.373   -1.037  1.00 12.86 ? 96  LYS A CD  1 
ATOM   701  C  CE  . LYS A 1 96  ? -15.059 9.909   -2.440  1.00 14.48 ? 96  LYS A CE  1 
ATOM   702  N  NZ  . LYS A 1 96  ? -16.065 10.856  -2.956  1.00 16.55 ? 96  LYS A NZ  1 
ATOM   703  N  N   . GLU A 1 97  ? -14.579 5.021   2.486   1.00 13.34 ? 97  GLU A N   1 
ATOM   704  C  CA  . GLU A 1 97  ? -14.886 4.170   3.635   1.00 14.29 ? 97  GLU A CA  1 
ATOM   705  C  C   . GLU A 1 97  ? -13.602 3.799   4.394   1.00 16.99 ? 97  GLU A C   1 
ATOM   706  O  O   . GLU A 1 97  ? -13.485 3.995   5.625   1.00 13.46 ? 97  GLU A O   1 
ATOM   707  C  CB  . GLU A 1 97  ? -15.619 2.909   3.167   1.00 11.91 ? 97  GLU A CB  1 
ATOM   708  C  CG  . GLU A 1 97  ? -15.791 1.812   4.231   1.00 17.82 ? 97  GLU A CG  1 
ATOM   709  C  CD  . GLU A 1 97  ? -16.992 2.040   5.168   1.00 26.98 ? 97  GLU A CD  1 
ATOM   710  O  OE1 . GLU A 1 97  ? -17.702 3.062   5.016   1.00 21.86 ? 97  GLU A OE1 1 
ATOM   711  O  OE2 . GLU A 1 97  ? -17.236 1.181   6.049   1.00 24.20 ? 97  GLU A OE2 1 
ATOM   712  N  N   . LEU A 1 98  ? -12.627 3.305   3.637   1.00 12.92 ? 98  LEU A N   1 
ATOM   713  C  CA  . LEU A 1 98  ? -11.363 2.820   4.210   1.00 13.06 ? 98  LEU A CA  1 
ATOM   714  C  C   . LEU A 1 98  ? -10.588 3.945   4.858   1.00 11.42 ? 98  LEU A C   1 
ATOM   715  O  O   . LEU A 1 98  ? -10.124 3.801   5.981   1.00 13.22 ? 98  LEU A O   1 
ATOM   716  C  CB  . LEU A 1 98  ? -10.493 2.160   3.132   1.00 12.71 ? 98  LEU A CB  1 
ATOM   717  C  CG  . LEU A 1 98  ? -9.089  1.758   3.605   1.00 11.01 ? 98  LEU A CG  1 
ATOM   718  C  CD1 . LEU A 1 98  ? -9.205  0.707   4.715   1.00 10.24 ? 98  LEU A CD1 1 
ATOM   719  C  CD2 . LEU A 1 98  ? -8.315  1.205   2.414   1.00 11.36 ? 98  LEU A CD2 1 
ATOM   720  N  N   . ALA A 1 99  ? -10.429 5.059   4.140   1.00 9.30  ? 99  ALA A N   1 
ATOM   721  C  CA  . ALA A 1 99  ? -9.720  6.218   4.664   1.00 10.82 ? 99  ALA A CA  1 
ATOM   722  C  C   . ALA A 1 99  ? -10.278 6.713   6.003   1.00 13.10 ? 99  ALA A C   1 
ATOM   723  O  O   . ALA A 1 99  ? -9.524  6.930   6.966   1.00 11.15 ? 99  ALA A O   1 
ATOM   724  C  CB  . ALA A 1 99  ? -9.730  7.366   3.636   1.00 13.36 ? 99  ALA A CB  1 
ATOM   725  N  N   . LYS A 1 100 ? -11.588 6.928   6.064   1.00 10.56 ? 100 LYS A N   1 
ATOM   726  C  CA  . LYS A 1 100 ? -12.183 7.371   7.331   1.00 15.16 ? 100 LYS A CA  1 
ATOM   727  C  C   . LYS A 1 100 ? -11.971 6.332   8.428   1.00 9.92  ? 100 LYS A C   1 
ATOM   728  O  O   . LYS A 1 100 ? -11.639 6.657   9.554   1.00 16.62 ? 100 LYS A O   1 
ATOM   729  C  CB  . LYS A 1 100 ? -13.678 7.651   7.162   1.00 12.20 ? 100 LYS A CB  1 
ATOM   730  C  CG  . LYS A 1 100 ? -13.947 8.884   6.284   1.00 12.11 ? 100 LYS A CG  1 
ATOM   731  C  CD  . LYS A 1 100 ? -15.410 9.319   6.418   1.00 16.33 ? 100 LYS A CD  1 
ATOM   732  C  CE  . LYS A 1 100 ? -16.377 8.399   5.648   1.00 13.39 ? 100 LYS A CE  1 
ATOM   733  N  NZ  . LYS A 1 100 ? -17.785 8.944   5.808   1.00 12.58 ? 100 LYS A NZ  1 
ATOM   734  N  N   . HIS A 1 101 ? -12.185 5.080   8.079   1.00 12.39 ? 101 HIS A N   1 
ATOM   735  C  CA  . HIS A 1 101 ? -11.989 3.983   9.011   1.00 18.38 ? 101 HIS A CA  1 
ATOM   736  C  C   . HIS A 1 101 ? -10.574 3.999   9.587   1.00 16.34 ? 101 HIS A C   1 
ATOM   737  O  O   . HIS A 1 101 ? -10.395 3.967   10.795  1.00 15.92 ? 101 HIS A O   1 
ATOM   738  C  CB  . HIS A 1 101 ? -12.239 2.667   8.288   1.00 16.77 ? 101 HIS A CB  1 
ATOM   739  C  CG  . HIS A 1 101 ? -12.060 1.457   9.147   1.00 20.06 ? 101 HIS A CG  1 
ATOM   740  N  ND1 . HIS A 1 101 ? -10.894 0.715   9.158   1.00 19.15 ? 101 HIS A ND1 1 
ATOM   741  C  CD2 . HIS A 1 101 ? -12.898 0.857   10.024  1.00 16.63 ? 101 HIS A CD2 1 
ATOM   742  C  CE1 . HIS A 1 101 ? -11.023 -0.295  10.000  1.00 16.95 ? 101 HIS A CE1 1 
ATOM   743  N  NE2 . HIS A 1 101 ? -12.230 -0.232  10.540  1.00 25.23 ? 101 HIS A NE2 1 
ATOM   744  N  N   . ASP A 1 102 ? -9.562  4.035   8.723   1.00 14.11 ? 102 ASP A N   1 
ATOM   745  C  CA  . ASP A 1 102 ? -8.177  3.905   9.194   1.00 11.92 ? 102 ASP A CA  1 
ATOM   746  C  C   . ASP A 1 102 ? -7.655  5.170   9.866   1.00 14.24 ? 102 ASP A C   1 
ATOM   747  O  O   . ASP A 1 102 ? -6.863  5.085   10.806  1.00 14.86 ? 102 ASP A O   1 
ATOM   748  C  CB  . ASP A 1 102 ? -7.193  3.529   8.060   1.00 11.44 ? 102 ASP A CB  1 
ATOM   749  C  CG  . ASP A 1 102 ? -7.035  2.019   7.872   1.00 11.31 ? 102 ASP A CG  1 
ATOM   750  O  OD1 . ASP A 1 102 ? -7.732  1.223   8.556   1.00 13.75 ? 102 ASP A OD1 1 
ATOM   751  O  OD2 . ASP A 1 102 ? -6.201  1.629   7.017   1.00 12.62 ? 102 ASP A OD2 1 
ATOM   752  N  N   . LEU A 1 103 ? -8.058  6.339   9.380   1.00 12.14 ? 103 LEU A N   1 
ATOM   753  C  CA  . LEU A 1 103 ? -7.596  7.574   10.005  1.00 13.78 ? 103 LEU A CA  1 
ATOM   754  C  C   . LEU A 1 103 ? -8.103  7.680   11.449  1.00 16.96 ? 103 LEU A C   1 
ATOM   755  O  O   . LEU A 1 103 ? -7.397  8.151   12.343  1.00 17.66 ? 103 LEU A O   1 
ATOM   756  C  CB  . LEU A 1 103 ? -8.030  8.800   9.193   1.00 15.93 ? 103 LEU A CB  1 
ATOM   757  C  CG  . LEU A 1 103 ? -7.338  8.988   7.837   1.00 15.93 ? 103 LEU A CG  1 
ATOM   758  C  CD1 . LEU A 1 103 ? -8.176  9.855   6.875   1.00 12.95 ? 103 LEU A CD1 1 
ATOM   759  C  CD2 . LEU A 1 103 ? -5.925  9.543   8.023   1.00 17.19 ? 103 LEU A CD2 1 
ATOM   760  N  N   . LYS A 1 104 ? -9.332  7.229   11.659  1.00 17.06 ? 104 LYS A N   1 
ATOM   761  C  CA  . LYS A 1 104 ? -9.956  7.222   12.985  1.00 20.05 ? 104 LYS A CA  1 
ATOM   762  C  C   . LYS A 1 104 ? -9.145  6.317   13.932  1.00 19.58 ? 104 LYS A C   1 
ATOM   763  O  O   . LYS A 1 104 ? -8.744  6.726   15.035  1.00 23.46 ? 104 LYS A O   1 
ATOM   764  C  CB  . LYS A 1 104 ? -11.411 6.725   12.851  1.00 19.82 ? 104 LYS A CB  1 
ATOM   765  C  CG  . LYS A 1 104 ? -12.290 6.960   14.058  1.00 33.10 ? 104 LYS A CG  1 
ATOM   766  C  CD  . LYS A 1 104 ? -13.776 6.804   13.726  1.00 37.98 ? 104 LYS A CD  1 
ATOM   767  C  CE  . LYS A 1 104 ? -14.178 5.341   13.544  1.00 50.08 ? 104 LYS A CE  1 
ATOM   768  N  NZ  . LYS A 1 104 ? -15.639 5.092   13.818  1.00 54.78 ? 104 LYS A NZ  1 
ATOM   769  N  N   . LEU A 1 105 ? -8.895  5.097   13.476  1.00 19.12 ? 105 LEU A N   1 
ATOM   770  C  CA  . LEU A 1 105 ? -8.106  4.117   14.222  1.00 19.21 ? 105 LEU A CA  1 
ATOM   771  C  C   . LEU A 1 105 ? -6.716  4.649   14.558  1.00 18.84 ? 105 LEU A C   1 
ATOM   772  O  O   . LEU A 1 105 ? -6.288  4.650   15.713  1.00 18.79 ? 105 LEU A O   1 
ATOM   773  C  CB  . LEU A 1 105 ? -8.014  2.829   13.403  1.00 14.01 ? 105 LEU A CB  1 
ATOM   774  C  CG  . LEU A 1 105 ? -9.279  1.973   13.429  1.00 18.56 ? 105 LEU A CG  1 
ATOM   775  C  CD1 . LEU A 1 105 ? -9.126  0.760   12.511  1.00 23.66 ? 105 LEU A CD1 1 
ATOM   776  C  CD2 . LEU A 1 105 ? -9.578  1.529   14.859  1.00 19.68 ? 105 LEU A CD2 1 
ATOM   777  N  N   . TRP A 1 106 ? -6.008  5.130   13.546  1.00 17.80 ? 106 TRP A N   1 
ATOM   778  C  CA  . TRP A 1 106 ? -4.648  5.617   13.760  1.00 18.17 ? 106 TRP A CA  1 
ATOM   779  C  C   . TRP A 1 106 ? -4.601  6.781   14.764  1.00 20.81 ? 106 TRP A C   1 
ATOM   780  O  O   . TRP A 1 106 ? -3.735  6.838   15.632  1.00 20.21 ? 106 TRP A O   1 
ATOM   781  C  CB  . TRP A 1 106 ? -4.026  6.015   12.422  1.00 19.32 ? 106 TRP A CB  1 
ATOM   782  C  CG  . TRP A 1 106 ? -2.583  6.437   12.520  1.00 22.84 ? 106 TRP A CG  1 
ATOM   783  C  CD1 . TRP A 1 106 ? -1.480  5.641   12.359  1.00 20.20 ? 106 TRP A CD1 1 
ATOM   784  C  CD2 . TRP A 1 106 ? -2.089  7.753   12.782  1.00 19.47 ? 106 TRP A CD2 1 
ATOM   785  N  NE1 . TRP A 1 106 ? -0.340  6.379   12.514  1.00 22.05 ? 106 TRP A NE1 1 
ATOM   786  C  CE2 . TRP A 1 106 ? -0.683  7.680   12.776  1.00 19.42 ? 106 TRP A CE2 1 
ATOM   787  C  CE3 . TRP A 1 106 ? -2.705  8.989   13.036  1.00 20.10 ? 106 TRP A CE3 1 
ATOM   788  C  CZ2 . TRP A 1 106 ? 0.124   8.782   13.014  1.00 25.03 ? 106 TRP A CZ2 1 
ATOM   789  C  CZ3 . TRP A 1 106 ? -1.905  10.086  13.254  1.00 27.33 ? 106 TRP A CZ3 1 
ATOM   790  C  CH2 . TRP A 1 106 ? -0.501  9.978   13.245  1.00 30.19 ? 106 TRP A CH2 1 
ATOM   791  N  N   . SER A 1 107 ? -5.550  7.697   14.653  1.00 20.35 ? 107 SER A N   1 
ATOM   792  C  CA  . SER A 1 107 ? -5.568  8.868   15.503  1.00 20.14 ? 107 SER A CA  1 
ATOM   793  C  C   . SER A 1 107 ? -5.860  8.494   16.963  1.00 26.47 ? 107 SER A C   1 
ATOM   794  O  O   . SER A 1 107 ? -5.643  9.304   17.880  1.00 26.87 ? 107 SER A O   1 
ATOM   795  C  CB  . SER A 1 107 ? -6.619  9.861   15.005  1.00 23.15 ? 107 SER A CB  1 
ATOM   796  O  OG  . SER A 1 107 ? -7.921  9.404   15.335  1.00 24.93 ? 107 SER A OG  1 
ATOM   797  N  N   . GLN A 1 108 ? -6.359  7.275   17.168  1.00 23.92 ? 108 GLN A N   1 
ATOM   798  C  CA  . GLN A 1 108 ? -6.682  6.757   18.504  1.00 22.98 ? 108 GLN A CA  1 
ATOM   799  C  C   . GLN A 1 108 ? -5.667  5.721   18.961  1.00 25.69 ? 108 GLN A C   1 
ATOM   800  O  O   . GLN A 1 108 ? -5.946  4.927   19.858  1.00 24.48 ? 108 GLN A O   1 
ATOM   801  C  CB  . GLN A 1 108 ? -8.069  6.120   18.500  1.00 23.09 ? 108 GLN A CB  1 
ATOM   802  C  CG  . GLN A 1 108 ? -9.190  7.103   18.198  1.00 27.07 ? 108 GLN A CG  1 
ATOM   803  C  CD  . GLN A 1 108 ? -10.488 6.430   17.743  1.00 36.89 ? 108 GLN A CD  1 
ATOM   804  O  OE1 . GLN A 1 108 ? -10.541 5.210   17.521  1.00 31.63 ? 108 GLN A OE1 1 
ATOM   805  N  NE2 . GLN A 1 108 ? -11.541 7.235   17.583  1.00 34.27 ? 108 GLN A NE2 1 
ATOM   806  N  N   . ASN A 1 109 ? -4.495  5.737   18.329  1.00 24.14 ? 109 ASN A N   1 
ATOM   807  C  CA  . ASN A 1 109 ? -3.433  4.767   18.577  1.00 24.05 ? 109 ASN A CA  1 
ATOM   808  C  C   . ASN A 1 109 ? -3.880  3.304   18.471  1.00 22.99 ? 109 ASN A C   1 
ATOM   809  O  O   . ASN A 1 109 ? -3.493  2.469   19.293  1.00 22.38 ? 109 ASN A O   1 
ATOM   810  C  CB  . ASN A 1 109 ? -2.757  5.034   19.933  1.00 28.18 ? 109 ASN A CB  1 
ATOM   811  C  CG  . ASN A 1 109 ? -2.186  6.456   20.044  1.00 38.55 ? 109 ASN A CG  1 
ATOM   812  O  OD1 . ASN A 1 109 ? -2.269  7.083   21.101  1.00 51.19 ? 109 ASN A OD1 1 
ATOM   813  N  ND2 . ASN A 1 109 ? -1.622  6.968   18.954  1.00 36.96 ? 109 ASN A ND2 1 
ATOM   814  N  N   . LYS A 1 110 ? -4.694  3.001   17.465  1.00 15.55 ? 110 LYS A N   1 
ATOM   815  C  CA  . LYS A 1 110 ? -5.125  1.626   17.196  1.00 15.97 ? 110 LYS A CA  1 
ATOM   816  C  C   . LYS A 1 110 ? -4.560  1.136   15.858  1.00 18.16 ? 110 LYS A C   1 
ATOM   817  O  O   . LYS A 1 110 ? -4.219  1.948   14.999  1.00 16.54 ? 110 LYS A O   1 
ATOM   818  C  CB  . LYS A 1 110 ? -6.657  1.517   17.175  1.00 18.84 ? 110 LYS A CB  1 
ATOM   819  C  CG  . LYS A 1 110 ? -7.330  1.779   18.518  1.00 22.06 ? 110 LYS A CG  1 
ATOM   820  C  CD  . LYS A 1 110 ? -8.789  2.132   18.360  1.00 23.21 ? 110 LYS A CD  1 
ATOM   821  C  CE  . LYS A 1 110 ? -9.381  2.607   19.692  1.00 28.72 ? 110 LYS A CE  1 
ATOM   822  N  NZ  . LYS A 1 110 ? -10.842 2.897   19.588  1.00 30.33 ? 110 LYS A NZ  1 
ATOM   823  N  N   . LYS A 1 111 ? -4.446  -0.180  15.699  1.00 14.74 ? 111 LYS A N   1 
ATOM   824  C  CA  . LYS A 1 111 ? -3.943  -0.754  14.462  1.00 22.03 ? 111 LYS A CA  1 
ATOM   825  C  C   . LYS A 1 111 ? -4.928  -0.480  13.334  1.00 18.28 ? 111 LYS A C   1 
ATOM   826  O  O   . LYS A 1 111 ? -6.129  -0.750  13.457  1.00 18.64 ? 111 LYS A O   1 
ATOM   827  C  CB  . LYS A 1 111 ? -3.759  -2.267  14.583  1.00 22.28 ? 111 LYS A CB  1 
ATOM   828  C  CG  . LYS A 1 111 ? -2.716  -2.704  15.594  1.00 29.09 ? 111 LYS A CG  1 
ATOM   829  C  CD  . LYS A 1 111 ? -2.773  -4.224  15.789  1.00 41.41 ? 111 LYS A CD  1 
ATOM   830  C  CE  . LYS A 1 111 ? -2.538  -4.980  14.468  1.00 42.58 ? 111 LYS A CE  1 
ATOM   831  N  NZ  . LYS A 1 111 ? -2.521  -6.479  14.603  1.00 47.30 ? 111 LYS A NZ  1 
ATOM   832  N  N   . SER A 1 112 ? -4.411  0.046   12.238  1.00 15.87 ? 112 SER A N   1 
ATOM   833  C  CA  . SER A 1 112 ? -5.214  0.292   11.040  1.00 13.32 ? 112 SER A CA  1 
ATOM   834  C  C   . SER A 1 112 ? -4.974  -0.810  10.023  1.00 13.06 ? 112 SER A C   1 
ATOM   835  O  O   . SER A 1 112 ? -4.002  -1.566  10.117  1.00 11.37 ? 112 SER A O   1 
ATOM   836  C  CB  . SER A 1 112 ? -4.856  1.640   10.423  1.00 11.06 ? 112 SER A CB  1 
ATOM   837  O  OG  . SER A 1 112 ? -3.457  1.769   10.254  1.00 14.62 ? 112 SER A OG  1 
ATOM   838  N  N   . LEU A 1 113 ? -5.858  -0.906  9.047   1.00 12.20 ? 113 LEU A N   1 
ATOM   839  C  CA  . LEU A 1 113 ? -5.701  -1.903  8.001   1.00 13.22 ? 113 LEU A CA  1 
ATOM   840  C  C   . LEU A 1 113 ? -4.435  -1.639  7.180   1.00 13.09 ? 113 LEU A C   1 
ATOM   841  O  O   . LEU A 1 113 ? -3.747  -2.585  6.749   1.00 10.31 ? 113 LEU A O   1 
ATOM   842  C  CB  . LEU A 1 113 ? -6.940  -1.937  7.098   1.00 12.52 ? 113 LEU A CB  1 
ATOM   843  C  CG  . LEU A 1 113 ? -8.255  -2.310  7.796   1.00 15.23 ? 113 LEU A CG  1 
ATOM   844  C  CD1 . LEU A 1 113 ? -9.431  -2.128  6.838   1.00 14.49 ? 113 LEU A CD1 1 
ATOM   845  C  CD2 . LEU A 1 113 ? -8.207  -3.732  8.299   1.00 11.53 ? 113 LEU A CD2 1 
ATOM   846  N  N   . ILE A 1 114 ? -4.130  -0.361  6.957   1.00 11.63 ? 114 ILE A N   1 
ATOM   847  C  CA  . ILE A 1 114 ? -2.925  0.005   6.198   1.00 10.72 ? 114 ILE A CA  1 
ATOM   848  C  C   . ILE A 1 114 ? -1.648  -0.363  6.988   1.00 12.41 ? 114 ILE A C   1 
ATOM   849  O  O   . ILE A 1 114 ? -0.655  -0.814  6.413   1.00 12.17 ? 114 ILE A O   1 
ATOM   850  C  CB  . ILE A 1 114 ? -2.923  1.509   5.714   1.00 11.95 ? 114 ILE A CB  1 
ATOM   851  C  CG1 . ILE A 1 114 ? -1.779  1.781   4.726   1.00 12.61 ? 114 ILE A CG1 1 
ATOM   852  C  CG2 . ILE A 1 114 ? -2.768  2.481   6.860   1.00 7.97  ? 114 ILE A CG2 1 
ATOM   853  C  CD1 . ILE A 1 114 ? -1.992  1.198   3.374   1.00 22.61 ? 114 ILE A CD1 1 
ATOM   854  N  N   . ARG A 1 115 ? -1.692  -0.191  8.307   1.00 12.33 ? 115 ARG A N   1 
ATOM   855  C  CA  . ARG A 1 115 ? -0.555  -0.572  9.162   1.00 12.96 ? 115 ARG A CA  1 
ATOM   856  C  C   . ARG A 1 115 ? -0.361  -2.093  9.127   1.00 13.69 ? 115 ARG A C   1 
ATOM   857  O  O   . ARG A 1 115 ? 0.762   -2.604  9.005   1.00 12.65 ? 115 ARG A O   1 
ATOM   858  C  CB  . ARG A 1 115 ? -0.788  -0.120  10.603  1.00 13.93 ? 115 ARG A CB  1 
ATOM   859  C  CG  . ARG A 1 115 ? 0.250   -0.663  11.607  1.00 17.69 ? 115 ARG A CG  1 
ATOM   860  C  CD  . ARG A 1 115 ? 1.401   0.269   11.778  1.00 25.88 ? 115 ARG A CD  1 
ATOM   861  N  NE  . ARG A 1 115 ? 2.067   0.164   13.093  1.00 37.22 ? 115 ARG A NE  1 
ATOM   862  C  CZ  . ARG A 1 115 ? 3.000   -0.742  13.385  1.00 34.88 ? 115 ARG A CZ  1 
ATOM   863  N  NH1 . ARG A 1 115 ? 3.342   -1.632  12.471  1.00 40.20 ? 115 ARG A NH1 1 
ATOM   864  N  NH2 . ARG A 1 115 ? 3.592   -0.778  14.581  1.00 32.66 ? 115 ARG A NH2 1 
ATOM   865  N  N   . ASN A 1 116 ? -1.479  -2.807  9.238   1.00 15.28 ? 116 ASN A N   1 
ATOM   866  C  CA  . ASN A 1 116 ? -1.481  -4.270  9.224   1.00 13.57 ? 116 ASN A CA  1 
ATOM   867  C  C   . ASN A 1 116 ? -0.870  -4.809  7.944   1.00 13.33 ? 116 ASN A C   1 
ATOM   868  O  O   . ASN A 1 116 ? -0.120  -5.775  7.969   1.00 12.15 ? 116 ASN A O   1 
ATOM   869  C  CB  . ASN A 1 116 ? -2.906  -4.808  9.415   1.00 14.69 ? 116 ASN A CB  1 
ATOM   870  C  CG  . ASN A 1 116 ? -3.418  -4.619  10.838  1.00 24.44 ? 116 ASN A CG  1 
ATOM   871  O  OD1 . ASN A 1 116 ? -2.693  -4.134  11.711  1.00 26.64 ? 116 ASN A OD1 1 
ATOM   872  N  ND2 . ASN A 1 116 ? -4.673  -4.991  11.074  1.00 26.58 ? 116 ASN A ND2 1 
ATOM   873  N  N   . TRP A 1 117 ? -1.206  -4.182  6.818   1.00 11.58 ? 117 TRP A N   1 
ATOM   874  C  CA  . TRP A 1 117 ? -0.606  -4.538  5.540   1.00 10.69 ? 117 TRP A CA  1 
ATOM   875  C  C   . TRP A 1 117 ? 0.913   -4.293  5.538   1.00 11.37 ? 117 TRP A C   1 
ATOM   876  O  O   . TRP A 1 117 ? 1.700   -5.172  5.134   1.00 11.73 ? 117 TRP A O   1 
ATOM   877  C  CB  . TRP A 1 117 ? -1.286  -3.747  4.421   1.00 11.83 ? 117 TRP A CB  1 
ATOM   878  C  CG  . TRP A 1 117 ? -0.939  -4.192  3.016   1.00 12.90 ? 117 TRP A CG  1 
ATOM   879  C  CD1 . TRP A 1 117 ? -0.193  -5.270  2.658   1.00 15.04 ? 117 TRP A CD1 1 
ATOM   880  C  CD2 . TRP A 1 117 ? -1.371  -3.585  1.800   1.00 15.40 ? 117 TRP A CD2 1 
ATOM   881  N  NE1 . TRP A 1 117 ? -0.097  -5.359  1.293   1.00 17.63 ? 117 TRP A NE1 1 
ATOM   882  C  CE2 . TRP A 1 117 ? -0.824  -4.344  0.735   1.00 15.64 ? 117 TRP A CE2 1 
ATOM   883  C  CE3 . TRP A 1 117 ? -2.169  -2.479  1.500   1.00 14.40 ? 117 TRP A CE3 1 
ATOM   884  C  CZ2 . TRP A 1 117 ? -1.050  -4.032  -0.608  1.00 14.41 ? 117 TRP A CZ2 1 
ATOM   885  C  CZ3 . TRP A 1 117 ? -2.385  -2.165  0.152   1.00 16.42 ? 117 TRP A CZ3 1 
ATOM   886  C  CH2 . TRP A 1 117 ? -1.827  -2.943  -0.875  1.00 12.92 ? 117 TRP A CH2 1 
ATOM   887  N  N   . GLY A 1 118 ? 1.321   -3.111  6.000   1.00 13.19 ? 118 GLY A N   1 
ATOM   888  C  CA  . GLY A 1 118 ? 2.732   -2.795  6.136   1.00 13.91 ? 118 GLY A CA  1 
ATOM   889  C  C   . GLY A 1 118 ? 3.487   -3.788  7.024   1.00 14.11 ? 118 GLY A C   1 
ATOM   890  O  O   . GLY A 1 118 ? 4.601   -4.195  6.693   1.00 12.94 ? 118 GLY A O   1 
ATOM   891  N  N   . GLU A 1 119 ? 2.901   -4.168  8.158   1.00 12.45 ? 119 GLU A N   1 
ATOM   892  C  CA  . GLU A 1 119 ? 3.552   -5.146  9.026   1.00 13.20 ? 119 GLU A CA  1 
ATOM   893  C  C   . GLU A 1 119 ? 3.746   -6.474  8.284   1.00 13.20 ? 119 GLU A C   1 
ATOM   894  O  O   . GLU A 1 119 ? 4.789   -7.138  8.431   1.00 12.75 ? 119 GLU A O   1 
ATOM   895  C  CB  . GLU A 1 119 ? 2.762   -5.379  10.317  1.00 14.08 ? 119 GLU A CB  1 
ATOM   896  C  CG  . GLU A 1 119 ? 2.751   -4.187  11.269  1.00 22.98 ? 119 GLU A CG  1 
ATOM   897  C  CD  . GLU A 1 119 ? 2.052   -4.480  12.597  1.00 33.42 ? 119 GLU A CD  1 
ATOM   898  O  OE1 . GLU A 1 119 ? 1.632   -5.638  12.822  1.00 32.83 ? 119 GLU A OE1 1 
ATOM   899  O  OE2 . GLU A 1 119 ? 1.937   -3.541  13.420  1.00 30.41 ? 119 GLU A OE2 1 
ATOM   900  N  N   . ALA A 1 120 ? 2.740   -6.866  7.503   1.00 11.93 ? 120 ALA A N   1 
ATOM   901  C  CA  . ALA A 1 120 ? 2.779   -8.157  6.829   1.00 12.48 ? 120 ALA A CA  1 
ATOM   902  C  C   . ALA A 1 120 ? 3.829   -8.168  5.741   1.00 13.50 ? 120 ALA A C   1 
ATOM   903  O  O   . ALA A 1 120 ? 4.551   -9.163  5.586   1.00 12.05 ? 120 ALA A O   1 
ATOM   904  C  CB  . ALA A 1 120 ? 1.390   -8.567  6.281   1.00 12.05 ? 120 ALA A CB  1 
ATOM   905  N  N   . VAL A 1 121 ? 3.943   -7.062  5.005   1.00 9.72  ? 121 VAL A N   1 
ATOM   906  C  CA  . VAL A 1 121 ? 4.971   -6.958  3.975   1.00 11.82 ? 121 VAL A CA  1 
ATOM   907  C  C   . VAL A 1 121 ? 6.368   -6.920  4.593   1.00 13.51 ? 121 VAL A C   1 
ATOM   908  O  O   . VAL A 1 121 ? 7.267   -7.682  4.175   1.00 14.25 ? 121 VAL A O   1 
ATOM   909  C  CB  . VAL A 1 121 ? 4.791   -5.691  3.082   1.00 12.63 ? 121 VAL A CB  1 
ATOM   910  C  CG1 . VAL A 1 121 ? 5.998   -5.531  2.132   1.00 7.49  ? 121 VAL A CG1 1 
ATOM   911  C  CG2 . VAL A 1 121 ? 3.456   -5.772  2.275   1.00 10.47 ? 121 VAL A CG2 1 
ATOM   912  N  N   . PHE A 1 122 ? 6.563   -6.048  5.587   1.00 11.46 ? 122 PHE A N   1 
ATOM   913  C  CA  . PHE A 1 122 ? 7.913   -5.872  6.143   1.00 13.24 ? 122 PHE A CA  1 
ATOM   914  C  C   . PHE A 1 122 ? 8.345   -7.156  6.825   1.00 14.44 ? 122 PHE A C   1 
ATOM   915  O  O   . PHE A 1 122 ? 9.533   -7.512  6.815   1.00 13.51 ? 122 PHE A O   1 
ATOM   916  C  CB  . PHE A 1 122 ? 7.974   -4.719  7.150   1.00 13.47 ? 122 PHE A CB  1 
ATOM   917  C  CG  . PHE A 1 122 ? 8.017   -3.358  6.505   1.00 15.61 ? 122 PHE A CG  1 
ATOM   918  C  CD1 . PHE A 1 122 ? 7.541   -3.177  5.207   1.00 14.26 ? 122 PHE A CD1 1 
ATOM   919  C  CD2 . PHE A 1 122 ? 8.525   -2.266  7.184   1.00 15.66 ? 122 PHE A CD2 1 
ATOM   920  C  CE1 . PHE A 1 122 ? 7.571   -1.915  4.597   1.00 16.80 ? 122 PHE A CE1 1 
ATOM   921  C  CE2 . PHE A 1 122 ? 8.538   -0.995  6.579   1.00 15.44 ? 122 PHE A CE2 1 
ATOM   922  C  CZ  . PHE A 1 122 ? 8.066   -0.823  5.306   1.00 13.18 ? 122 PHE A CZ  1 
ATOM   923  N  N   . ASP A 1 123 ? 7.390   -7.852  7.432   1.00 14.41 ? 123 ASP A N   1 
ATOM   924  C  CA  . ASP A 1 123 ? 7.738   -9.101  8.134   1.00 15.34 ? 123 ASP A CA  1 
ATOM   925  C  C   . ASP A 1 123 ? 8.426   -10.133 7.228   1.00 18.04 ? 123 ASP A C   1 
ATOM   926  O  O   . ASP A 1 123 ? 9.275   -10.909 7.680   1.00 16.77 ? 123 ASP A O   1 
ATOM   927  C  CB  . ASP A 1 123 ? 6.527   -9.761  8.771   1.00 18.23 ? 123 ASP A CB  1 
ATOM   928  C  CG  . ASP A 1 123 ? 6.940   -10.806 9.793   1.00 31.03 ? 123 ASP A CG  1 
ATOM   929  O  OD1 . ASP A 1 123 ? 7.831   -10.495 10.639  1.00 30.39 ? 123 ASP A OD1 1 
ATOM   930  O  OD2 . ASP A 1 123 ? 6.404   -11.932 9.737   1.00 31.71 ? 123 ASP A OD2 1 
ATOM   931  N  N   . ILE A 1 124 ? 8.066   -10.140 5.947   1.00 14.62 ? 124 ILE A N   1 
ATOM   932  C  CA  . ILE A 1 124 ? 8.696   -11.062 5.027   1.00 13.51 ? 124 ILE A CA  1 
ATOM   933  C  C   . ILE A 1 124 ? 10.218  -10.852 4.987   1.00 19.77 ? 124 ILE A C   1 
ATOM   934  O  O   . ILE A 1 124 ? 10.972  -11.818 4.924   1.00 16.54 ? 124 ILE A O   1 
ATOM   935  C  CB  . ILE A 1 124 ? 8.071   -10.952 3.628   1.00 13.48 ? 124 ILE A CB  1 
ATOM   936  C  CG1 . ILE A 1 124 ? 6.583   -11.305 3.725   1.00 11.22 ? 124 ILE A CG1 1 
ATOM   937  C  CG2 . ILE A 1 124 ? 8.836   -11.839 2.626   1.00 15.01 ? 124 ILE A CG2 1 
ATOM   938  C  CD1 . ILE A 1 124 ? 5.788   -10.976 2.477   1.00 14.46 ? 124 ILE A CD1 1 
ATOM   939  N  N   . PHE A 1 125 ? 10.652  -9.589  5.051   1.00 14.89 ? 125 PHE A N   1 
ATOM   940  C  CA  . PHE A 1 125 ? 12.070  -9.221  4.939   1.00 16.89 ? 125 PHE A CA  1 
ATOM   941  C  C   . PHE A 1 125 ? 12.796  -9.205  6.289   1.00 17.67 ? 125 PHE A C   1 
ATOM   942  O  O   . PHE A 1 125 ? 13.992  -9.433  6.371   1.00 17.25 ? 125 PHE A O   1 
ATOM   943  C  CB  . PHE A 1 125 ? 12.208  -7.828  4.304   1.00 13.55 ? 125 PHE A CB  1 
ATOM   944  C  CG  . PHE A 1 125 ? 11.675  -7.752  2.893   1.00 13.69 ? 125 PHE A CG  1 
ATOM   945  C  CD1 . PHE A 1 125 ? 12.432  -8.232  1.823   1.00 12.74 ? 125 PHE A CD1 1 
ATOM   946  C  CD2 . PHE A 1 125 ? 10.408  -7.228  2.642   1.00 14.79 ? 125 PHE A CD2 1 
ATOM   947  C  CE1 . PHE A 1 125 ? 11.966  -8.157  0.541   1.00 15.24 ? 125 PHE A CE1 1 
ATOM   948  C  CE2 . PHE A 1 125 ? 9.916   -7.150  1.340   1.00 12.81 ? 125 PHE A CE2 1 
ATOM   949  C  CZ  . PHE A 1 125 ? 10.695  -7.626  0.289   1.00 16.28 ? 125 PHE A CZ  1 
ATOM   950  N  N   . ASP A 1 126 ? 12.045  -8.918  7.334   1.00 14.80 ? 126 ASP A N   1 
ATOM   951  C  CA  . ASP A 1 126 ? 12.586  -8.610  8.650   1.00 16.05 ? 126 ASP A CA  1 
ATOM   952  C  C   . ASP A 1 126 ? 13.125  -9.867  9.316   1.00 19.53 ? 126 ASP A C   1 
ATOM   953  O  O   . ASP A 1 126 ? 12.370  -10.773 9.640   1.00 24.15 ? 126 ASP A O   1 
ATOM   954  C  CB  . ASP A 1 126 ? 11.458  -8.000  9.491   1.00 16.98 ? 126 ASP A CB  1 
ATOM   955  C  CG  . ASP A 1 126 ? 11.926  -7.508  10.854  1.00 22.73 ? 126 ASP A CG  1 
ATOM   956  O  OD1 . ASP A 1 126 ? 13.152  -7.495  11.122  1.00 16.70 ? 126 ASP A OD1 1 
ATOM   957  O  OD2 . ASP A 1 126 ? 11.046  -7.114  11.645  1.00 19.12 ? 126 ASP A OD2 1 
ATOM   958  N  N   . LYS A 1 127 ? 14.437  -9.935  9.510   1.00 17.92 ? 127 LYS A N   1 
ATOM   959  C  CA  . LYS A 1 127 ? 15.030  -11.093 10.172  1.00 19.30 ? 127 LYS A CA  1 
ATOM   960  C  C   . LYS A 1 127 ? 15.441  -10.820 11.617  1.00 28.31 ? 127 LYS A C   1 
ATOM   961  O  O   . LYS A 1 127 ? 15.925  -11.733 12.300  1.00 27.53 ? 127 LYS A O   1 
ATOM   962  C  CB  . LYS A 1 127 ? 16.259  -11.607 9.403   1.00 19.14 ? 127 LYS A CB  1 
ATOM   963  C  CG  . LYS A 1 127 ? 15.965  -12.084 7.979   1.00 23.48 ? 127 LYS A CG  1 
ATOM   964  C  CD  . LYS A 1 127 ? 14.891  -13.164 7.961   1.00 25.23 ? 127 LYS A CD  1 
ATOM   965  C  CE  . LYS A 1 127 ? 14.743  -13.834 6.576   1.00 28.32 ? 127 LYS A CE  1 
ATOM   966  N  NZ  . LYS A 1 127 ? 14.149  -12.927 5.585   1.00 30.15 ? 127 LYS A NZ  1 
ATOM   967  N  N   . ASP A 1 128 ? 15.276  -9.588  12.093  1.00 21.54 ? 128 ASP A N   1 
ATOM   968  C  CA  . ASP A 1 128 ? 15.796  -9.259  13.434  1.00 26.88 ? 128 ASP A CA  1 
ATOM   969  C  C   . ASP A 1 128 ? 14.765  -8.635  14.391  1.00 24.25 ? 128 ASP A C   1 
ATOM   970  O  O   . ASP A 1 128 ? 15.109  -8.251  15.505  1.00 22.53 ? 128 ASP A O   1 
ATOM   971  C  CB  . ASP A 1 128 ? 17.049  -8.377  13.330  1.00 20.96 ? 128 ASP A CB  1 
ATOM   972  C  CG  . ASP A 1 128 ? 16.750  -7.019  12.729  1.00 25.51 ? 128 ASP A CG  1 
ATOM   973  O  OD1 . ASP A 1 128 ? 15.574  -6.773  12.395  1.00 24.02 ? 128 ASP A OD1 1 
ATOM   974  O  OD2 . ASP A 1 128 ? 17.673  -6.193  12.582  1.00 26.12 ? 128 ASP A OD2 1 
ATOM   975  N  N   . GLY A 1 129 ? 13.506  -8.551  13.967  1.00 22.76 ? 129 GLY A N   1 
ATOM   976  C  CA  . GLY A 1 129 ? 12.455  -7.996  14.803  1.00 18.74 ? 129 GLY A CA  1 
ATOM   977  C  C   . GLY A 1 129 ? 12.360  -6.478  14.774  1.00 17.60 ? 129 GLY A C   1 
ATOM   978  O  O   . GLY A 1 129 ? 11.711  -5.863  15.621  1.00 17.11 ? 129 GLY A O   1 
ATOM   979  N  N   . SER A 1 130 ? 12.977  -5.862  13.778  1.00 16.42 ? 130 SER A N   1 
ATOM   980  C  CA  . SER A 1 130 ? 13.046  -4.405  13.739  1.00 17.56 ? 130 SER A CA  1 
ATOM   981  C  C   . SER A 1 130 ? 11.818  -3.739  13.113  1.00 15.57 ? 130 SER A C   1 
ATOM   982  O  O   . SER A 1 130 ? 11.615  -2.542  13.275  1.00 21.17 ? 130 SER A O   1 
ATOM   983  C  CB  . SER A 1 130 ? 14.304  -3.945  13.013  1.00 17.97 ? 130 SER A CB  1 
ATOM   984  O  OG  . SER A 1 130 ? 14.163  -4.168  11.631  1.00 19.59 ? 130 SER A OG  1 
ATOM   985  N  N   . GLY A 1 131 ? 11.000  -4.501  12.401  1.00 16.06 ? 131 GLY A N   1 
ATOM   986  C  CA  . GLY A 1 131 ? 9.851   -3.913  11.734  1.00 14.57 ? 131 GLY A CA  1 
ATOM   987  C  C   . GLY A 1 131 ? 10.335  -2.834  10.781  1.00 16.73 ? 131 GLY A C   1 
ATOM   988  O  O   . GLY A 1 131 ? 9.703   -1.789  10.632  1.00 18.79 ? 131 GLY A O   1 
ATOM   989  N  N   . SER A 1 132 ? 11.470  -3.089  10.138  1.00 16.91 ? 132 SER A N   1 
ATOM   990  C  CA  . SER A 1 132 ? 12.056  -2.126  9.221   1.00 16.36 ? 132 SER A CA  1 
ATOM   991  C  C   . SER A 1 132 ? 12.636  -2.853  8.009   1.00 18.17 ? 132 SER A C   1 
ATOM   992  O  O   . SER A 1 132 ? 12.956  -4.045  8.087   1.00 15.54 ? 132 SER A O   1 
ATOM   993  C  CB  . SER A 1 132 ? 13.137  -1.306  9.932   1.00 16.61 ? 132 SER A CB  1 
ATOM   994  O  OG  . SER A 1 132 ? 14.308  -2.068  10.142  1.00 19.39 ? 132 SER A OG  1 
ATOM   995  N  N   . ILE A 1 133 ? 12.740  -2.142  6.878   1.00 13.45 ? 133 ILE A N   1 
ATOM   996  C  CA  . ILE A 1 133 ? 13.350  -2.709  5.690   1.00 12.65 ? 133 ILE A CA  1 
ATOM   997  C  C   . ILE A 1 133 ? 14.437  -1.794  5.120   1.00 14.61 ? 133 ILE A C   1 
ATOM   998  O  O   . ILE A 1 133 ? 14.401  -0.564  5.273   1.00 14.14 ? 133 ILE A O   1 
ATOM   999  C  CB  . ILE A 1 133 ? 12.306  -3.028  4.576   1.00 13.73 ? 133 ILE A CB  1 
ATOM   1000 C  CG1 . ILE A 1 133 ? 11.509  -1.764  4.214   1.00 11.76 ? 133 ILE A CG1 1 
ATOM   1001 C  CG2 . ILE A 1 133 ? 11.393  -4.204  5.007   1.00 14.31 ? 133 ILE A CG2 1 
ATOM   1002 C  CD1 . ILE A 1 133 ? 10.715  -1.852  2.870   1.00 13.18 ? 133 ILE A CD1 1 
ATOM   1003 N  N   . SER A 1 134 ? 15.371  -2.404  4.417   1.00 12.79 ? 134 SER A N   1 
ATOM   1004 C  CA  . SER A 1 134 ? 16.443  -1.646  3.783   1.00 18.35 ? 134 SER A CA  1 
ATOM   1005 C  C   . SER A 1 134 ? 16.017  -1.134  2.415   1.00 14.44 ? 134 SER A C   1 
ATOM   1006 O  O   . SER A 1 134 ? 14.962  -1.517  1.876   1.00 14.62 ? 134 SER A O   1 
ATOM   1007 C  CB  . SER A 1 134 ? 17.696  -2.512  3.642   1.00 12.97 ? 134 SER A CB  1 
ATOM   1008 O  OG  . SER A 1 134 ? 17.505  -3.500  2.652   1.00 18.27 ? 134 SER A OG  1 
ATOM   1009 N  N   . LEU A 1 135 ? 16.854  -0.276  1.856   1.00 16.36 ? 135 LEU A N   1 
ATOM   1010 C  CA  . LEU A 1 135 ? 16.645  0.235   0.513   1.00 16.71 ? 135 LEU A CA  1 
ATOM   1011 C  C   . LEU A 1 135 ? 16.593  -0.896  -0.507  1.00 14.15 ? 135 LEU A C   1 
ATOM   1012 O  O   . LEU A 1 135 ? 15.753  -0.888  -1.405  1.00 14.46 ? 135 LEU A O   1 
ATOM   1013 C  CB  . LEU A 1 135 ? 17.756  1.214   0.141   1.00 16.23 ? 135 LEU A CB  1 
ATOM   1014 C  CG  . LEU A 1 135 ? 17.683  1.670   -1.312  1.00 19.08 ? 135 LEU A CG  1 
ATOM   1015 C  CD1 . LEU A 1 135 ? 16.303  2.233   -1.610  1.00 16.32 ? 135 LEU A CD1 1 
ATOM   1016 C  CD2 . LEU A 1 135 ? 18.766  2.709   -1.554  1.00 20.04 ? 135 LEU A CD2 1 
ATOM   1017 N  N   . ASP A 1 136 ? 17.509  -1.852  -0.394  1.00 13.53 ? 136 ASP A N   1 
ATOM   1018 C  CA  . ASP A 1 136 ? 17.540  -2.978  -1.333  1.00 17.65 ? 136 ASP A CA  1 
ATOM   1019 C  C   . ASP A 1 136 ? 16.290  -3.857  -1.230  1.00 14.54 ? 136 ASP A C   1 
ATOM   1020 O  O   . ASP A 1 136 ? 15.799  -4.380  -2.226  1.00 12.81 ? 136 ASP A O   1 
ATOM   1021 C  CB  . ASP A 1 136 ? 18.798  -3.838  -1.121  1.00 16.26 ? 136 ASP A CB  1 
ATOM   1022 C  CG  . ASP A 1 136 ? 20.073  -3.112  -1.516  1.00 24.49 ? 136 ASP A CG  1 
ATOM   1023 O  OD1 . ASP A 1 136 ? 20.137  -2.558  -2.635  1.00 23.19 ? 136 ASP A OD1 1 
ATOM   1024 O  OD2 . ASP A 1 136 ? 21.009  -3.099  -0.696  1.00 27.56 ? 136 ASP A OD2 1 
ATOM   1025 N  N   . GLU A 1 137 ? 15.773  -4.018  -0.021  1.00 12.30 ? 137 GLU A N   1 
ATOM   1026 C  CA  . GLU A 1 137 ? 14.548  -4.793  0.159   1.00 11.46 ? 137 GLU A CA  1 
ATOM   1027 C  C   . GLU A 1 137 ? 13.331  -4.069  -0.415  1.00 13.95 ? 137 GLU A C   1 
ATOM   1028 O  O   . GLU A 1 137 ? 12.433  -4.691  -0.992  1.00 13.02 ? 137 GLU A O   1 
ATOM   1029 C  CB  . GLU A 1 137 ? 14.357  -5.123  1.638   1.00 13.08 ? 137 GLU A CB  1 
ATOM   1030 C  CG  . GLU A 1 137 ? 15.361  -6.166  2.110   1.00 13.97 ? 137 GLU A CG  1 
ATOM   1031 C  CD  . GLU A 1 137 ? 15.496  -6.194  3.609   1.00 17.55 ? 137 GLU A CD  1 
ATOM   1032 O  OE1 . GLU A 1 137 ? 15.059  -5.216  4.266   1.00 13.05 ? 137 GLU A OE1 1 
ATOM   1033 O  OE2 . GLU A 1 137 ? 16.033  -7.197  4.128   1.00 16.36 ? 137 GLU A OE2 1 
ATOM   1034 N  N   . TRP A 1 138 ? 13.324  -2.750  -0.280  1.00 13.16 ? 138 TRP A N   1 
ATOM   1035 C  CA  . TRP A 1 138 ? 12.266  -1.956  -0.896  1.00 13.79 ? 138 TRP A CA  1 
ATOM   1036 C  C   . TRP A 1 138 ? 12.367  -2.021  -2.437  1.00 14.42 ? 138 TRP A C   1 
ATOM   1037 O  O   . TRP A 1 138 ? 11.349  -2.104  -3.120  1.00 14.85 ? 138 TRP A O   1 
ATOM   1038 C  CB  . TRP A 1 138 ? 12.304  -0.519  -0.374  1.00 13.94 ? 138 TRP A CB  1 
ATOM   1039 C  CG  . TRP A 1 138 ? 11.230  0.366   -0.932  1.00 13.52 ? 138 TRP A CG  1 
ATOM   1040 C  CD1 . TRP A 1 138 ? 11.410  1.519   -1.664  1.00 14.66 ? 138 TRP A CD1 1 
ATOM   1041 C  CD2 . TRP A 1 138 ? 9.814   0.174   -0.829  1.00 15.81 ? 138 TRP A CD2 1 
ATOM   1042 N  NE1 . TRP A 1 138 ? 10.193  2.065   -1.991  1.00 16.17 ? 138 TRP A NE1 1 
ATOM   1043 C  CE2 . TRP A 1 138 ? 9.194   1.254   -1.507  1.00 14.37 ? 138 TRP A CE2 1 
ATOM   1044 C  CE3 . TRP A 1 138 ? 9.006   -0.802  -0.230  1.00 11.83 ? 138 TRP A CE3 1 
ATOM   1045 C  CZ2 . TRP A 1 138 ? 7.800   1.384   -1.604  1.00 14.48 ? 138 TRP A CZ2 1 
ATOM   1046 C  CZ3 . TRP A 1 138 ? 7.623   -0.664  -0.318  1.00 14.39 ? 138 TRP A CZ3 1 
ATOM   1047 C  CH2 . TRP A 1 138 ? 7.033   0.428   -0.994  1.00 15.87 ? 138 TRP A CH2 1 
ATOM   1048 N  N   . LYS A 1 139 ? 13.592  -1.991  -2.972  1.00 13.90 ? 139 LYS A N   1 
ATOM   1049 C  CA  . LYS A 1 139 ? 13.805  -2.202  -4.411  1.00 17.68 ? 139 LYS A CA  1 
ATOM   1050 C  C   . LYS A 1 139 ? 13.240  -3.545  -4.859  1.00 15.81 ? 139 LYS A C   1 
ATOM   1051 O  O   . LYS A 1 139 ? 12.606  -3.645  -5.906  1.00 15.49 ? 139 LYS A O   1 
ATOM   1052 C  CB  . LYS A 1 139 ? 15.291  -2.097  -4.777  1.00 16.12 ? 139 LYS A CB  1 
ATOM   1053 C  CG  . LYS A 1 139 ? 15.769  -0.654  -4.822  1.00 14.98 ? 139 LYS A CG  1 
ATOM   1054 C  CD  . LYS A 1 139 ? 17.297  -0.536  -4.979  1.00 24.56 ? 139 LYS A CD  1 
ATOM   1055 C  CE  . LYS A 1 139 ? 17.733  0.930   -4.895  1.00 20.80 ? 139 LYS A CE  1 
ATOM   1056 N  NZ  . LYS A 1 139 ? 19.219  1.130   -5.120  1.00 21.84 ? 139 LYS A NZ  1 
ATOM   1057 N  N   . THR A 1 140 ? 13.462  -4.574  -4.052  1.00 14.42 ? 140 THR A N   1 
ATOM   1058 C  CA  . THR A 1 140 ? 12.961  -5.887  -4.367  1.00 13.78 ? 140 THR A CA  1 
ATOM   1059 C  C   . THR A 1 140 ? 11.442  -5.917  -4.380  1.00 16.21 ? 140 THR A C   1 
ATOM   1060 O  O   . THR A 1 140 ? 10.854  -6.351  -5.365  1.00 14.41 ? 140 THR A O   1 
ATOM   1061 C  CB  . THR A 1 140 ? 13.503  -6.945  -3.403  1.00 16.40 ? 140 THR A CB  1 
ATOM   1062 O  OG1 . THR A 1 140 ? 14.930  -6.969  -3.516  1.00 16.33 ? 140 THR A OG1 1 
ATOM   1063 C  CG2 . THR A 1 140 ? 12.944  -8.327  -3.756  1.00 24.48 ? 140 THR A CG2 1 
ATOM   1064 N  N   . TYR A 1 141 ? 10.822  -5.462  -3.291  1.00 12.09 ? 141 TYR A N   1 
ATOM   1065 C  CA  . TYR A 1 141 ? 9.381   -5.474  -3.192  1.00 14.57 ? 141 TYR A CA  1 
ATOM   1066 C  C   . TYR A 1 141 ? 8.819   -4.580  -4.303  1.00 13.54 ? 141 TYR A C   1 
ATOM   1067 O  O   . TYR A 1 141 ? 7.905   -4.975  -5.017  1.00 18.20 ? 141 TYR A O   1 
ATOM   1068 C  CB  . TYR A 1 141 ? 8.882   -4.965  -1.819  1.00 17.71 ? 141 TYR A CB  1 
ATOM   1069 C  CG  . TYR A 1 141 ? 7.378   -4.808  -1.850  1.00 17.51 ? 141 TYR A CG  1 
ATOM   1070 C  CD1 . TYR A 1 141 ? 6.560   -5.908  -1.649  1.00 16.28 ? 141 TYR A CD1 1 
ATOM   1071 C  CD2 . TYR A 1 141 ? 6.780   -3.587  -2.178  1.00 17.89 ? 141 TYR A CD2 1 
ATOM   1072 C  CE1 . TYR A 1 141 ? 5.179   -5.809  -1.725  1.00 15.86 ? 141 TYR A CE1 1 
ATOM   1073 C  CE2 . TYR A 1 141 ? 5.390   -3.482  -2.268  1.00 16.63 ? 141 TYR A CE2 1 
ATOM   1074 C  CZ  . TYR A 1 141 ? 4.605   -4.606  -2.032  1.00 18.49 ? 141 TYR A CZ  1 
ATOM   1075 O  OH  . TYR A 1 141 ? 3.235   -4.550  -2.105  1.00 19.53 ? 141 TYR A OH  1 
ATOM   1076 N  N   . GLY A 1 142 ? 9.380   -3.382  -4.433  1.00 14.02 ? 142 GLY A N   1 
ATOM   1077 C  CA  . GLY A 1 142 ? 8.949   -2.427  -5.449  1.00 17.44 ? 142 GLY A CA  1 
ATOM   1078 C  C   . GLY A 1 142 ? 8.937   -3.013  -6.855  1.00 18.69 ? 142 GLY A C   1 
ATOM   1079 O  O   . GLY A 1 142 ? 7.976   -2.858  -7.602  1.00 16.10 ? 142 GLY A O   1 
ATOM   1080 N  N   . GLY A 1 143 ? 10.005  -3.703  -7.236  1.00 15.76 ? 143 GLY A N   1 
ATOM   1081 C  CA  . GLY A 1 143 ? 10.053  -4.288  -8.571  1.00 15.89 ? 143 GLY A CA  1 
ATOM   1082 C  C   . GLY A 1 143 ? 9.159   -5.500  -8.779  1.00 18.83 ? 143 GLY A C   1 
ATOM   1083 O  O   . GLY A 1 143 ? 8.626   -5.719  -9.881  1.00 17.18 ? 143 GLY A O   1 
ATOM   1084 N  N   . ILE A 1 144 ? 8.979   -6.304  -7.732  1.00 15.35 ? 144 ILE A N   1 
ATOM   1085 C  CA  . ILE A 1 144 ? 8.128   -7.492  -7.862  1.00 16.55 ? 144 ILE A CA  1 
ATOM   1086 C  C   . ILE A 1 144 ? 6.632   -7.137  -7.870  1.00 18.67 ? 144 ILE A C   1 
ATOM   1087 O  O   . ILE A 1 144 ? 5.873   -7.683  -8.657  1.00 15.53 ? 144 ILE A O   1 
ATOM   1088 C  CB  . ILE A 1 144 ? 8.398   -8.536  -6.765  1.00 14.55 ? 144 ILE A CB  1 
ATOM   1089 C  CG1 . ILE A 1 144 ? 9.737   -9.228  -7.015  1.00 17.15 ? 144 ILE A CG1 1 
ATOM   1090 C  CG2 . ILE A 1 144 ? 7.303   -9.565  -6.748  1.00 17.25 ? 144 ILE A CG2 1 
ATOM   1091 C  CD1 . ILE A 1 144 ? 10.189  -10.080 -5.840  1.00 19.13 ? 144 ILE A CD1 1 
ATOM   1092 N  N   . SER A 1 145 ? 6.218   -6.238  -6.981  1.00 15.73 ? 145 SER A N   1 
ATOM   1093 C  CA  . SER A 1 145 ? 4.829   -5.779  -6.971  1.00 16.60 ? 145 SER A CA  1 
ATOM   1094 C  C   . SER A 1 145 ? 4.546   -4.841  -8.144  1.00 17.71 ? 145 SER A C   1 
ATOM   1095 O  O   . SER A 1 145 ? 3.416   -4.767  -8.608  1.00 18.70 ? 145 SER A O   1 
ATOM   1096 C  CB  . SER A 1 145 ? 4.505   -5.058  -5.658  1.00 14.83 ? 145 SER A CB  1 
ATOM   1097 O  OG  . SER A 1 145 ? 5.188   -3.830  -5.582  1.00 15.58 ? 145 SER A OG  1 
ATOM   1098 N  N   . GLY A 1 146 ? 5.576   -4.119  -8.594  1.00 15.34 ? 146 GLY A N   1 
ATOM   1099 C  CA  . GLY A 1 146 ? 5.459   -3.143  -9.670  1.00 15.93 ? 146 GLY A CA  1 
ATOM   1100 C  C   . GLY A 1 146 ? 5.182   -1.717  -9.218  1.00 16.47 ? 146 GLY A C   1 
ATOM   1101 O  O   . GLY A 1 146 ? 5.199   -0.776  -10.008 1.00 14.85 ? 146 GLY A O   1 
ATOM   1102 N  N   . ILE A 1 147 ? 4.948   -1.514  -7.931  1.00 15.72 ? 147 ILE A N   1 
ATOM   1103 C  CA  . ILE A 1 147 ? 4.549   -0.175  -7.496  1.00 16.93 ? 147 ILE A CA  1 
ATOM   1104 C  C   . ILE A 1 147 ? 5.727   0.818   -7.360  1.00 18.63 ? 147 ILE A C   1 
ATOM   1105 O  O   . ILE A 1 147 ? 5.520   2.029   -7.281  1.00 16.82 ? 147 ILE A O   1 
ATOM   1106 C  CB  . ILE A 1 147 ? 3.715   -0.224  -6.184  1.00 16.31 ? 147 ILE A CB  1 
ATOM   1107 C  CG1 . ILE A 1 147 ? 2.967   1.108   -5.988  1.00 15.01 ? 147 ILE A CG1 1 
ATOM   1108 C  CG2 . ILE A 1 147 ? 4.610   -0.600  -4.996  1.00 14.14 ? 147 ILE A CG2 1 
ATOM   1109 C  CD1 . ILE A 1 147 ? 1.875   1.049   -4.920  1.00 14.82 ? 147 ILE A CD1 1 
ATOM   1110 N  N   . CYS A 1 148 ? 6.951   0.293   -7.318  1.00 18.86 ? 148 CYS A N   1 
ATOM   1111 C  CA  . CYS A 1 148 ? 8.147   1.116   -7.366  1.00 19.73 ? 148 CYS A CA  1 
ATOM   1112 C  C   . CYS A 1 148 ? 9.100   0.474   -8.359  1.00 24.11 ? 148 CYS A C   1 
ATOM   1113 O  O   . CYS A 1 148 ? 10.064  -0.182  -7.964  1.00 24.22 ? 148 CYS A O   1 
ATOM   1114 C  CB  . CYS A 1 148 ? 8.789   1.240   -5.975  1.00 23.82 ? 148 CYS A CB  1 
ATOM   1115 S  SG  . CYS A 1 148 ? 9.535   2.883   -5.708  1.00 31.73 ? 148 CYS A SG  1 
ATOM   1116 N  N   . PRO A 1 149 ? 8.808   0.653   -9.660  1.00 21.02 ? 149 PRO A N   1 
ATOM   1117 C  CA  . PRO A 1 149 ? 9.362   -0.148  -10.760 1.00 24.41 ? 149 PRO A CA  1 
ATOM   1118 C  C   . PRO A 1 149 ? 10.723  0.298   -11.265 1.00 22.11 ? 149 PRO A C   1 
ATOM   1119 O  O   . PRO A 1 149 ? 11.164  -0.192  -12.301 1.00 30.48 ? 149 PRO A O   1 
ATOM   1120 C  CB  . PRO A 1 149 ? 8.324   0.061   -11.868 1.00 19.10 ? 149 PRO A CB  1 
ATOM   1121 C  CG  . PRO A 1 149 ? 7.964   1.470   -11.703 1.00 19.37 ? 149 PRO A CG  1 
ATOM   1122 C  CD  . PRO A 1 149 ? 7.775   1.576   -10.166 1.00 19.58 ? 149 PRO A CD  1 
ATOM   1123 N  N   . SER A 1 150 ? 11.370  1.230   -10.581 1.00 25.21 ? 150 SER A N   1 
ATOM   1124 C  CA  . SER A 1 150 ? 12.762  1.514   -10.889 1.00 24.20 ? 150 SER A CA  1 
ATOM   1125 C  C   . SER A 1 150 ? 13.549  1.796   -9.617  1.00 19.95 ? 150 SER A C   1 
ATOM   1126 O  O   . SER A 1 150 ? 12.998  2.270   -8.618  1.00 18.75 ? 150 SER A O   1 
ATOM   1127 C  CB  . SER A 1 150 ? 12.879  2.676   -11.865 1.00 22.41 ? 150 SER A CB  1 
ATOM   1128 O  OG  . SER A 1 150 ? 12.773  3.915   -11.200 1.00 18.11 ? 150 SER A OG  1 
ATOM   1129 N  N   . ASP A 1 151 ? 14.842  1.495   -9.656  1.00 20.47 ? 151 ASP A N   1 
ATOM   1130 C  CA  . ASP A 1 151 ? 15.703  1.732   -8.508  1.00 21.34 ? 151 ASP A CA  1 
ATOM   1131 C  C   . ASP A 1 151 ? 15.721  3.200   -8.105  1.00 17.81 ? 151 ASP A C   1 
ATOM   1132 O  O   . ASP A 1 151 ? 15.810  3.524   -6.938  1.00 18.24 ? 151 ASP A O   1 
ATOM   1133 C  CB  . ASP A 1 151 ? 17.130  1.240   -8.794  1.00 27.60 ? 151 ASP A CB  1 
ATOM   1134 C  CG  . ASP A 1 151 ? 17.215  -0.268  -8.818  1.00 28.64 ? 151 ASP A CG  1 
ATOM   1135 O  OD1 . ASP A 1 151 ? 16.307  -0.916  -8.245  1.00 29.60 ? 151 ASP A OD1 1 
ATOM   1136 O  OD2 . ASP A 1 151 ? 18.169  -0.806  -9.413  1.00 31.93 ? 151 ASP A OD2 1 
ATOM   1137 N  N   . GLU A 1 152 ? 15.636  4.087   -9.077  1.00 18.10 ? 152 GLU A N   1 
ATOM   1138 C  CA  . GLU A 1 152 ? 15.666  5.520   -8.786  1.00 19.95 ? 152 GLU A CA  1 
ATOM   1139 C  C   . GLU A 1 152 ? 14.451  5.960   -7.982  1.00 17.68 ? 152 GLU A C   1 
ATOM   1140 O  O   . GLU A 1 152 ? 14.565  6.776   -7.079  1.00 21.02 ? 152 GLU A O   1 
ATOM   1141 C  CB  . GLU A 1 152 ? 15.761  6.327   -10.088 1.00 20.65 ? 152 GLU A CB  1 
ATOM   1142 C  CG  . GLU A 1 152 ? 17.109  6.206   -10.800 1.00 27.92 ? 152 GLU A CG  1 
ATOM   1143 C  CD  . GLU A 1 152 ? 17.413  4.799   -11.365 1.00 35.64 ? 152 GLU A CD  1 
ATOM   1144 O  OE1 . GLU A 1 152 ? 16.487  4.059   -11.808 1.00 28.33 ? 152 GLU A OE1 1 
ATOM   1145 O  OE2 . GLU A 1 152 ? 18.609  4.444   -11.379 1.00 35.49 ? 152 GLU A OE2 1 
ATOM   1146 N  N   . ASP A 1 153 ? 13.284  5.429   -8.331  1.00 16.52 ? 153 ASP A N   1 
ATOM   1147 C  CA  . ASP A 1 153 ? 12.060  5.712   -7.597  1.00 17.01 ? 153 ASP A CA  1 
ATOM   1148 C  C   . ASP A 1 153 ? 12.143  5.169   -6.175  1.00 15.50 ? 153 ASP A C   1 
ATOM   1149 O  O   . ASP A 1 153 ? 11.758  5.867   -5.231  1.00 15.80 ? 153 ASP A O   1 
ATOM   1150 C  CB  . ASP A 1 153 ? 10.837  5.123   -8.308  1.00 17.24 ? 153 ASP A CB  1 
ATOM   1151 C  CG  . ASP A 1 153 ? 10.531  5.840   -9.591  1.00 19.16 ? 153 ASP A CG  1 
ATOM   1152 O  OD1 . ASP A 1 153 ? 10.621  7.084   -9.592  1.00 19.64 ? 153 ASP A OD1 1 
ATOM   1153 O  OD2 . ASP A 1 153 ? 10.243  5.152   -10.592 1.00 23.58 ? 153 ASP A OD2 1 
ATOM   1154 N  N   . ALA A 1 154 ? 12.661  3.946   -6.028  1.00 15.59 ? 154 ALA A N   1 
ATOM   1155 C  CA  . ALA A 1 154 ? 12.854  3.356   -4.704  1.00 16.81 ? 154 ALA A CA  1 
ATOM   1156 C  C   . ALA A 1 154 ? 13.792  4.227   -3.886  1.00 14.22 ? 154 ALA A C   1 
ATOM   1157 O  O   . ALA A 1 154 ? 13.540  4.490   -2.697  1.00 13.88 ? 154 ALA A O   1 
ATOM   1158 C  CB  . ALA A 1 154 ? 13.374  1.898   -4.793  1.00 15.93 ? 154 ALA A CB  1 
ATOM   1159 N  N   . GLU A 1 155 ? 14.876  4.690   -4.515  1.00 16.29 ? 155 GLU A N   1 
ATOM   1160 C  CA  . GLU A 1 155 ? 15.771  5.620   -3.829  1.00 19.04 ? 155 GLU A CA  1 
ATOM   1161 C  C   . GLU A 1 155 ? 15.034  6.877   -3.396  1.00 13.68 ? 155 GLU A C   1 
ATOM   1162 O  O   . GLU A 1 155 ? 15.248  7.369   -2.300  1.00 12.70 ? 155 GLU A O   1 
ATOM   1163 C  CB  . GLU A 1 155 ? 17.006  5.949   -4.671  1.00 17.13 ? 155 GLU A CB  1 
ATOM   1164 C  CG  . GLU A 1 155 ? 18.002  4.830   -4.583  1.00 22.85 ? 155 GLU A CG  1 
ATOM   1165 C  CD  . GLU A 1 155 ? 19.061  4.877   -5.652  1.00 32.11 ? 155 GLU A CD  1 
ATOM   1166 O  OE1 . GLU A 1 155 ? 19.085  5.850   -6.443  1.00 29.56 ? 155 GLU A OE1 1 
ATOM   1167 O  OE2 . GLU A 1 155 ? 19.866  3.922   -5.699  1.00 35.80 ? 155 GLU A OE2 1 
ATOM   1168 N  N   . LYS A 1 156 ? 14.135  7.375   -4.248  1.00 15.44 ? 156 LYS A N   1 
ATOM   1169 C  CA  . LYS A 1 156 ? 13.369  8.571   -3.896  1.00 15.84 ? 156 LYS A CA  1 
ATOM   1170 C  C   . LYS A 1 156 ? 12.483  8.363   -2.669  1.00 14.93 ? 156 LYS A C   1 
ATOM   1171 O  O   . LYS A 1 156 ? 12.351  9.260   -1.858  1.00 14.74 ? 156 LYS A O   1 
ATOM   1172 C  CB  . LYS A 1 156 ? 12.557  9.107   -5.084  1.00 14.23 ? 156 LYS A CB  1 
ATOM   1173 C  CG  . LYS A 1 156 ? 13.442  9.814   -6.150  1.00 18.01 ? 156 LYS A CG  1 
ATOM   1174 C  CD  . LYS A 1 156 ? 12.666  10.072  -7.444  1.00 20.58 ? 156 LYS A CD  1 
ATOM   1175 C  CE  . LYS A 1 156 ? 13.495  10.830  -8.472  1.00 29.83 ? 156 LYS A CE  1 
ATOM   1176 N  NZ  . LYS A 1 156 ? 13.693  12.255  -8.049  1.00 41.87 ? 156 LYS A NZ  1 
ATOM   1177 N  N   . THR A 1 157 ? 11.888  7.180   -2.547  1.00 16.15 ? 157 THR A N   1 
ATOM   1178 C  CA  . THR A 1 157 ? 11.089  6.830   -1.374  1.00 14.93 ? 157 THR A CA  1 
ATOM   1179 C  C   . THR A 1 157 ? 11.933  6.994   -0.109  1.00 12.57 ? 157 THR A C   1 
ATOM   1180 O  O   . THR A 1 157 ? 11.515  7.615   0.864   1.00 14.72 ? 157 THR A O   1 
ATOM   1181 C  CB  . THR A 1 157 ? 10.624  5.362   -1.455  1.00 14.08 ? 157 THR A CB  1 
ATOM   1182 O  OG1 . THR A 1 157 ? 9.817   5.169   -2.637  1.00 16.94 ? 157 THR A OG1 1 
ATOM   1183 C  CG2 . THR A 1 157 ? 9.857   4.956   -0.187  1.00 15.94 ? 157 THR A CG2 1 
ATOM   1184 N  N   . PHE A 1 158 ? 13.128  6.428   -0.128  1.00 13.49 ? 158 PHE A N   1 
ATOM   1185 C  CA  . PHE A 1 158 ? 13.991  6.487   1.052   1.00 14.03 ? 158 PHE A CA  1 
ATOM   1186 C  C   . PHE A 1 158 ? 14.521  7.886   1.322   1.00 16.77 ? 158 PHE A C   1 
ATOM   1187 O  O   . PHE A 1 158 ? 14.598  8.299   2.477   1.00 17.27 ? 158 PHE A O   1 
ATOM   1188 C  CB  . PHE A 1 158 ? 15.122  5.476   0.961   1.00 14.94 ? 158 PHE A CB  1 
ATOM   1189 C  CG  . PHE A 1 158 ? 14.752  4.128   1.501   1.00 16.77 ? 158 PHE A CG  1 
ATOM   1190 C  CD1 . PHE A 1 158 ? 13.655  3.437   0.986   1.00 16.16 ? 158 PHE A CD1 1 
ATOM   1191 C  CD2 . PHE A 1 158 ? 15.472  3.559   2.557   1.00 14.52 ? 158 PHE A CD2 1 
ATOM   1192 C  CE1 . PHE A 1 158 ? 13.294  2.179   1.507   1.00 18.13 ? 158 PHE A CE1 1 
ATOM   1193 C  CE2 . PHE A 1 158 ? 15.118  2.321   3.083   1.00 12.03 ? 158 PHE A CE2 1 
ATOM   1194 C  CZ  . PHE A 1 158 ? 14.039  1.622   2.563   1.00 16.84 ? 158 PHE A CZ  1 
ATOM   1195 N  N   . LYS A 1 159 ? 14.876  8.617   0.270   1.00 16.45 ? 159 LYS A N   1 
ATOM   1196 C  CA  . LYS A 1 159 ? 15.286  10.014  0.438   1.00 15.89 ? 159 LYS A CA  1 
ATOM   1197 C  C   . LYS A 1 159 ? 14.132  10.813  1.030   1.00 17.62 ? 159 LYS A C   1 
ATOM   1198 O  O   . LYS A 1 159 ? 14.294  11.614  1.961   1.00 17.64 ? 159 LYS A O   1 
ATOM   1199 C  CB  . LYS A 1 159 ? 15.696  10.614  -0.900  1.00 18.58 ? 159 LYS A CB  1 
ATOM   1200 C  CG  . LYS A 1 159 ? 15.982  12.095  -0.827  1.00 21.55 ? 159 LYS A CG  1 
ATOM   1201 C  CD  . LYS A 1 159 ? 16.434  12.658  -2.175  1.00 30.03 ? 159 LYS A CD  1 
ATOM   1202 C  CE  . LYS A 1 159 ? 16.739  14.142  -2.063  1.00 28.21 ? 159 LYS A CE  1 
ATOM   1203 N  NZ  . LYS A 1 159 ? 15.594  14.920  -1.496  1.00 30.89 ? 159 LYS A NZ  1 
ATOM   1204 N  N   . HIS A 1 160 ? 12.945  10.532  0.515   1.00 17.37 ? 160 HIS A N   1 
ATOM   1205 C  CA  . HIS A 1 160 ? 11.723  11.178  0.977   1.00 18.19 ? 160 HIS A CA  1 
ATOM   1206 C  C   . HIS A 1 160 ? 11.392  10.928  2.439   1.00 18.12 ? 160 HIS A C   1 
ATOM   1207 O  O   . HIS A 1 160 ? 11.051  11.861  3.139   1.00 18.31 ? 160 HIS A O   1 
ATOM   1208 C  CB  . HIS A 1 160 ? 10.527  10.735  0.136   1.00 15.54 ? 160 HIS A CB  1 
ATOM   1209 C  CG  . HIS A 1 160 ? 9.259   11.403  0.537   1.00 16.35 ? 160 HIS A CG  1 
ATOM   1210 N  ND1 . HIS A 1 160 ? 8.402   10.868  1.473   1.00 20.49 ? 160 HIS A ND1 1 
ATOM   1211 C  CD2 . HIS A 1 160 ? 8.730   12.593  0.177   1.00 15.69 ? 160 HIS A CD2 1 
ATOM   1212 C  CE1 . HIS A 1 160 ? 7.375   11.679  1.645   1.00 15.62 ? 160 HIS A CE1 1 
ATOM   1213 N  NE2 . HIS A 1 160 ? 7.552   12.739  0.874   1.00 25.34 ? 160 HIS A NE2 1 
ATOM   1214 N  N   . CYS A 1 161 ? 11.453  9.670   2.884   1.00 15.02 ? 161 CYS A N   1 
ATOM   1215 C  CA  . CYS A 1 161 ? 11.059  9.325   4.245   1.00 15.76 ? 161 CYS A CA  1 
ATOM   1216 C  C   . CYS A 1 161 ? 12.113  9.703   5.299   1.00 18.56 ? 161 CYS A C   1 
ATOM   1217 O  O   . CYS A 1 161 ? 13.262  9.966   4.962   1.00 20.51 ? 161 CYS A O   1 
ATOM   1218 C  CB  . CYS A 1 161 ? 10.789  7.819   4.357   1.00 16.60 ? 161 CYS A CB  1 
ATOM   1219 S  SG  . CYS A 1 161 ? 9.386   7.242   3.370   1.00 14.78 ? 161 CYS A SG  1 
ATOM   1220 N  N   . ASP A 1 162 ? 11.703  9.689   6.567   1.00 17.91 ? 162 ASP A N   1 
ATOM   1221 C  CA  . ASP A 1 162 ? 12.617  9.795   7.694   1.00 18.68 ? 162 ASP A CA  1 
ATOM   1222 C  C   . ASP A 1 162 ? 13.050  8.402   8.123   1.00 18.74 ? 162 ASP A C   1 
ATOM   1223 O  O   . ASP A 1 162 ? 12.269  7.662   8.718   1.00 21.55 ? 162 ASP A O   1 
ATOM   1224 C  CB  . ASP A 1 162 ? 11.938  10.473  8.875   1.00 18.95 ? 162 ASP A CB  1 
ATOM   1225 C  CG  . ASP A 1 162 ? 11.688  11.941  8.642   1.00 31.52 ? 162 ASP A CG  1 
ATOM   1226 O  OD1 . ASP A 1 162 ? 12.566  12.626  8.064   1.00 32.10 ? 162 ASP A OD1 1 
ATOM   1227 O  OD2 . ASP A 1 162 ? 10.607  12.413  9.055   1.00 38.95 ? 162 ASP A OD2 1 
ATOM   1228 N  N   . LEU A 1 163 ? 14.297  8.057   7.827   1.00 19.04 ? 163 LEU A N   1 
ATOM   1229 C  CA  . LEU A 1 163 ? 14.812  6.722   8.092   1.00 17.46 ? 163 LEU A CA  1 
ATOM   1230 C  C   . LEU A 1 163 ? 15.298  6.598   9.548   1.00 24.54 ? 163 LEU A C   1 
ATOM   1231 O  O   . LEU A 1 163 ? 15.493  7.607   10.234  1.00 24.37 ? 163 LEU A O   1 
ATOM   1232 C  CB  . LEU A 1 163 ? 15.937  6.410   7.103   1.00 18.28 ? 163 LEU A CB  1 
ATOM   1233 C  CG  . LEU A 1 163 ? 15.532  6.590   5.633   1.00 18.52 ? 163 LEU A CG  1 
ATOM   1234 C  CD1 . LEU A 1 163 ? 16.720  6.328   4.690   1.00 12.68 ? 163 LEU A CD1 1 
ATOM   1235 C  CD2 . LEU A 1 163 ? 14.360  5.677   5.312   1.00 12.61 ? 163 LEU A CD2 1 
ATOM   1236 N  N   . ASP A 1 164 ? 15.490  5.374   10.023  1.00 18.35 ? 164 ASP A N   1 
ATOM   1237 C  CA  . ASP A 1 164 ? 15.926  5.186   11.402  1.00 26.45 ? 164 ASP A CA  1 
ATOM   1238 C  C   . ASP A 1 164 ? 17.452  5.177   11.551  1.00 29.26 ? 164 ASP A C   1 
ATOM   1239 O  O   . ASP A 1 164 ? 18.187  5.447   10.597  1.00 25.05 ? 164 ASP A O   1 
ATOM   1240 C  CB  . ASP A 1 164 ? 15.288  3.932   12.021  1.00 25.16 ? 164 ASP A CB  1 
ATOM   1241 C  CG  . ASP A 1 164 ? 15.736  2.638   11.354  1.00 23.58 ? 164 ASP A CG  1 
ATOM   1242 O  OD1 . ASP A 1 164 ? 16.835  2.587   10.758  1.00 20.57 ? 164 ASP A OD1 1 
ATOM   1243 O  OD2 . ASP A 1 164 ? 14.969  1.650   11.433  1.00 29.14 ? 164 ASP A OD2 1 
ATOM   1244 N  N   . ASN A 1 165 ? 17.929  4.866   12.759  1.00 34.51 ? 165 ASN A N   1 
ATOM   1245 C  CA  . ASN A 1 165 ? 19.365  4.902   13.033  1.00 30.47 ? 165 ASN A CA  1 
ATOM   1246 C  C   . ASN A 1 165 ? 20.177  3.910   12.202  1.00 36.04 ? 165 ASN A C   1 
ATOM   1247 O  O   . ASN A 1 165 ? 21.410  3.962   12.202  1.00 38.52 ? 165 ASN A O   1 
ATOM   1248 C  CB  . ASN A 1 165 ? 19.640  4.703   14.529  1.00 46.40 ? 165 ASN A CB  1 
ATOM   1249 C  CG  . ASN A 1 165 ? 19.492  5.993   15.334  1.00 43.25 ? 165 ASN A CG  1 
ATOM   1250 O  OD1 . ASN A 1 165 ? 20.089  7.021   14.997  1.00 44.25 ? 165 ASN A OD1 1 
ATOM   1251 N  ND2 . ASN A 1 165 ? 18.709  5.939   16.408  1.00 42.76 ? 165 ASN A ND2 1 
ATOM   1252 N  N   . SER A 1 166 ? 19.494  3.012   11.490  1.00 26.24 ? 166 SER A N   1 
ATOM   1253 C  CA  . SER A 1 166 ? 20.174  2.078   10.581  1.00 30.91 ? 166 SER A CA  1 
ATOM   1254 C  C   . SER A 1 166 ? 20.080  2.463   9.109   1.00 26.60 ? 166 SER A C   1 
ATOM   1255 O  O   . SER A 1 166 ? 20.534  1.721   8.225   1.00 26.27 ? 166 SER A O   1 
ATOM   1256 C  CB  . SER A 1 166 ? 19.626  0.659   10.748  1.00 27.55 ? 166 SER A CB  1 
ATOM   1257 O  OG  . SER A 1 166 ? 20.079  0.085   11.958  1.00 37.93 ? 166 SER A OG  1 
ATOM   1258 N  N   . GLY A 1 167 ? 19.465  3.603   8.832   1.00 28.21 ? 167 GLY A N   1 
ATOM   1259 C  CA  . GLY A 1 167 ? 19.204  3.964   7.451   1.00 25.39 ? 167 GLY A CA  1 
ATOM   1260 C  C   . GLY A 1 167 ? 18.101  3.106   6.848   1.00 21.75 ? 167 GLY A C   1 
ATOM   1261 O  O   . GLY A 1 167 ? 18.024  2.945   5.635   1.00 21.03 ? 167 GLY A O   1 
ATOM   1262 N  N   . LYS A 1 168 ? 17.238  2.572   7.709   1.00 20.69 ? 168 LYS A N   1 
ATOM   1263 C  CA  . LYS A 1 168 ? 16.161  1.686   7.265   1.00 17.43 ? 168 LYS A CA  1 
ATOM   1264 C  C   . LYS A 1 168 ? 14.803  2.350   7.448   1.00 16.09 ? 168 LYS A C   1 
ATOM   1265 O  O   . LYS A 1 168 ? 14.633  3.235   8.286   1.00 20.46 ? 168 LYS A O   1 
ATOM   1266 C  CB  . LYS A 1 168 ? 16.254  0.325   7.978   1.00 17.16 ? 168 LYS A CB  1 
ATOM   1267 C  CG  . LYS A 1 168 ? 17.505  -0.461  7.548   1.00 17.97 ? 168 LYS A CG  1 
ATOM   1268 C  CD  . LYS A 1 168 ? 17.659  -1.799  8.271   1.00 19.79 ? 168 LYS A CD  1 
ATOM   1269 C  CE  . LYS A 1 168 ? 16.647  -2.842  7.785   1.00 17.13 ? 168 LYS A CE  1 
ATOM   1270 N  NZ  . LYS A 1 168 ? 16.917  -4.214  8.335   1.00 19.34 ? 168 LYS A NZ  1 
ATOM   1271 N  N   . LEU A 1 169 ? 13.849  1.943   6.623   1.00 15.81 ? 169 LEU A N   1 
ATOM   1272 C  CA  . LEU A 1 169 ? 12.482  2.445   6.688   1.00 15.28 ? 169 LEU A CA  1 
ATOM   1273 C  C   . LEU A 1 169 ? 11.645  1.588   7.641   1.00 15.05 ? 169 LEU A C   1 
ATOM   1274 O  O   . LEU A 1 169 ? 11.431  0.405   7.405   1.00 15.64 ? 169 LEU A O   1 
ATOM   1275 C  CB  . LEU A 1 169 ? 11.861  2.414   5.286   1.00 13.97 ? 169 LEU A CB  1 
ATOM   1276 C  CG  . LEU A 1 169 ? 10.427  2.905   5.151   1.00 14.62 ? 169 LEU A CG  1 
ATOM   1277 C  CD1 . LEU A 1 169 ? 10.294  4.323   5.731   1.00 13.80 ? 169 LEU A CD1 1 
ATOM   1278 C  CD2 . LEU A 1 169 ? 9.972   2.839   3.703   1.00 13.17 ? 169 LEU A CD2 1 
ATOM   1279 N  N   . ASP A 1 170 ? 11.165  2.161   8.729   1.00 16.40 ? 170 ASP A N   1 
ATOM   1280 C  CA  . ASP A 1 170 ? 10.359  1.325   9.593   1.00 18.18 ? 170 ASP A CA  1 
ATOM   1281 C  C   . ASP A 1 170 ? 8.847   1.444   9.336   1.00 13.88 ? 170 ASP A C   1 
ATOM   1282 O  O   . ASP A 1 170 ? 8.368   2.377   8.662   1.00 14.56 ? 170 ASP A O   1 
ATOM   1283 C  CB  . ASP A 1 170 ? 10.768  1.453   11.061  1.00 18.85 ? 170 ASP A CB  1 
ATOM   1284 C  CG  . ASP A 1 170 ? 9.955   2.458   11.801  1.00 27.98 ? 170 ASP A CG  1 
ATOM   1285 O  OD1 . ASP A 1 170 ? 9.635   3.504   11.213  1.00 23.88 ? 170 ASP A OD1 1 
ATOM   1286 O  OD2 . ASP A 1 170 ? 9.601   2.181   12.969  1.00 41.50 ? 170 ASP A OD2 1 
ATOM   1287 N  N   . VAL A 1 171 ? 8.105   0.474   9.842   1.00 13.77 ? 171 VAL A N   1 
ATOM   1288 C  CA  . VAL A 1 171 ? 6.680   0.390   9.545   1.00 17.34 ? 171 VAL A CA  1 
ATOM   1289 C  C   . VAL A 1 171 ? 5.880   1.597   10.033  1.00 19.18 ? 171 VAL A C   1 
ATOM   1290 O  O   . VAL A 1 171 ? 4.903   1.996   9.385   1.00 16.38 ? 171 VAL A O   1 
ATOM   1291 C  CB  . VAL A 1 171 ? 6.070   -0.940  10.041  1.00 20.34 ? 171 VAL A CB  1 
ATOM   1292 C  CG1 . VAL A 1 171 ? 6.214   -1.066  11.535  1.00 21.66 ? 171 VAL A CG1 1 
ATOM   1293 C  CG2 . VAL A 1 171 ? 4.601   -1.066  9.608   1.00 20.47 ? 171 VAL A CG2 1 
ATOM   1294 N  N   . ASP A 1 172 ? 6.268   2.181   11.163  1.00 18.08 ? 172 ASP A N   1 
ATOM   1295 C  CA  . ASP A 1 172 ? 5.542   3.352   11.669  1.00 22.76 ? 172 ASP A CA  1 
ATOM   1296 C  C   . ASP A 1 172 ? 5.690   4.527   10.702  1.00 17.58 ? 172 ASP A C   1 
ATOM   1297 O  O   . ASP A 1 172 ? 4.703   5.196   10.396  1.00 17.71 ? 172 ASP A O   1 
ATOM   1298 C  CB  . ASP A 1 172 ? 6.009   3.779   13.069  1.00 24.10 ? 172 ASP A CB  1 
ATOM   1299 C  CG  . ASP A 1 172 ? 5.721   2.735   14.137  1.00 35.62 ? 172 ASP A CG  1 
ATOM   1300 O  OD1 . ASP A 1 172 ? 4.673   2.063   14.056  1.00 35.13 ? 172 ASP A OD1 1 
ATOM   1301 O  OD2 . ASP A 1 172 ? 6.543   2.607   15.074  1.00 45.37 ? 172 ASP A OD2 1 
ATOM   1302 N  N   . GLU A 1 173 ? 6.907   4.744   10.205  1.00 13.52 ? 173 GLU A N   1 
ATOM   1303 C  CA  . GLU A 1 173 ? 7.182   5.814   9.230   1.00 17.92 ? 173 GLU A CA  1 
ATOM   1304 C  C   . GLU A 1 173 ? 6.448   5.572   7.909   1.00 15.58 ? 173 GLU A C   1 
ATOM   1305 O  O   . GLU A 1 173 ? 5.840   6.472   7.355   1.00 12.57 ? 173 GLU A O   1 
ATOM   1306 C  CB  . GLU A 1 173 ? 8.697   5.970   9.003   1.00 16.81 ? 173 GLU A CB  1 
ATOM   1307 C  CG  . GLU A 1 173 ? 9.137   6.908   7.848   1.00 18.52 ? 173 GLU A CG  1 
ATOM   1308 C  CD  . GLU A 1 173 ? 8.822   8.387   8.099   1.00 17.36 ? 173 GLU A CD  1 
ATOM   1309 O  OE1 . GLU A 1 173 ? 8.381   8.733   9.222   1.00 17.98 ? 173 GLU A OE1 1 
ATOM   1310 O  OE2 . GLU A 1 173 ? 8.993   9.199   7.152   1.00 16.12 ? 173 GLU A OE2 1 
ATOM   1311 N  N   . MET A 1 174 ? 6.484   4.353   7.399   1.00 13.98 ? 174 MET A N   1 
ATOM   1312 C  CA  . MET A 1 174 ? 5.774   4.099   6.151   1.00 11.99 ? 174 MET A CA  1 
ATOM   1313 C  C   . MET A 1 174 ? 4.257   4.216   6.348   1.00 13.18 ? 174 MET A C   1 
ATOM   1314 O  O   . MET A 1 174 ? 3.553   4.679   5.447   1.00 13.37 ? 174 MET A O   1 
ATOM   1315 C  CB  . MET A 1 174 ? 6.167   2.758   5.539   1.00 13.20 ? 174 MET A CB  1 
ATOM   1316 C  CG  . MET A 1 174 ? 5.731   2.632   4.074   1.00 15.11 ? 174 MET A CG  1 
ATOM   1317 S  SD  . MET A 1 174 ? 6.290   4.008   3.038   1.00 16.85 ? 174 MET A SD  1 
ATOM   1318 C  CE  . MET A 1 174 ? 6.375   3.203   1.438   1.00 20.93 ? 174 MET A CE  1 
ATOM   1319 N  N   . THR A 1 175 ? 3.759   3.846   7.532   1.00 12.53 ? 175 THR A N   1 
ATOM   1320 C  CA  . THR A 1 175 ? 2.333   4.008   7.809   1.00 14.49 ? 175 THR A CA  1 
ATOM   1321 C  C   . THR A 1 175 ? 1.915   5.482   7.810   1.00 13.61 ? 175 THR A C   1 
ATOM   1322 O  O   . THR A 1 175 ? 0.926   5.855   7.172   1.00 14.52 ? 175 THR A O   1 
ATOM   1323 C  CB  . THR A 1 175 ? 1.878   3.304   9.122   1.00 18.13 ? 175 THR A CB  1 
ATOM   1324 O  OG1 . THR A 1 175 ? 2.104   1.897   9.011   1.00 17.89 ? 175 THR A OG1 1 
ATOM   1325 C  CG2 . THR A 1 175 ? 0.380   3.541   9.388   1.00 11.56 ? 175 THR A CG2 1 
ATOM   1326 N  N   . ARG A 1 176 ? 2.666   6.322   8.509   1.00 12.81 ? 176 ARG A N   1 
ATOM   1327 C  CA  . ARG A 1 176 ? 2.372   7.765   8.476   1.00 15.42 ? 176 ARG A CA  1 
ATOM   1328 C  C   . ARG A 1 176 ? 2.372   8.297   7.036   1.00 13.48 ? 176 ARG A C   1 
ATOM   1329 O  O   . ARG A 1 176 ? 1.475   9.033   6.640   1.00 13.77 ? 176 ARG A O   1 
ATOM   1330 C  CB  . ARG A 1 176 ? 3.376   8.547   9.327   1.00 18.26 ? 176 ARG A CB  1 
ATOM   1331 C  CG  . ARG A 1 176 ? 3.215   8.355   10.832  1.00 24.72 ? 176 ARG A CG  1 
ATOM   1332 C  CD  . ARG A 1 176 ? 4.191   9.251   11.622  1.00 32.62 ? 176 ARG A CD  1 
ATOM   1333 N  NE  . ARG A 1 176 ? 5.601   8.916   11.390  1.00 29.90 ? 176 ARG A NE  1 
ATOM   1334 C  CZ  . ARG A 1 176 ? 6.296   8.021   12.105  1.00 33.27 ? 176 ARG A CZ  1 
ATOM   1335 N  NH1 . ARG A 1 176 ? 5.714   7.350   13.101  1.00 30.69 ? 176 ARG A NH1 1 
ATOM   1336 N  NH2 . ARG A 1 176 ? 7.580   7.787   11.823  1.00 29.06 ? 176 ARG A NH2 1 
ATOM   1337 N  N   . GLN A 1 177 ? 3.374   7.905   6.252   1.00 13.94 ? 177 GLN A N   1 
ATOM   1338 C  CA  . GLN A 1 177 ? 3.484   8.385   4.865   1.00 15.29 ? 177 GLN A CA  1 
ATOM   1339 C  C   . GLN A 1 177 ? 2.296   7.943   4.028   1.00 13.49 ? 177 GLN A C   1 
ATOM   1340 O  O   . GLN A 1 177 ? 1.754   8.732   3.266   1.00 12.18 ? 177 GLN A O   1 
ATOM   1341 C  CB  . GLN A 1 177 ? 4.783   7.908   4.221   1.00 12.65 ? 177 GLN A CB  1 
ATOM   1342 C  CG  . GLN A 1 177 ? 6.045   8.491   4.894   1.00 13.70 ? 177 GLN A CG  1 
ATOM   1343 C  CD  . GLN A 1 177 ? 6.317   9.947   4.497   1.00 17.76 ? 177 GLN A CD  1 
ATOM   1344 O  OE1 . GLN A 1 177 ? 5.653   10.510  3.622   1.00 15.19 ? 177 GLN A OE1 1 
ATOM   1345 N  NE2 . GLN A 1 177 ? 7.292   10.562  5.161   1.00 16.75 ? 177 GLN A NE2 1 
ATOM   1346 N  N   . HIS A 1 178 ? 1.915   6.678   4.189   1.00 12.29 ? 178 HIS A N   1 
ATOM   1347 C  CA  . HIS A 1 178 ? 0.775   6.087   3.513   1.00 14.27 ? 178 HIS A CA  1 
ATOM   1348 C  C   . HIS A 1 178 ? -0.567  6.743   3.836   1.00 17.15 ? 178 HIS A C   1 
ATOM   1349 O  O   . HIS A 1 178 ? -1.408  6.896   2.945   1.00 14.14 ? 178 HIS A O   1 
ATOM   1350 C  CB  . HIS A 1 178 ? 0.700   4.579   3.789   1.00 15.65 ? 178 HIS A CB  1 
ATOM   1351 C  CG  . HIS A 1 178 ? 1.535   3.768   2.856   1.00 15.89 ? 178 HIS A CG  1 
ATOM   1352 N  ND1 . HIS A 1 178 ? 1.918   2.475   3.133   1.00 21.81 ? 178 HIS A ND1 1 
ATOM   1353 C  CD2 . HIS A 1 178 ? 2.076   4.073   1.657   1.00 16.82 ? 178 HIS A CD2 1 
ATOM   1354 C  CE1 . HIS A 1 178 ? 2.643   2.012   2.127   1.00 23.04 ? 178 HIS A CE1 1 
ATOM   1355 N  NE2 . HIS A 1 178 ? 2.757   2.966   1.222   1.00 19.45 ? 178 HIS A NE2 1 
ATOM   1356 N  N   . LEU A 1 179 ? -0.760  7.135   5.096   1.00 14.63 ? 179 LEU A N   1 
ATOM   1357 C  CA  . LEU A 1 179 ? -1.961  7.878   5.470   1.00 13.92 ? 179 LEU A CA  1 
ATOM   1358 C  C   . LEU A 1 179 ? -2.078  9.120   4.613   1.00 13.86 ? 179 LEU A C   1 
ATOM   1359 O  O   . LEU A 1 179 ? -3.124  9.384   4.028   1.00 14.91 ? 179 LEU A O   1 
ATOM   1360 C  CB  . LEU A 1 179 ? -1.911  8.297   6.940   1.00 14.55 ? 179 LEU A CB  1 
ATOM   1361 C  CG  . LEU A 1 179 ? -1.802  7.149   7.948   1.00 17.91 ? 179 LEU A CG  1 
ATOM   1362 C  CD1 . LEU A 1 179 ? -1.713  7.700   9.388   1.00 19.97 ? 179 LEU A CD1 1 
ATOM   1363 C  CD2 . LEU A 1 179 ? -2.998  6.220   7.801   1.00 16.00 ? 179 LEU A CD2 1 
ATOM   1364 N  N   . GLY A 1 180 ? -0.984  9.874   4.522   1.00 12.79 ? 180 GLY A N   1 
ATOM   1365 C  CA  . GLY A 1 180 ? -0.971  11.095  3.760   1.00 13.71 ? 180 GLY A CA  1 
ATOM   1366 C  C   . GLY A 1 180 ? -1.036  10.878  2.260   1.00 16.42 ? 180 GLY A C   1 
ATOM   1367 O  O   . GLY A 1 180 ? -1.698  11.642  1.558   1.00 13.72 ? 180 GLY A O   1 
ATOM   1368 N  N   . PHE A 1 181 ? -0.349  9.842   1.778   1.00 13.33 ? 181 PHE A N   1 
ATOM   1369 C  CA  . PHE A 1 181 ? -0.306  9.546   0.344   1.00 14.96 ? 181 PHE A CA  1 
ATOM   1370 C  C   . PHE A 1 181 ? -1.631  8.959   -0.167  1.00 13.50 ? 181 PHE A C   1 
ATOM   1371 O  O   . PHE A 1 181 ? -2.169  9.400   -1.197  1.00 11.60 ? 181 PHE A O   1 
ATOM   1372 C  CB  . PHE A 1 181 ? 0.899   8.630   -0.012  1.00 13.28 ? 181 PHE A CB  1 
ATOM   1373 C  CG  . PHE A 1 181 ? 1.286   8.679   -1.485  1.00 11.68 ? 181 PHE A CG  1 
ATOM   1374 C  CD1 . PHE A 1 181 ? 1.989   9.757   -2.000  1.00 13.66 ? 181 PHE A CD1 1 
ATOM   1375 C  CD2 . PHE A 1 181 ? 0.905   7.660   -2.349  1.00 13.05 ? 181 PHE A CD2 1 
ATOM   1376 C  CE1 . PHE A 1 181 ? 2.331   9.817   -3.366  1.00 13.53 ? 181 PHE A CE1 1 
ATOM   1377 C  CE2 . PHE A 1 181 ? 1.258   7.702   -3.711  1.00 15.13 ? 181 PHE A CE2 1 
ATOM   1378 C  CZ  . PHE A 1 181 ? 1.962   8.786   -4.214  1.00 11.28 ? 181 PHE A CZ  1 
ATOM   1379 N  N   . TRP A 1 182 ? -2.172  7.970   0.540   1.00 12.50 ? 182 TRP A N   1 
ATOM   1380 C  CA  . TRP A 1 182 ? -3.345  7.286   0.009   1.00 13.91 ? 182 TRP A CA  1 
ATOM   1381 C  C   . TRP A 1 182 ? -4.665  7.866   0.504   1.00 12.12 ? 182 TRP A C   1 
ATOM   1382 O  O   . TRP A 1 182 ? -5.662  7.776   -0.190  1.00 11.07 ? 182 TRP A O   1 
ATOM   1383 C  CB  . TRP A 1 182 ? -3.310  5.765   0.277   1.00 14.86 ? 182 TRP A CB  1 
ATOM   1384 C  CG  . TRP A 1 182 ? -2.128  5.064   -0.310  1.00 16.94 ? 182 TRP A CG  1 
ATOM   1385 C  CD1 . TRP A 1 182 ? -1.210  4.298   0.368   1.00 20.96 ? 182 TRP A CD1 1 
ATOM   1386 C  CD2 . TRP A 1 182 ? -1.709  5.068   -1.686  1.00 13.81 ? 182 TRP A CD2 1 
ATOM   1387 N  NE1 . TRP A 1 182 ? -0.262  3.812   -0.510  1.00 17.42 ? 182 TRP A NE1 1 
ATOM   1388 C  CE2 . TRP A 1 182 ? -0.545  4.264   -1.773  1.00 18.23 ? 182 TRP A CE2 1 
ATOM   1389 C  CE3 . TRP A 1 182 ? -2.228  5.632   -2.862  1.00 12.40 ? 182 TRP A CE3 1 
ATOM   1390 C  CZ2 . TRP A 1 182 ? 0.131   4.043   -2.985  1.00 14.84 ? 182 TRP A CZ2 1 
ATOM   1391 C  CZ3 . TRP A 1 182 ? -1.552  5.410   -4.066  1.00 14.92 ? 182 TRP A CZ3 1 
ATOM   1392 C  CH2 . TRP A 1 182 ? -0.391  4.619   -4.114  1.00 13.81 ? 182 TRP A CH2 1 
ATOM   1393 N  N   . TYR A 1 183 ? -4.672  8.434   1.706   1.00 10.72 ? 183 TYR A N   1 
ATOM   1394 C  CA  . TYR A 1 183 ? -5.932  8.812   2.356   1.00 14.77 ? 183 TYR A CA  1 
ATOM   1395 C  C   . TYR A 1 183 ? -6.244  10.318  2.319   1.00 14.44 ? 183 TYR A C   1 
ATOM   1396 O  O   . TYR A 1 183 ? -7.368  10.709  2.006   1.00 16.56 ? 183 TYR A O   1 
ATOM   1397 C  CB  . TYR A 1 183 ? -5.976  8.318   3.819   1.00 15.02 ? 183 TYR A CB  1 
ATOM   1398 C  CG  . TYR A 1 183 ? -6.009  6.809   3.996   1.00 14.07 ? 183 TYR A CG  1 
ATOM   1399 C  CD1 . TYR A 1 183 ? -6.483  5.973   2.987   1.00 10.25 ? 183 TYR A CD1 1 
ATOM   1400 C  CD2 . TYR A 1 183 ? -5.613  6.230   5.200   1.00 10.40 ? 183 TYR A CD2 1 
ATOM   1401 C  CE1 . TYR A 1 183 ? -6.538  4.589   3.173   1.00 13.35 ? 183 TYR A CE1 1 
ATOM   1402 C  CE2 . TYR A 1 183 ? -5.675  4.894   5.392   1.00 9.53  ? 183 TYR A CE2 1 
ATOM   1403 C  CZ  . TYR A 1 183 ? -6.112  4.063   4.380   1.00 13.11 ? 183 TYR A CZ  1 
ATOM   1404 O  OH  . TYR A 1 183 ? -6.147  2.718   4.600   1.00 11.07 ? 183 TYR A OH  1 
ATOM   1405 N  N   . THR A 1 184 ? -5.270  11.153  2.652   1.00 13.71 ? 184 THR A N   1 
ATOM   1406 C  CA  . THR A 1 184 ? -5.560  12.570  2.875   1.00 16.81 ? 184 THR A CA  1 
ATOM   1407 C  C   . THR A 1 184 ? -4.955  13.553  1.858   1.00 18.39 ? 184 THR A C   1 
ATOM   1408 O  O   . THR A 1 184 ? -5.230  14.760  1.922   1.00 16.09 ? 184 THR A O   1 
ATOM   1409 C  CB  . THR A 1 184 ? -5.166  13.009  4.302   1.00 15.73 ? 184 THR A CB  1 
ATOM   1410 O  OG1 . THR A 1 184 ? -3.742  13.031  4.414   1.00 18.89 ? 184 THR A OG1 1 
ATOM   1411 C  CG2 . THR A 1 184 ? -5.756  12.052  5.360   1.00 15.49 ? 184 THR A CG2 1 
ATOM   1412 N  N   . LEU A 1 185 ? -4.151  13.046  0.925   1.00 17.31 ? 185 LEU A N   1 
ATOM   1413 C  CA  . LEU A 1 185 ? -3.439  13.909  -0.028  1.00 15.73 ? 185 LEU A CA  1 
ATOM   1414 C  C   . LEU A 1 185 ? -2.602  14.987  0.698   1.00 20.63 ? 185 LEU A C   1 
ATOM   1415 O  O   . LEU A 1 185 ? -2.596  16.170  0.351   1.00 18.11 ? 185 LEU A O   1 
ATOM   1416 C  CB  . LEU A 1 185 ? -4.409  14.536  -1.042  1.00 18.08 ? 185 LEU A CB  1 
ATOM   1417 C  CG  . LEU A 1 185 ? -3.767  15.047  -2.340  1.00 20.00 ? 185 LEU A CG  1 
ATOM   1418 C  CD1 . LEU A 1 185 ? -3.538  13.887  -3.311  1.00 14.54 ? 185 LEU A CD1 1 
ATOM   1419 C  CD2 . LEU A 1 185 ? -4.628  16.145  -2.994  1.00 15.58 ? 185 LEU A CD2 1 
ATOM   1420 N  N   . ASP A 1 186 ? -1.881  14.548  1.718   1.00 20.52 ? 186 ASP A N   1 
ATOM   1421 C  CA  . ASP A 1 186 ? -0.980  15.411  2.436   1.00 20.65 ? 186 ASP A CA  1 
ATOM   1422 C  C   . ASP A 1 186 ? 0.209   15.716  1.531   1.00 20.25 ? 186 ASP A C   1 
ATOM   1423 O  O   . ASP A 1 186 ? 0.947   14.811  1.154   1.00 23.88 ? 186 ASP A O   1 
ATOM   1424 C  CB  . ASP A 1 186 ? -0.520  14.671  3.689   1.00 17.11 ? 186 ASP A CB  1 
ATOM   1425 C  CG  . ASP A 1 186 ? 0.403   15.500  4.556   1.00 24.05 ? 186 ASP A CG  1 
ATOM   1426 O  OD1 . ASP A 1 186 ? 0.749   16.634  4.169   1.00 28.00 ? 186 ASP A OD1 1 
ATOM   1427 O  OD2 . ASP A 1 186 ? 0.790   14.993  5.627   1.00 28.76 ? 186 ASP A OD2 1 
ATOM   1428 N  N   . PRO A 1 187 ? 0.411   16.998  1.190   1.00 22.37 ? 187 PRO A N   1 
ATOM   1429 C  CA  . PRO A 1 187 ? 1.505   17.439  0.319   1.00 23.99 ? 187 PRO A CA  1 
ATOM   1430 C  C   . PRO A 1 187 ? 2.880   16.968  0.814   1.00 22.57 ? 187 PRO A C   1 
ATOM   1431 O  O   . PRO A 1 187 ? 3.786   16.774  0.017   1.00 21.92 ? 187 PRO A O   1 
ATOM   1432 C  CB  . PRO A 1 187 ? 1.406   18.970  0.383   1.00 28.06 ? 187 PRO A CB  1 
ATOM   1433 C  CG  . PRO A 1 187 ? -0.020  19.231  0.724   1.00 26.56 ? 187 PRO A CG  1 
ATOM   1434 C  CD  . PRO A 1 187 ? -0.391  18.131  1.676   1.00 24.99 ? 187 PRO A CD  1 
ATOM   1435 N  N   . ASN A 1 188 ? 3.033   16.784  2.114   1.00 20.12 ? 188 ASN A N   1 
ATOM   1436 C  CA  . ASN A 1 188 ? 4.272   16.222  2.633   1.00 25.83 ? 188 ASN A CA  1 
ATOM   1437 C  C   . ASN A 1 188 ? 4.536   14.782  2.173   1.00 26.77 ? 188 ASN A C   1 
ATOM   1438 O  O   . ASN A 1 188 ? 5.650   14.261  2.332   1.00 20.82 ? 188 ASN A O   1 
ATOM   1439 C  CB  . ASN A 1 188 ? 4.278   16.279  4.157   1.00 26.14 ? 188 ASN A CB  1 
ATOM   1440 C  CG  . ASN A 1 188 ? 4.245   17.699  4.681   1.00 32.94 ? 188 ASN A CG  1 
ATOM   1441 O  OD1 . ASN A 1 188 ? 4.712   18.633  4.015   1.00 32.20 ? 188 ASN A OD1 1 
ATOM   1442 N  ND2 . ASN A 1 188 ? 3.683   17.874  5.881   1.00 32.04 ? 188 ASN A ND2 1 
ATOM   1443 N  N   . ALA A 1 189 ? 3.498   14.127  1.654   1.00 19.52 ? 189 ALA A N   1 
ATOM   1444 C  CA  . ALA A 1 189 ? 3.638   12.739  1.217   1.00 18.42 ? 189 ALA A CA  1 
ATOM   1445 C  C   . ALA A 1 189 ? 3.879   12.664  -0.284  1.00 18.47 ? 189 ALA A C   1 
ATOM   1446 O  O   . ALA A 1 189 ? 4.150   11.590  -0.808  1.00 15.05 ? 189 ALA A O   1 
ATOM   1447 C  CB  . ALA A 1 189 ? 2.419   11.888  1.619   1.00 18.68 ? 189 ALA A CB  1 
ATOM   1448 N  N   . ASP A 1 190 ? 3.788   13.796  -0.981  1.00 18.44 ? 190 ASP A N   1 
ATOM   1449 C  CA  . ASP A 1 190 ? 4.044   13.784  -2.415  1.00 19.64 ? 190 ASP A CA  1 
ATOM   1450 C  C   . ASP A 1 190 ? 5.466   13.323  -2.672  1.00 19.55 ? 190 ASP A C   1 
ATOM   1451 O  O   . ASP A 1 190 ? 6.383   13.686  -1.929  1.00 19.80 ? 190 ASP A O   1 
ATOM   1452 C  CB  . ASP A 1 190 ? 3.815   15.154  -3.070  1.00 17.31 ? 190 ASP A CB  1 
ATOM   1453 C  CG  . ASP A 1 190 ? 2.353   15.478  -3.250  1.00 23.61 ? 190 ASP A CG  1 
ATOM   1454 O  OD1 . ASP A 1 190 ? 1.479   14.628  -2.942  1.00 23.11 ? 190 ASP A OD1 1 
ATOM   1455 O  OD2 . ASP A 1 190 ? 2.077   16.604  -3.694  1.00 30.19 ? 190 ASP A OD2 1 
ATOM   1456 N  N   . GLY A 1 191 ? 5.631   12.535  -3.736  1.00 17.60 ? 191 GLY A N   1 
ATOM   1457 C  CA  . GLY A 1 191 ? 6.913   11.957  -4.087  1.00 16.23 ? 191 GLY A CA  1 
ATOM   1458 C  C   . GLY A 1 191 ? 7.228   10.686  -3.302  1.00 14.77 ? 191 GLY A C   1 
ATOM   1459 O  O   . GLY A 1 191 ? 8.330   10.180  -3.400  1.00 13.50 ? 191 GLY A O   1 
ATOM   1460 N  N   . LEU A 1 192 ? 6.270   10.153  -2.548  1.00 12.16 ? 192 LEU A N   1 
ATOM   1461 C  CA  . LEU A 1 192 ? 6.519   8.910   -1.791  1.00 14.14 ? 192 LEU A CA  1 
ATOM   1462 C  C   . LEU A 1 192 ? 7.006   7.768   -2.671  1.00 13.51 ? 192 LEU A C   1 
ATOM   1463 O  O   . LEU A 1 192 ? 7.848   6.968   -2.260  1.00 12.96 ? 192 LEU A O   1 
ATOM   1464 C  CB  . LEU A 1 192 ? 5.266   8.462   -1.039  1.00 14.31 ? 192 LEU A CB  1 
ATOM   1465 C  CG  . LEU A 1 192 ? 5.449   7.256   -0.101  1.00 15.80 ? 192 LEU A CG  1 
ATOM   1466 C  CD1 . LEU A 1 192 ? 6.577   7.456   0.903   1.00 13.91 ? 192 LEU A CD1 1 
ATOM   1467 C  CD2 . LEU A 1 192 ? 4.147   6.943   0.628   1.00 12.04 ? 192 LEU A CD2 1 
ATOM   1468 N  N   . TYR A 1 193 ? 6.440   7.674   -3.874  1.00 12.53 ? 193 TYR A N   1 
ATOM   1469 C  CA  . TYR A 1 193 ? 6.811   6.621   -4.819  1.00 12.83 ? 193 TYR A CA  1 
ATOM   1470 C  C   . TYR A 1 193 ? 7.644   7.167   -5.974  1.00 14.31 ? 193 TYR A C   1 
ATOM   1471 O  O   . TYR A 1 193 ? 7.540   6.709   -7.119  1.00 15.26 ? 193 TYR A O   1 
ATOM   1472 C  CB  . TYR A 1 193 ? 5.544   5.904   -5.317  1.00 11.69 ? 193 TYR A CB  1 
ATOM   1473 C  CG  . TYR A 1 193 ? 4.957   5.020   -4.231  1.00 12.26 ? 193 TYR A CG  1 
ATOM   1474 C  CD1 . TYR A 1 193 ? 5.325   3.693   -4.145  1.00 12.16 ? 193 TYR A CD1 1 
ATOM   1475 C  CD2 . TYR A 1 193 ? 4.080   5.530   -3.273  1.00 13.02 ? 193 TYR A CD2 1 
ATOM   1476 C  CE1 . TYR A 1 193 ? 4.825   2.871   -3.166  1.00 15.57 ? 193 TYR A CE1 1 
ATOM   1477 C  CE2 . TYR A 1 193 ? 3.563   4.708   -2.270  1.00 14.56 ? 193 TYR A CE2 1 
ATOM   1478 C  CZ  . TYR A 1 193 ? 3.954   3.372   -2.233  1.00 21.15 ? 193 TYR A CZ  1 
ATOM   1479 O  OH  . TYR A 1 193 ? 3.498   2.503   -1.262  1.00 22.48 ? 193 TYR A OH  1 
ATOM   1480 N  N   . GLY A 1 194 ? 8.477   8.152   -5.661  1.00 16.20 ? 194 GLY A N   1 
ATOM   1481 C  CA  . GLY A 1 194 ? 9.326   8.774   -6.658  1.00 13.16 ? 194 GLY A CA  1 
ATOM   1482 C  C   . GLY A 1 194 ? 8.482   9.377   -7.776  1.00 16.12 ? 194 GLY A C   1 
ATOM   1483 O  O   . GLY A 1 194 ? 7.490   10.052  -7.521  1.00 15.37 ? 194 GLY A O   1 
ATOM   1484 N  N   . ASN A 1 195 ? 8.891   9.131   -9.015  1.00 16.93 ? 195 ASN A N   1 
ATOM   1485 C  CA  . ASN A 1 195 ? 8.220   9.701   -10.171 1.00 17.49 ? 195 ASN A CA  1 
ATOM   1486 C  C   . ASN A 1 195 ? 7.151   8.794   -10.758 1.00 18.94 ? 195 ASN A C   1 
ATOM   1487 O  O   . ASN A 1 195 ? 6.556   9.120   -11.779 1.00 23.12 ? 195 ASN A O   1 
ATOM   1488 C  CB  . ASN A 1 195 ? 9.254   10.062  -11.244 1.00 18.99 ? 195 ASN A CB  1 
ATOM   1489 C  CG  . ASN A 1 195 ? 10.055  11.310  -10.876 1.00 27.78 ? 195 ASN A CG  1 
ATOM   1490 O  OD1 . ASN A 1 195 ? 11.227  11.439  -11.233 1.00 33.64 ? 195 ASN A OD1 1 
ATOM   1491 N  ND2 . ASN A 1 195 ? 9.421   12.229  -10.142 1.00 26.81 ? 195 ASN A ND2 1 
ATOM   1492 N  N   . PHE A 1 196 ? 6.893   7.660   -10.120 1.00 13.50 ? 196 PHE A N   1 
ATOM   1493 C  CA  . PHE A 1 196 ? 5.926   6.722   -10.681 1.00 11.76 ? 196 PHE A CA  1 
ATOM   1494 C  C   . PHE A 1 196 ? 4.475   7.106   -10.362 1.00 14.56 ? 196 PHE A C   1 
ATOM   1495 O  O   . PHE A 1 196 ? 3.723   7.491   -11.258 1.00 12.36 ? 196 PHE A O   1 
ATOM   1496 C  CB  . PHE A 1 196 ? 6.221   5.288   -10.225 1.00 12.03 ? 196 PHE A CB  1 
ATOM   1497 C  CG  . PHE A 1 196 ? 5.318   4.268   -10.835 1.00 15.59 ? 196 PHE A CG  1 
ATOM   1498 C  CD1 . PHE A 1 196 ? 5.086   4.260   -12.210 1.00 12.42 ? 196 PHE A CD1 1 
ATOM   1499 C  CD2 . PHE A 1 196 ? 4.694   3.309   -10.045 1.00 13.29 ? 196 PHE A CD2 1 
ATOM   1500 C  CE1 . PHE A 1 196 ? 4.241   3.334   -12.794 1.00 12.96 ? 196 PHE A CE1 1 
ATOM   1501 C  CE2 . PHE A 1 196 ? 3.842   2.363   -10.620 1.00 15.13 ? 196 PHE A CE2 1 
ATOM   1502 C  CZ  . PHE A 1 196 ? 3.612   2.369   -11.993 1.00 14.28 ? 196 PHE A CZ  1 
ATOM   1503 N  N   . VAL A 1 197 ? 4.083   7.007   -9.087  1.00 15.68 ? 197 VAL A N   1 
ATOM   1504 C  CA  . VAL A 1 197 ? 2.704   7.318   -8.683  1.00 14.38 ? 197 VAL A CA  1 
ATOM   1505 C  C   . VAL A 1 197 ? 2.509   8.822   -8.491  1.00 15.96 ? 197 VAL A C   1 
ATOM   1506 O  O   . VAL A 1 197 ? 3.208   9.457   -7.682  1.00 13.43 ? 197 VAL A O   1 
ATOM   1507 C  CB  . VAL A 1 197 ? 2.261   6.570   -7.393  1.00 14.79 ? 197 VAL A CB  1 
ATOM   1508 C  CG1 . VAL A 1 197 ? 0.731   6.814   -7.142  1.00 14.26 ? 197 VAL A CG1 1 
ATOM   1509 C  CG2 . VAL A 1 197 ? 2.567   5.037   -7.492  1.00 9.31  ? 197 VAL A CG2 1 
ATOM   1510 N  N   . PRO A 1 198 ? 1.570   9.409   -9.246  1.00 13.96 ? 198 PRO A N   1 
ATOM   1511 C  CA  . PRO A 1 198 ? 1.334   10.841  -9.088  1.00 14.88 ? 198 PRO A CA  1 
ATOM   1512 C  C   . PRO A 1 198 ? 0.443   11.101  -7.869  1.00 17.34 ? 198 PRO A C   1 
ATOM   1513 O  O   . PRO A 1 198 ? 0.610   12.211  -7.370  1.00 23.28 ? 198 PRO A O   1 
ATOM   1514 C  CB  . PRO A 1 198 ? 0.586   11.206  -10.377 1.00 17.12 ? 198 PRO A CB  1 
ATOM   1515 C  CG  . PRO A 1 198 ? -0.168  9.982   -10.717 1.00 17.45 ? 198 PRO A CG  1 
ATOM   1516 C  CD  . PRO A 1 198 ? 0.661   8.807   -10.233 1.00 13.21 ? 198 PRO A CD  1 
HETATM 1517 N  N1  . CZH B 2 .   ? 2.072   -2.175  -1.923  1.00 18.73 ? 201 CZH A N1  1 
HETATM 1518 C  C2  . CZH B 2 .   ? 2.391   -1.468  -0.741  1.00 22.70 ? 201 CZH A C2  1 
HETATM 1519 C  C3  . CZH B 2 .   ? 1.266   -0.450  -0.485  1.00 23.17 ? 201 CZH A C3  1 
HETATM 1520 N  N4  . CZH B 2 .   ? 0.475   -0.400  -1.690  1.00 18.07 ? 201 CZH A N4  1 
HETATM 1521 C  C5  . CZH B 2 .   ? -0.753  0.418   -2.113  1.00 15.66 ? 201 CZH A C5  1 
HETATM 1522 C  C6  . CZH B 2 .   ? -1.423  -0.029  -3.468  1.00 12.70 ? 201 CZH A C6  1 
HETATM 1523 N  N7  . CZH B 2 .   ? -0.972  -1.209  -4.337  1.00 14.73 ? 201 CZH A N7  1 
HETATM 1524 C  C8  . CZH B 2 .   ? 0.193   -1.957  -3.892  1.00 15.76 ? 201 CZH A C8  1 
HETATM 1525 C  C9  . CZH B 2 .   ? 0.916   -1.534  -2.515  1.00 15.74 ? 201 CZH A C9  1 
HETATM 1526 C  C10 . CZH B 2 .   ? 2.420   -2.518  0.307   1.00 20.64 ? 201 CZH A C10 1 
HETATM 1527 C  C11 . CZH B 2 .   ? 2.733   -1.785  1.607   1.00 17.46 ? 201 CZH A C11 1 
HETATM 1528 C  C12 . CZH B 2 .   ? 4.216   -1.461  1.901   1.00 15.90 ? 201 CZH A C12 1 
HETATM 1529 C  C13 . CZH B 2 .   ? 4.556   -0.681  3.232   1.00 17.25 ? 201 CZH A C13 1 
HETATM 1530 C  C14 . CZH B 2 .   ? 3.374   -0.270  4.209   1.00 17.67 ? 201 CZH A C14 1 
HETATM 1531 C  C15 . CZH B 2 .   ? 1.881   -0.600  3.886   1.00 18.30 ? 201 CZH A C15 1 
HETATM 1532 C  C16 . CZH B 2 .   ? 1.532   -1.362  2.567   1.00 18.19 ? 201 CZH A C16 1 
HETATM 1533 O  O17 . CZH B 2 .   ? 3.677   0.407   5.393   1.00 18.90 ? 201 CZH A O17 1 
HETATM 1534 O  O18 . CZH B 2 .   ? 1.735   0.804   -0.107  1.00 32.43 ? 201 CZH A O18 1 
HETATM 1535 C  C19 . CZH B 2 .   ? -2.619  0.715   -3.973  1.00 12.97 ? 201 CZH A C19 1 
HETATM 1536 C  C20 . CZH B 2 .   ? -3.490  -0.033  -5.013  1.00 14.45 ? 201 CZH A C20 1 
HETATM 1537 C  C21 . CZH B 2 .   ? -4.756  0.731   -5.592  1.00 13.92 ? 201 CZH A C21 1 
HETATM 1538 C  C22 . CZH B 2 .   ? -5.078  2.150   -5.056  1.00 8.75  ? 201 CZH A C22 1 
HETATM 1539 C  C23 . CZH B 2 .   ? -4.189  2.890   -3.988  1.00 10.21 ? 201 CZH A C23 1 
HETATM 1540 C  C24 . CZH B 2 .   ? -2.910  2.156   -3.435  1.00 13.33 ? 201 CZH A C24 1 
HETATM 1541 O  O25 . CZH B 2 .   ? -6.182  2.789   -5.544  1.00 14.18 ? 201 CZH A O25 1 
HETATM 1542 C  C26 . CZH B 2 .   ? 0.802   -3.149  -4.676  1.00 15.32 ? 201 CZH A C26 1 
HETATM 1543 C  C27 . CZH B 2 .   ? -0.108  -4.345  -4.403  1.00 14.52 ? 201 CZH A C27 1 
HETATM 1544 C  C28 . CZH B 2 .   ? 0.472   -5.604  -3.690  1.00 14.59 ? 201 CZH A C28 1 
HETATM 1545 C  C29 . CZH B 2 .   ? -0.527  -6.807  -3.423  1.00 17.51 ? 201 CZH A C29 1 
HETATM 1546 C  C30 . CZH B 2 .   ? -2.038  -6.724  -3.906  1.00 19.82 ? 201 CZH A C30 1 
HETATM 1547 C  C31 . CZH B 2 .   ? -2.595  -5.456  -4.625  1.00 20.06 ? 201 CZH A C31 1 
HETATM 1548 C  C32 . CZH B 2 .   ? -1.607  -4.234  -4.883  1.00 16.12 ? 201 CZH A C32 1 
HETATM 1549 O  O33 . CZH B 2 .   ? 3.531   -0.742  -0.902  0.50 20.15 ? 201 CZH A O33 1 
HETATM 1550 CA CA  . CA  C 3 .   ? -9.597  -5.960  -14.864 0.61 20.71 ? 202 CA  A CA  1 
HETATM 1551 O  O   . HOH D 4 .   ? 16.278  -8.071  9.011   1.00 14.52 ? 199 HOH A O   1 
HETATM 1552 O  O   . HOH D 4 .   ? 5.298   9.344   -5.943  1.00 12.57 ? 200 HOH A O   1 
HETATM 1553 O  O   . HOH D 4 .   ? -0.307  -13.101 0.447   1.00 16.35 ? 203 HOH A O   1 
HETATM 1554 O  O   . HOH D 4 .   ? -2.075  -2.582  -15.537 1.00 13.05 ? 204 HOH A O   1 
HETATM 1555 O  O   . HOH D 4 .   ? -8.068  12.807  0.172   1.00 14.22 ? 205 HOH A O   1 
HETATM 1556 O  O   . HOH D 4 .   ? -12.377 15.256  1.845   1.00 14.36 ? 206 HOH A O   1 
HETATM 1557 O  O   . HOH D 4 .   ? -18.548 1.975   -10.274 1.00 12.35 ? 207 HOH A O   1 
HETATM 1558 O  O   . HOH D 4 .   ? -11.209 -12.821 -11.379 1.00 21.27 ? 208 HOH A O   1 
HETATM 1559 O  O   . HOH D 4 .   ? -16.917 9.896   2.901   1.00 13.61 ? 209 HOH A O   1 
HETATM 1560 O  O   . HOH D 4 .   ? -5.009  -5.067  6.608   1.00 13.25 ? 210 HOH A O   1 
HETATM 1561 O  O   . HOH D 4 .   ? 10.051  6.310   -13.048 1.00 16.69 ? 211 HOH A O   1 
HETATM 1562 O  O   . HOH D 4 .   ? 14.851  -5.735  6.962   1.00 20.00 ? 212 HOH A O   1 
HETATM 1563 O  O   . HOH D 4 .   ? 1.481   1.088   6.522   1.00 17.29 ? 213 HOH A O   1 
HETATM 1564 O  O   . HOH D 4 .   ? 3.575   -11.584 6.499   1.00 13.66 ? 214 HOH A O   1 
HETATM 1565 O  O   . HOH D 4 .   ? -18.018 3.800   0.218   1.00 15.45 ? 215 HOH A O   1 
HETATM 1566 O  O   . HOH D 4 .   ? -18.617 7.760   8.376   1.00 15.81 ? 216 HOH A O   1 
HETATM 1567 O  O   . HOH D 4 .   ? -2.443  2.313   12.815  1.00 15.00 ? 217 HOH A O   1 
HETATM 1568 O  O   . HOH D 4 .   ? -8.632  -11.086 6.394   1.00 20.12 ? 218 HOH A O   1 
HETATM 1569 O  O   . HOH D 4 .   ? 12.029  4.832   9.335   1.00 16.69 ? 219 HOH A O   1 
HETATM 1570 O  O   . HOH D 4 .   ? 3.024   -8.269  -8.805  1.00 19.67 ? 220 HOH A O   1 
HETATM 1571 O  O   . HOH D 4 .   ? -2.519  12.251  -8.722  1.00 15.07 ? 221 HOH A O   1 
HETATM 1572 O  O   . HOH D 4 .   ? 3.766   12.060  -5.771  1.00 19.33 ? 222 HOH A O   1 
HETATM 1573 O  O   . HOH D 4 .   ? -10.984 -8.183  -14.097 1.00 19.76 ? 223 HOH A O   1 
HETATM 1574 O  O   . HOH D 4 .   ? -13.619 1.344   -14.259 1.00 16.53 ? 224 HOH A O   1 
HETATM 1575 O  O   . HOH D 4 .   ? 18.765  0.971   3.769   1.00 19.01 ? 225 HOH A O   1 
HETATM 1576 O  O   . HOH D 4 .   ? 16.171  10.114  6.720   1.00 23.45 ? 226 HOH A O   1 
HETATM 1577 O  O   . HOH D 4 .   ? -14.031 -7.259  -6.077  1.00 21.07 ? 227 HOH A O   1 
HETATM 1578 O  O   . HOH D 4 .   ? 4.425   11.786  -10.987 1.00 28.58 ? 228 HOH A O   1 
HETATM 1579 O  O   . HOH D 4 .   ? -16.706 0.243   -3.312  1.00 14.43 ? 229 HOH A O   1 
HETATM 1580 O  O   . HOH D 4 .   ? 6.934   10.321  -14.071 1.00 22.06 ? 230 HOH A O   1 
HETATM 1581 O  O   . HOH D 4 .   ? 14.938  -5.907  10.171  1.00 26.30 ? 231 HOH A O   1 
HETATM 1582 O  O   . HOH D 4 .   ? 17.639  -5.463  -4.443  1.00 26.08 ? 232 HOH A O   1 
HETATM 1583 O  O   . HOH D 4 .   ? -0.122  13.849  -1.121  1.00 19.30 ? 233 HOH A O   1 
HETATM 1584 O  O   . HOH D 4 .   ? -12.788 1.311   21.277  1.00 32.78 ? 234 HOH A O   1 
HETATM 1585 O  O   . HOH D 4 .   ? -17.506 9.127   -4.512  1.00 19.86 ? 235 HOH A O   1 
HETATM 1586 O  O   . HOH D 4 .   ? -14.110 12.261  -4.518  1.00 23.52 ? 236 HOH A O   1 
HETATM 1587 O  O   . HOH D 4 .   ? 20.167  -1.573  1.234   1.00 19.41 ? 237 HOH A O   1 
HETATM 1588 O  O   . HOH D 4 .   ? -6.689  -5.154  13.070  1.00 35.33 ? 238 HOH A O   1 
HETATM 1589 O  O   . HOH D 4 .   ? -6.013  -6.337  8.584   1.00 21.34 ? 239 HOH A O   1 
HETATM 1590 O  O   . HOH D 4 .   ? -15.862 4.626   7.375   1.00 20.91 ? 240 HOH A O   1 
HETATM 1591 O  O   . HOH D 4 .   ? 12.953  -0.912  14.667  1.00 24.01 ? 241 HOH A O   1 
HETATM 1592 O  O   . HOH D 4 .   ? 5.417   11.829  -8.688  1.00 32.04 ? 242 HOH A O   1 
HETATM 1593 O  O   . HOH D 4 .   ? -16.945 7.891   -6.911  1.00 20.25 ? 243 HOH A O   1 
HETATM 1594 O  O   . HOH D 4 .   ? 2.114   12.056  6.131   1.00 31.16 ? 244 HOH A O   1 
HETATM 1595 O  O   . HOH D 4 .   ? 19.610  -3.830  -5.116  1.00 20.09 ? 245 HOH A O   1 
HETATM 1596 O  O   . HOH D 4 .   ? -3.364  -6.757  -10.955 1.00 24.05 ? 246 HOH A O   1 
HETATM 1597 O  O   . HOH D 4 .   ? -0.278  -7.990  9.726   1.00 30.84 ? 247 HOH A O   1 
HETATM 1598 O  O   . HOH D 4 .   ? -11.722 17.448  4.884   1.00 18.20 ? 248 HOH A O   1 
HETATM 1599 O  O   . HOH D 4 .   ? 2.306   -18.670 -2.503  1.00 27.98 ? 249 HOH A O   1 
HETATM 1600 O  O   . HOH D 4 .   ? 12.442  12.038  -2.526  1.00 27.97 ? 250 HOH A O   1 
HETATM 1601 O  O   . HOH D 4 .   ? -16.812 -0.309  1.486   1.00 23.32 ? 251 HOH A O   1 
HETATM 1602 O  O   . HOH D 4 .   ? 17.470  -4.032  11.160  1.00 24.23 ? 252 HOH A O   1 
HETATM 1603 O  O   . HOH D 4 .   ? 5.939   -9.862  -10.303 1.00 26.49 ? 253 HOH A O   1 
HETATM 1604 O  O   . HOH D 4 .   ? 19.521  -5.320  2.382   0.50 23.94 ? 254 HOH A O   1 
HETATM 1605 O  O   . HOH D 4 .   ? 8.625   -7.786  11.379  1.00 27.03 ? 255 HOH A O   1 
HETATM 1606 O  O   . HOH D 4 .   ? -12.400 1.585   17.666  1.00 33.70 ? 256 HOH A O   1 
HETATM 1607 O  O   . HOH D 4 .   ? 3.092   14.230  -11.047 1.00 36.21 ? 257 HOH A O   1 
HETATM 1608 O  O   . HOH D 4 .   ? 13.287  1.299   13.454  1.00 27.24 ? 258 HOH A O   1 
HETATM 1609 O  O   . HOH D 4 .   ? -13.096 -9.334  -14.605 1.00 30.88 ? 259 HOH A O   1 
HETATM 1610 O  O   . HOH D 4 .   ? -16.162 -6.271  0.876   1.00 22.66 ? 260 HOH A O   1 
HETATM 1611 O  O   . HOH D 4 .   ? 10.319  11.583  -4.526  1.00 25.09 ? 261 HOH A O   1 
HETATM 1612 O  O   . HOH D 4 .   ? 4.962   -1.431  -12.754 1.00 26.31 ? 262 HOH A O   1 
HETATM 1613 O  O   . HOH D 4 .   ? 5.211   -21.090 8.050   1.00 26.09 ? 263 HOH A O   1 
HETATM 1614 O  O   . HOH D 4 .   ? -11.634 14.740  7.051   1.00 24.69 ? 264 HOH A O   1 
HETATM 1615 O  O   . HOH D 4 .   ? 15.960  -0.812  11.979  1.00 23.61 ? 265 HOH A O   1 
HETATM 1616 O  O   . HOH D 4 .   ? 12.772  8.624   -10.877 1.00 25.83 ? 266 HOH A O   1 
HETATM 1617 O  O   . HOH D 4 .   ? 15.841  0.246   -12.351 1.00 30.96 ? 267 HOH A O   1 
HETATM 1618 O  O   . HOH D 4 .   ? -0.909  -5.424  -11.069 1.00 23.34 ? 268 HOH A O   1 
HETATM 1619 O  O   . HOH D 4 .   ? 7.304   -17.696 9.225   1.00 26.06 ? 269 HOH A O   1 
HETATM 1620 O  O   . HOH D 4 .   ? 20.626  -0.132  -2.999  1.00 25.31 ? 270 HOH A O   1 
HETATM 1621 O  O   . HOH D 4 .   ? -4.389  15.278  -11.364 1.00 26.71 ? 271 HOH A O   1 
HETATM 1622 O  O   . HOH D 4 .   ? 2.983   -18.972 -8.084  1.00 35.14 ? 272 HOH A O   1 
HETATM 1623 O  O   . HOH D 4 .   ? 12.526  -1.180  -7.553  1.00 24.22 ? 273 HOH A O   1 
HETATM 1624 O  O   . HOH D 4 .   ? -12.174 -5.552  6.101   1.00 24.32 ? 274 HOH A O   1 
HETATM 1625 O  O   . HOH D 4 .   ? -2.152  12.149  6.573   1.00 30.06 ? 275 HOH A O   1 
HETATM 1626 O  O   . HOH D 4 .   ? 18.634  -7.833  2.850   1.00 22.95 ? 276 HOH A O   1 
HETATM 1627 O  O   . HOH D 4 .   ? -12.409 3.051   12.684  1.00 26.21 ? 277 HOH A O   1 
HETATM 1628 O  O   . HOH D 4 .   ? 4.002   -12.160 9.043   1.00 26.48 ? 278 HOH A O   1 
HETATM 1629 O  O   . HOH D 4 .   ? 9.642   6.040   12.788  1.00 30.50 ? 279 HOH A O   1 
HETATM 1630 O  O   . HOH D 4 .   ? -4.747  -17.647 -2.139  1.00 37.73 ? 280 HOH A O   1 
HETATM 1631 O  O   . HOH D 4 .   ? -4.937  -8.927  8.786   1.00 28.38 ? 281 HOH A O   1 
HETATM 1632 O  O   . HOH D 4 .   ? -7.249  -15.611 -5.691  1.00 27.87 ? 282 HOH A O   1 
HETATM 1633 O  O   . HOH D 4 .   ? 21.073  -0.475  3.902   0.50 28.19 ? 283 HOH A O   1 
HETATM 1634 O  O   . HOH D 4 .   ? -8.882  -11.399 -18.504 0.50 26.62 ? 284 HOH A O   1 
HETATM 1635 O  O   . HOH D 4 .   ? 11.573  -12.953 7.637   1.00 32.15 ? 285 HOH A O   1 
HETATM 1636 O  O   . HOH D 4 .   ? 8.721   13.079  4.891   1.00 26.98 ? 286 HOH A O   1 
HETATM 1637 O  O   . HOH D 4 .   ? -17.817 1.007   -0.518  1.00 15.82 ? 287 HOH A O   1 
HETATM 1638 O  O   . HOH D 4 .   ? 16.022  -7.994  6.343   1.00 16.39 ? 288 HOH A O   1 
HETATM 1639 O  O   . HOH D 4 .   ? 19.183  -6.983  -3.160  1.00 23.68 ? 289 HOH A O   1 
HETATM 1640 O  O   . HOH D 4 .   ? 3.442   10.191  -12.405 1.00 26.04 ? 290 HOH A O   1 
HETATM 1641 O  O   . HOH D 4 .   ? -5.071  19.432  -7.728  1.00 25.71 ? 291 HOH A O   1 
HETATM 1642 O  O   . HOH D 4 .   ? -9.452  20.601  -5.116  1.00 25.96 ? 292 HOH A O   1 
HETATM 1643 O  O   . HOH D 4 .   ? 12.727  -13.662 2.606   1.00 32.64 ? 293 HOH A O   1 
HETATM 1644 O  O   . HOH D 4 .   ? 11.697  -15.815 4.189   1.00 35.09 ? 294 HOH A O   1 
HETATM 1645 O  O   . HOH D 4 .   ? 6.051   10.981  9.416   1.00 29.85 ? 295 HOH A O   1 
HETATM 1646 O  O   . HOH D 4 .   ? 12.611  14.340  -1.102  1.00 34.45 ? 296 HOH A O   1 
HETATM 1647 O  O   . HOH D 4 .   ? 2.558   5.230   12.544  1.00 29.53 ? 297 HOH A O   1 
HETATM 1648 O  O   . HOH D 4 .   ? -14.841 -4.942  5.433   1.00 29.89 ? 298 HOH A O   1 
HETATM 1649 O  O   . HOH D 4 .   ? -1.086  5.288   15.845  1.00 29.29 ? 299 HOH A O   1 
HETATM 1650 O  O   . HOH D 4 .   ? 8.417   -3.976  -11.947 1.00 26.02 ? 300 HOH A O   1 
HETATM 1651 O  O   . HOH D 4 .   ? -5.106  18.409  -10.380 1.00 29.21 ? 301 HOH A O   1 
HETATM 1652 O  O   . HOH D 4 .   ? -19.205 -1.453  -4.043  1.00 28.07 ? 302 HOH A O   1 
HETATM 1653 O  O   . HOH D 4 .   ? -11.577 20.288  -6.675  1.00 27.72 ? 303 HOH A O   1 
HETATM 1654 O  O   . HOH D 4 .   ? -10.939 -10.532 5.691   1.00 33.07 ? 304 HOH A O   1 
HETATM 1655 O  O   . HOH D 4 .   ? 1.933   14.402  -8.275  1.00 30.90 ? 305 HOH A O   1 
HETATM 1656 O  O   . HOH D 4 .   ? -15.587 2.693   -15.569 1.00 30.93 ? 306 HOH A O   1 
HETATM 1657 O  O   . HOH D 4 .   ? 15.343  10.248  10.396  1.00 30.65 ? 307 HOH A O   1 
HETATM 1658 O  O   . HOH D 4 .   ? -0.522  -11.078 -10.560 1.00 33.50 ? 308 HOH A O   1 
HETATM 1659 O  O   . HOH D 4 .   ? 15.785  -1.397  14.622  1.00 29.07 ? 309 HOH A O   1 
HETATM 1660 O  O   . HOH D 4 .   ? 6.328   -3.452  -13.306 1.00 33.12 ? 310 HOH A O   1 
HETATM 1661 O  O   . HOH D 4 .   ? 13.460  -12.070 -1.381  1.00 32.36 ? 311 HOH A O   1 
HETATM 1662 O  O   . HOH D 4 .   ? -19.613 -13.791 -8.613  1.00 31.18 ? 312 HOH A O   1 
HETATM 1663 O  O   . HOH D 4 .   ? -12.286 -8.145  6.532   1.00 33.18 ? 313 HOH A O   1 
HETATM 1664 O  O   . HOH D 4 .   ? 1.662   -6.500  -0.996  1.00 18.25 ? 314 HOH A O   1 
HETATM 1665 O  O   . HOH D 4 .   ? 15.982  9.954   4.073   1.00 25.05 ? 315 HOH A O   1 
HETATM 1666 O  O   . HOH D 4 .   ? 14.339  -11.847 2.304   1.00 32.70 ? 316 HOH A O   1 
HETATM 1667 O  O   . HOH D 4 .   ? -12.875 3.638   16.212  1.00 35.37 ? 317 HOH A O   1 
HETATM 1668 O  O   . HOH D 4 .   ? -2.472  -10.030 8.608   1.00 26.82 ? 318 HOH A O   1 
HETATM 1669 O  O   . HOH D 4 .   ? -1.589  10.206  20.856  1.00 41.01 ? 319 HOH A O   1 
HETATM 1670 O  O   . HOH D 4 .   ? -1.373  9.903   17.796  1.00 41.13 ? 320 HOH A O   1 
HETATM 1671 O  O   . HOH D 4 .   ? -16.070 8.533   10.237  1.00 27.87 ? 321 HOH A O   1 
HETATM 1672 O  O   . HOH D 4 .   ? -18.201 11.765  -5.699  1.00 37.42 ? 322 HOH A O   1 
HETATM 1673 O  O   . HOH D 4 .   ? -12.346 16.320  9.006   1.00 37.08 ? 323 HOH A O   1 
HETATM 1674 O  O   . HOH D 4 .   ? -0.628  -8.772  -11.818 1.00 41.02 ? 324 HOH A O   1 
HETATM 1675 O  O   . HOH D 4 .   ? 13.153  14.772  1.845   1.00 40.90 ? 325 HOH A O   1 
HETATM 1676 O  O   . HOH D 4 .   ? -15.836 12.377  -7.302  1.00 47.13 ? 326 HOH A O   1 
HETATM 1677 O  O   . HOH D 4 .   ? -15.778 -4.264  -19.652 1.00 33.97 ? 327 HOH A O   1 
HETATM 1678 O  O   . HOH D 4 .   ? -15.350 5.597   9.843   1.00 38.89 ? 328 HOH A O   1 
# 
loop_
_pdbx_poly_seq_scheme.asym_id 
_pdbx_poly_seq_scheme.entity_id 
_pdbx_poly_seq_scheme.seq_id 
_pdbx_poly_seq_scheme.mon_id 
_pdbx_poly_seq_scheme.ndb_seq_num 
_pdbx_poly_seq_scheme.pdb_seq_num 
_pdbx_poly_seq_scheme.auth_seq_num 
_pdbx_poly_seq_scheme.pdb_mon_id 
_pdbx_poly_seq_scheme.auth_mon_id 
_pdbx_poly_seq_scheme.pdb_strand_id 
_pdbx_poly_seq_scheme.pdb_ins_code 
_pdbx_poly_seq_scheme.hetero 
A 1 1   MET 1   1   ?   ?   ?   A . n 
A 1 2   THR 2   2   ?   ?   ?   A . n 
A 1 3   ASP 3   3   ?   ?   ?   A . n 
A 1 4   THR 4   4   ?   ?   ?   A . n 
A 1 5   ALA 5   5   ?   ?   ?   A . n 
A 1 6   SER 6   6   ?   ?   ?   A . n 
A 1 7   LYS 7   7   ?   ?   ?   A . n 
A 1 8   TYR 8   8   ?   ?   ?   A . n 
A 1 9   ALA 9   9   ?   ?   ?   A . n 
A 1 10  VAL 10  10  10  VAL VAL A . n 
A 1 11  LYS 11  11  11  LYS LYS A . n 
A 1 12  LEU 12  12  12  LEU LEU A . n 
A 1 13  LYS 13  13  13  LYS LYS A . n 
A 1 14  THR 14  14  14  THR THR A . n 
A 1 15  ASN 15  15  15  ASN ASN A . n 
A 1 16  PHE 16  16  16  PHE PHE A . n 
A 1 17  GLU 17  17  17  GLU GLU A . n 
A 1 18  ASP 18  18  18  ASP ASP A . n 
A 1 19  PRO 19  19  19  PRO PRO A . n 
A 1 20  LYS 20  20  20  LYS LYS A . n 
A 1 21  TRP 21  21  21  TRP TRP A . n 
A 1 22  VAL 22  22  22  VAL VAL A . n 
A 1 23  ASN 23  23  23  ASN ASN A . n 
A 1 24  ARG 24  24  24  ARG ARG A . n 
A 1 25  HIS 25  25  25  HIS HIS A . n 
A 1 26  LYS 26  26  26  LYS LYS A . n 
A 1 27  PHE 27  27  27  PHE PHE A . n 
A 1 28  MET 28  28  28  MET MET A . n 
A 1 29  PHE 29  29  29  PHE PHE A . n 
A 1 30  ASN 30  30  30  ASN ASN A . n 
A 1 31  PHE 31  31  31  PHE PHE A . n 
A 1 32  LEU 32  32  32  LEU LEU A . n 
A 1 33  ASP 33  33  33  ASP ASP A . n 
A 1 34  ILE 34  34  34  ILE ILE A . n 
A 1 35  ASN 35  35  35  ASN ASN A . n 
A 1 36  GLY 36  36  36  GLY GLY A . n 
A 1 37  ASN 37  37  37  ASN ASN A . n 
A 1 38  GLY 38  38  38  GLY GLY A . n 
A 1 39  LYS 39  39  39  LYS LYS A . n 
A 1 40  ILE 40  40  40  ILE ILE A . n 
A 1 41  THR 41  41  41  THR THR A . n 
A 1 42  LEU 42  42  42  LEU LEU A . n 
A 1 43  ASP 43  43  43  ASP ASP A . n 
A 1 44  GLU 44  44  44  GLU GLU A . n 
A 1 45  ILE 45  45  45  ILE ILE A . n 
A 1 46  VAL 46  46  46  VAL VAL A . n 
A 1 47  SER 47  47  47  SER SER A . n 
A 1 48  LYS 48  48  48  LYS LYS A . n 
A 1 49  ALA 49  49  49  ALA ALA A . n 
A 1 50  SER 50  50  50  SER SER A . n 
A 1 51  ASP 51  51  51  ASP ASP A . n 
A 1 52  ASP 52  52  52  ASP ASP A . n 
A 1 53  ILE 53  53  53  ILE ILE A . n 
A 1 54  CYS 54  54  54  CYS CYS A . n 
A 1 55  ALA 55  55  55  ALA ALA A . n 
A 1 56  LYS 56  56  56  LYS LYS A . n 
A 1 57  LEU 57  57  57  LEU LEU A . n 
A 1 58  GLY 58  58  58  GLY GLY A . n 
A 1 59  ALA 59  59  59  ALA ALA A . n 
A 1 60  THR 60  60  60  THR THR A . n 
A 1 61  PRO 61  61  61  PRO PRO A . n 
A 1 62  ALA 62  62  62  ALA ALA A . n 
A 1 63  GLN 63  63  63  GLN GLN A . n 
A 1 64  THR 64  64  64  THR THR A . n 
A 1 65  GLN 65  65  65  GLN GLN A . n 
A 1 66  ARG 66  66  66  ARG ARG A . n 
A 1 67  HIS 67  67  67  HIS HIS A . n 
A 1 68  GLN 68  68  68  GLN GLN A . n 
A 1 69  GLU 69  69  69  GLU GLU A . n 
A 1 70  ALA 70  70  70  ALA ALA A . n 
A 1 71  VAL 71  71  71  VAL VAL A . n 
A 1 72  GLU 72  72  72  GLU GLU A . n 
A 1 73  ALA 73  73  73  ALA ALA A . n 
A 1 74  PHE 74  74  74  PHE PHE A . n 
A 1 75  PHE 75  75  75  PHE PHE A . n 
A 1 76  LYS 76  76  76  LYS LYS A . n 
A 1 77  LYS 77  77  77  LYS LYS A . n 
A 1 78  ILE 78  78  78  ILE ILE A . n 
A 1 79  GLY 79  79  79  GLY GLY A . n 
A 1 80  LEU 80  80  80  LEU LEU A . n 
A 1 81  ASP 81  81  81  ASP ASP A . n 
A 1 82  TYR 82  82  82  TYR TYR A . n 
A 1 83  GLY 83  83  83  GLY GLY A . n 
A 1 84  LYS 84  84  84  LYS LYS A . n 
A 1 85  GLU 85  85  85  GLU GLU A . n 
A 1 86  VAL 86  86  86  VAL VAL A . n 
A 1 87  GLU 87  87  87  GLU GLU A . n 
A 1 88  PHE 88  88  88  PHE PHE A . n 
A 1 89  PRO 89  89  89  PRO PRO A . n 
A 1 90  ALA 90  90  90  ALA ALA A . n 
A 1 91  PHE 91  91  91  PHE PHE A . n 
A 1 92  VAL 92  92  92  VAL VAL A . n 
A 1 93  ASN 93  93  93  ASN ASN A . n 
A 1 94  GLY 94  94  94  GLY GLY A . n 
A 1 95  TRP 95  95  95  TRP TRP A . n 
A 1 96  LYS 96  96  96  LYS LYS A . n 
A 1 97  GLU 97  97  97  GLU GLU A . n 
A 1 98  LEU 98  98  98  LEU LEU A . n 
A 1 99  ALA 99  99  99  ALA ALA A . n 
A 1 100 LYS 100 100 100 LYS LYS A . n 
A 1 101 HIS 101 101 101 HIS HIS A . n 
A 1 102 ASP 102 102 102 ASP ASP A . n 
A 1 103 LEU 103 103 103 LEU LEU A . n 
A 1 104 LYS 104 104 104 LYS LYS A . n 
A 1 105 LEU 105 105 105 LEU LEU A . n 
A 1 106 TRP 106 106 106 TRP TRP A . n 
A 1 107 SER 107 107 107 SER SER A . n 
A 1 108 GLN 108 108 108 GLN GLN A . n 
A 1 109 ASN 109 109 109 ASN ASN A . n 
A 1 110 LYS 110 110 110 LYS LYS A . n 
A 1 111 LYS 111 111 111 LYS LYS A . n 
A 1 112 SER 112 112 112 SER SER A . n 
A 1 113 LEU 113 113 113 LEU LEU A . n 
A 1 114 ILE 114 114 114 ILE ILE A . n 
A 1 115 ARG 115 115 115 ARG ARG A . n 
A 1 116 ASN 116 116 116 ASN ASN A . n 
A 1 117 TRP 117 117 117 TRP TRP A . n 
A 1 118 GLY 118 118 118 GLY GLY A . n 
A 1 119 GLU 119 119 119 GLU GLU A . n 
A 1 120 ALA 120 120 120 ALA ALA A . n 
A 1 121 VAL 121 121 121 VAL VAL A . n 
A 1 122 PHE 122 122 122 PHE PHE A . n 
A 1 123 ASP 123 123 123 ASP ASP A . n 
A 1 124 ILE 124 124 124 ILE ILE A . n 
A 1 125 PHE 125 125 125 PHE PHE A . n 
A 1 126 ASP 126 126 126 ASP ASP A . n 
A 1 127 LYS 127 127 127 LYS LYS A . n 
A 1 128 ASP 128 128 128 ASP ASP A . n 
A 1 129 GLY 129 129 129 GLY GLY A . n 
A 1 130 SER 130 130 130 SER SER A . n 
A 1 131 GLY 131 131 131 GLY GLY A . n 
A 1 132 SER 132 132 132 SER SER A . n 
A 1 133 ILE 133 133 133 ILE ILE A . n 
A 1 134 SER 134 134 134 SER SER A . n 
A 1 135 LEU 135 135 135 LEU LEU A . n 
A 1 136 ASP 136 136 136 ASP ASP A . n 
A 1 137 GLU 137 137 137 GLU GLU A . n 
A 1 138 TRP 138 138 138 TRP TRP A . n 
A 1 139 LYS 139 139 139 LYS LYS A . n 
A 1 140 THR 140 140 140 THR THR A . n 
A 1 141 TYR 141 141 141 TYR TYR A . n 
A 1 142 GLY 142 142 142 GLY GLY A . n 
A 1 143 GLY 143 143 143 GLY GLY A . n 
A 1 144 ILE 144 144 144 ILE ILE A . n 
A 1 145 SER 145 145 145 SER SER A . n 
A 1 146 GLY 146 146 146 GLY GLY A . n 
A 1 147 ILE 147 147 147 ILE ILE A . n 
A 1 148 CYS 148 148 148 CYS CYS A . n 
A 1 149 PRO 149 149 149 PRO PRO A . n 
A 1 150 SER 150 150 150 SER SER A . n 
A 1 151 ASP 151 151 151 ASP ASP A . n 
A 1 152 GLU 152 152 152 GLU GLU A . n 
A 1 153 ASP 153 153 153 ASP ASP A . n 
A 1 154 ALA 154 154 154 ALA ALA A . n 
A 1 155 GLU 155 155 155 GLU GLU A . n 
A 1 156 LYS 156 156 156 LYS LYS A . n 
A 1 157 THR 157 157 157 THR THR A . n 
A 1 158 PHE 158 158 158 PHE PHE A . n 
A 1 159 LYS 159 159 159 LYS LYS A . n 
A 1 160 HIS 160 160 160 HIS HIS A . n 
A 1 161 CYS 161 161 161 CYS CYS A . n 
A 1 162 ASP 162 162 162 ASP ASP A . n 
A 1 163 LEU 163 163 163 LEU LEU A . n 
A 1 164 ASP 164 164 164 ASP ASP A . n 
A 1 165 ASN 165 165 165 ASN ASN A . n 
A 1 166 SER 166 166 166 SER SER A . n 
A 1 167 GLY 167 167 167 GLY GLY A . n 
A 1 168 LYS 168 168 168 LYS LYS A . n 
A 1 169 LEU 169 169 169 LEU LEU A . n 
A 1 170 ASP 170 170 170 ASP ASP A . n 
A 1 171 VAL 171 171 171 VAL VAL A . n 
A 1 172 ASP 172 172 172 ASP ASP A . n 
A 1 173 GLU 173 173 173 GLU GLU A . n 
A 1 174 MET 174 174 174 MET MET A . n 
A 1 175 THR 175 175 175 THR THR A . n 
A 1 176 ARG 176 176 176 ARG ARG A . n 
A 1 177 GLN 177 177 177 GLN GLN A . n 
A 1 178 HIS 178 178 178 HIS HIS A . n 
A 1 179 LEU 179 179 179 LEU LEU A . n 
A 1 180 GLY 180 180 180 GLY GLY A . n 
A 1 181 PHE 181 181 181 PHE PHE A . n 
A 1 182 TRP 182 182 182 TRP TRP A . n 
A 1 183 TYR 183 183 183 TYR TYR A . n 
A 1 184 THR 184 184 184 THR THR A . n 
A 1 185 LEU 185 185 185 LEU LEU A . n 
A 1 186 ASP 186 186 186 ASP ASP A . n 
A 1 187 PRO 187 187 187 PRO PRO A . n 
A 1 188 ASN 188 188 188 ASN ASN A . n 
A 1 189 ALA 189 189 189 ALA ALA A . n 
A 1 190 ASP 190 190 190 ASP ASP A . n 
A 1 191 GLY 191 191 191 GLY GLY A . n 
A 1 192 LEU 192 192 192 LEU LEU A . n 
A 1 193 TYR 193 193 193 TYR TYR A . n 
A 1 194 GLY 194 194 194 GLY GLY A . n 
A 1 195 ASN 195 195 195 ASN ASN A . n 
A 1 196 PHE 196 196 196 PHE PHE A . n 
A 1 197 VAL 197 197 197 VAL VAL A . n 
A 1 198 PRO 198 198 198 PRO PRO A . n 
# 
loop_
_pdbx_nonpoly_scheme.asym_id 
_pdbx_nonpoly_scheme.entity_id 
_pdbx_nonpoly_scheme.mon_id 
_pdbx_nonpoly_scheme.ndb_seq_num 
_pdbx_nonpoly_scheme.pdb_seq_num 
_pdbx_nonpoly_scheme.auth_seq_num 
_pdbx_nonpoly_scheme.pdb_mon_id 
_pdbx_nonpoly_scheme.auth_mon_id 
_pdbx_nonpoly_scheme.pdb_strand_id 
_pdbx_nonpoly_scheme.pdb_ins_code 
B 2 CZH 1   201 201 CZH CZH A . 
C 3 CA  1   202 202 CA  CA  A . 
D 4 HOH 1   199 1   HOH HOH A . 
D 4 HOH 2   200 2   HOH HOH A . 
D 4 HOH 3   203 3   HOH HOH A . 
D 4 HOH 4   204 4   HOH HOH A . 
D 4 HOH 5   205 5   HOH HOH A . 
D 4 HOH 6   206 6   HOH HOH A . 
D 4 HOH 7   207 7   HOH HOH A . 
D 4 HOH 8   208 8   HOH HOH A . 
D 4 HOH 9   209 9   HOH HOH A . 
D 4 HOH 10  210 10  HOH HOH A . 
D 4 HOH 11  211 11  HOH HOH A . 
D 4 HOH 12  212 12  HOH HOH A . 
D 4 HOH 13  213 13  HOH HOH A . 
D 4 HOH 14  214 14  HOH HOH A . 
D 4 HOH 15  215 15  HOH HOH A . 
D 4 HOH 16  216 16  HOH HOH A . 
D 4 HOH 17  217 17  HOH HOH A . 
D 4 HOH 18  218 18  HOH HOH A . 
D 4 HOH 19  219 19  HOH HOH A . 
D 4 HOH 20  220 20  HOH HOH A . 
D 4 HOH 21  221 21  HOH HOH A . 
D 4 HOH 22  222 22  HOH HOH A . 
D 4 HOH 23  223 23  HOH HOH A . 
D 4 HOH 24  224 24  HOH HOH A . 
D 4 HOH 25  225 25  HOH HOH A . 
D 4 HOH 26  226 26  HOH HOH A . 
D 4 HOH 27  227 27  HOH HOH A . 
D 4 HOH 28  228 28  HOH HOH A . 
D 4 HOH 29  229 29  HOH HOH A . 
D 4 HOH 30  230 30  HOH HOH A . 
D 4 HOH 31  231 31  HOH HOH A . 
D 4 HOH 32  232 32  HOH HOH A . 
D 4 HOH 33  233 33  HOH HOH A . 
D 4 HOH 34  234 34  HOH HOH A . 
D 4 HOH 35  235 35  HOH HOH A . 
D 4 HOH 36  236 36  HOH HOH A . 
D 4 HOH 37  237 37  HOH HOH A . 
D 4 HOH 38  238 38  HOH HOH A . 
D 4 HOH 39  239 39  HOH HOH A . 
D 4 HOH 40  240 40  HOH HOH A . 
D 4 HOH 41  241 41  HOH HOH A . 
D 4 HOH 42  242 42  HOH HOH A . 
D 4 HOH 43  243 43  HOH HOH A . 
D 4 HOH 44  244 44  HOH HOH A . 
D 4 HOH 45  245 45  HOH HOH A . 
D 4 HOH 46  246 46  HOH HOH A . 
D 4 HOH 47  247 47  HOH HOH A . 
D 4 HOH 48  248 48  HOH HOH A . 
D 4 HOH 49  249 49  HOH HOH A . 
D 4 HOH 50  250 50  HOH HOH A . 
D 4 HOH 51  251 51  HOH HOH A . 
D 4 HOH 52  252 52  HOH HOH A . 
D 4 HOH 53  253 53  HOH HOH A . 
D 4 HOH 54  254 54  HOH HOH A . 
D 4 HOH 55  255 55  HOH HOH A . 
D 4 HOH 56  256 56  HOH HOH A . 
D 4 HOH 57  257 57  HOH HOH A . 
D 4 HOH 58  258 58  HOH HOH A . 
D 4 HOH 59  259 59  HOH HOH A . 
D 4 HOH 60  260 60  HOH HOH A . 
D 4 HOH 61  261 61  HOH HOH A . 
D 4 HOH 62  262 62  HOH HOH A . 
D 4 HOH 63  263 63  HOH HOH A . 
D 4 HOH 64  264 64  HOH HOH A . 
D 4 HOH 65  265 65  HOH HOH A . 
D 4 HOH 66  266 66  HOH HOH A . 
D 4 HOH 67  267 67  HOH HOH A . 
D 4 HOH 68  268 68  HOH HOH A . 
D 4 HOH 69  269 69  HOH HOH A . 
D 4 HOH 70  270 70  HOH HOH A . 
D 4 HOH 71  271 71  HOH HOH A . 
D 4 HOH 72  272 72  HOH HOH A . 
D 4 HOH 73  273 73  HOH HOH A . 
D 4 HOH 74  274 74  HOH HOH A . 
D 4 HOH 75  275 75  HOH HOH A . 
D 4 HOH 76  276 76  HOH HOH A . 
D 4 HOH 77  277 77  HOH HOH A . 
D 4 HOH 78  278 78  HOH HOH A . 
D 4 HOH 79  279 79  HOH HOH A . 
D 4 HOH 80  280 80  HOH HOH A . 
D 4 HOH 81  281 81  HOH HOH A . 
D 4 HOH 82  282 82  HOH HOH A . 
D 4 HOH 83  283 83  HOH HOH A . 
D 4 HOH 84  284 84  HOH HOH A . 
D 4 HOH 85  285 85  HOH HOH A . 
D 4 HOH 86  286 86  HOH HOH A . 
D 4 HOH 87  287 87  HOH HOH A . 
D 4 HOH 88  288 88  HOH HOH A . 
D 4 HOH 89  289 89  HOH HOH A . 
D 4 HOH 90  290 90  HOH HOH A . 
D 4 HOH 91  291 91  HOH HOH A . 
D 4 HOH 92  292 92  HOH HOH A . 
D 4 HOH 93  293 93  HOH HOH A . 
D 4 HOH 94  294 94  HOH HOH A . 
D 4 HOH 95  295 95  HOH HOH A . 
D 4 HOH 96  296 96  HOH HOH A . 
D 4 HOH 97  297 97  HOH HOH A . 
D 4 HOH 98  298 98  HOH HOH A . 
D 4 HOH 99  299 99  HOH HOH A . 
D 4 HOH 100 300 100 HOH HOH A . 
D 4 HOH 101 301 101 HOH HOH A . 
D 4 HOH 102 302 102 HOH HOH A . 
D 4 HOH 103 303 103 HOH HOH A . 
D 4 HOH 104 304 104 HOH HOH A . 
D 4 HOH 105 305 105 HOH HOH A . 
D 4 HOH 106 306 106 HOH HOH A . 
D 4 HOH 107 307 107 HOH HOH A . 
D 4 HOH 108 308 108 HOH HOH A . 
D 4 HOH 109 309 109 HOH HOH A . 
D 4 HOH 110 310 110 HOH HOH A . 
D 4 HOH 111 311 111 HOH HOH A . 
D 4 HOH 112 312 112 HOH HOH A . 
D 4 HOH 113 313 113 HOH HOH A . 
D 4 HOH 114 314 114 HOH HOH A . 
D 4 HOH 115 315 115 HOH HOH A . 
D 4 HOH 116 316 116 HOH HOH A . 
D 4 HOH 117 317 117 HOH HOH A . 
D 4 HOH 118 318 118 HOH HOH A . 
D 4 HOH 119 319 119 HOH HOH A . 
D 4 HOH 120 320 120 HOH HOH A . 
D 4 HOH 121 321 121 HOH HOH A . 
D 4 HOH 122 322 122 HOH HOH A . 
D 4 HOH 123 323 123 HOH HOH A . 
D 4 HOH 124 324 124 HOH HOH A . 
D 4 HOH 125 325 125 HOH HOH A . 
D 4 HOH 126 326 126 HOH HOH A . 
D 4 HOH 127 327 127 HOH HOH A . 
D 4 HOH 128 328 128 HOH HOH A . 
# 
_pdbx_struct_assembly.id                   1 
_pdbx_struct_assembly.details              author_and_software_defined_assembly 
_pdbx_struct_assembly.method_details       PISA 
_pdbx_struct_assembly.oligomeric_details   monomeric 
_pdbx_struct_assembly.oligomeric_count     1 
# 
_pdbx_struct_assembly_gen.assembly_id       1 
_pdbx_struct_assembly_gen.oper_expression   1 
_pdbx_struct_assembly_gen.asym_id_list      A,B,C,D 
# 
_pdbx_struct_oper_list.id                   1 
_pdbx_struct_oper_list.type                 'identity operation' 
_pdbx_struct_oper_list.name                 1_555 
_pdbx_struct_oper_list.symmetry_operation   x,y,z 
_pdbx_struct_oper_list.matrix[1][1]         1.0000000000 
_pdbx_struct_oper_list.matrix[1][2]         0.0000000000 
_pdbx_struct_oper_list.matrix[1][3]         0.0000000000 
_pdbx_struct_oper_list.vector[1]            0.0000000000 
_pdbx_struct_oper_list.matrix[2][1]         0.0000000000 
_pdbx_struct_oper_list.matrix[2][2]         1.0000000000 
_pdbx_struct_oper_list.matrix[2][3]         0.0000000000 
_pdbx_struct_oper_list.vector[2]            0.0000000000 
_pdbx_struct_oper_list.matrix[3][1]         0.0000000000 
_pdbx_struct_oper_list.matrix[3][2]         0.0000000000 
_pdbx_struct_oper_list.matrix[3][3]         1.0000000000 
_pdbx_struct_oper_list.vector[3]            0.0000000000 
# 
loop_
_pdbx_struct_special_symmetry.id 
_pdbx_struct_special_symmetry.PDB_model_num 
_pdbx_struct_special_symmetry.auth_asym_id 
_pdbx_struct_special_symmetry.auth_comp_id 
_pdbx_struct_special_symmetry.auth_seq_id 
_pdbx_struct_special_symmetry.PDB_ins_code 
_pdbx_struct_special_symmetry.label_asym_id 
_pdbx_struct_special_symmetry.label_comp_id 
_pdbx_struct_special_symmetry.label_seq_id 
1 1 A HOH 254 ? D HOH . 
2 1 A HOH 283 ? D HOH . 
3 1 A HOH 284 ? D HOH . 
# 
loop_
_pdbx_struct_conn_angle.id 
_pdbx_struct_conn_angle.ptnr1_label_atom_id 
_pdbx_struct_conn_angle.ptnr1_label_alt_id 
_pdbx_struct_conn_angle.ptnr1_label_asym_id 
_pdbx_struct_conn_angle.ptnr1_label_comp_id 
_pdbx_struct_conn_angle.ptnr1_label_seq_id 
_pdbx_struct_conn_angle.ptnr1_auth_atom_id 
_pdbx_struct_conn_angle.ptnr1_auth_asym_id 
_pdbx_struct_conn_angle.ptnr1_auth_comp_id 
_pdbx_struct_conn_angle.ptnr1_auth_seq_id 
_pdbx_struct_conn_angle.ptnr1_PDB_ins_code 
_pdbx_struct_conn_angle.ptnr1_symmetry 
_pdbx_struct_conn_angle.ptnr2_label_atom_id 
_pdbx_struct_conn_angle.ptnr2_label_alt_id 
_pdbx_struct_conn_angle.ptnr2_label_asym_id 
_pdbx_struct_conn_angle.ptnr2_label_comp_id 
_pdbx_struct_conn_angle.ptnr2_label_seq_id 
_pdbx_struct_conn_angle.ptnr2_auth_atom_id 
_pdbx_struct_conn_angle.ptnr2_auth_asym_id 
_pdbx_struct_conn_angle.ptnr2_auth_comp_id 
_pdbx_struct_conn_angle.ptnr2_auth_seq_id 
_pdbx_struct_conn_angle.ptnr2_PDB_ins_code 
_pdbx_struct_conn_angle.ptnr2_symmetry 
_pdbx_struct_conn_angle.ptnr3_label_atom_id 
_pdbx_struct_conn_angle.ptnr3_label_alt_id 
_pdbx_struct_conn_angle.ptnr3_label_asym_id 
_pdbx_struct_conn_angle.ptnr3_label_comp_id 
_pdbx_struct_conn_angle.ptnr3_label_seq_id 
_pdbx_struct_conn_angle.ptnr3_auth_atom_id 
_pdbx_struct_conn_angle.ptnr3_auth_asym_id 
_pdbx_struct_conn_angle.ptnr3_auth_comp_id 
_pdbx_struct_conn_angle.ptnr3_auth_seq_id 
_pdbx_struct_conn_angle.ptnr3_PDB_ins_code 
_pdbx_struct_conn_angle.ptnr3_symmetry 
_pdbx_struct_conn_angle.value 
_pdbx_struct_conn_angle.value_esd 
1  OD1 ? A ASP 33 ? A ASP 33 ? 1_555 CA ? C CA . ? A CA 202 ? 1_555 OD1 ? A ASN 35 ? A ASN 35  ? 1_555 80.6  ? 
2  OD1 ? A ASP 33 ? A ASP 33 ? 1_555 CA ? C CA . ? A CA 202 ? 1_555 OD1 ? A ASN 37 ? A ASN 37  ? 1_555 87.9  ? 
3  OD1 ? A ASN 35 ? A ASN 35 ? 1_555 CA ? C CA . ? A CA 202 ? 1_555 OD1 ? A ASN 37 ? A ASN 37  ? 1_555 82.0  ? 
4  OD1 ? A ASP 33 ? A ASP 33 ? 1_555 CA ? C CA . ? A CA 202 ? 1_555 O   ? A LYS 39 ? A LYS 39  ? 1_555 98.3  ? 
5  OD1 ? A ASN 35 ? A ASN 35 ? 1_555 CA ? C CA . ? A CA 202 ? 1_555 O   ? A LYS 39 ? A LYS 39  ? 1_555 167.0 ? 
6  OD1 ? A ASN 37 ? A ASN 37 ? 1_555 CA ? C CA . ? A CA 202 ? 1_555 O   ? A LYS 39 ? A LYS 39  ? 1_555 85.0  ? 
7  OD1 ? A ASP 33 ? A ASP 33 ? 1_555 CA ? C CA . ? A CA 202 ? 1_555 O   ? D HOH .  ? A HOH 223 ? 1_555 170.5 ? 
8  OD1 ? A ASN 35 ? A ASN 35 ? 1_555 CA ? C CA . ? A CA 202 ? 1_555 O   ? D HOH .  ? A HOH 223 ? 1_555 96.5  ? 
9  OD1 ? A ASN 37 ? A ASN 37 ? 1_555 CA ? C CA . ? A CA 202 ? 1_555 O   ? D HOH .  ? A HOH 223 ? 1_555 82.7  ? 
10 O   ? A LYS 39 ? A LYS 39 ? 1_555 CA ? C CA . ? A CA 202 ? 1_555 O   ? D HOH .  ? A HOH 223 ? 1_555 82.4  ? 
# 
loop_
_pdbx_audit_revision_history.ordinal 
_pdbx_audit_revision_history.data_content_type 
_pdbx_audit_revision_history.major_revision 
_pdbx_audit_revision_history.minor_revision 
_pdbx_audit_revision_history.revision_date 
1 'Structure model' 1 0 2010-10-06 
2 'Structure model' 1 1 2011-07-13 
3 'Structure model' 1 2 2023-11-01 
# 
_pdbx_audit_revision_details.ordinal             1 
_pdbx_audit_revision_details.revision_ordinal    1 
_pdbx_audit_revision_details.data_content_type   'Structure model' 
_pdbx_audit_revision_details.provider            repository 
_pdbx_audit_revision_details.type                'Initial release' 
_pdbx_audit_revision_details.description         ? 
_pdbx_audit_revision_details.details             ? 
# 
loop_
_pdbx_audit_revision_group.ordinal 
_pdbx_audit_revision_group.revision_ordinal 
_pdbx_audit_revision_group.data_content_type 
_pdbx_audit_revision_group.group 
1 2 'Structure model' 'Structure summary'         
2 2 'Structure model' 'Version format compliance' 
3 3 'Structure model' 'Data collection'           
4 3 'Structure model' 'Database references'       
5 3 'Structure model' 'Derived calculations'      
6 3 'Structure model' 'Refinement description'    
# 
loop_
_pdbx_audit_revision_category.ordinal 
_pdbx_audit_revision_category.revision_ordinal 
_pdbx_audit_revision_category.data_content_type 
_pdbx_audit_revision_category.category 
1 3 'Structure model' chem_comp_atom                
2 3 'Structure model' chem_comp_bond                
3 3 'Structure model' database_2                    
4 3 'Structure model' pdbx_initial_refinement_model 
5 3 'Structure model' struct_site                   
# 
loop_
_pdbx_audit_revision_item.ordinal 
_pdbx_audit_revision_item.revision_ordinal 
_pdbx_audit_revision_item.data_content_type 
_pdbx_audit_revision_item.item 
1 3 'Structure model' '_database_2.pdbx_DOI'                
2 3 'Structure model' '_database_2.pdbx_database_accession' 
3 3 'Structure model' '_struct_site.pdbx_auth_asym_id'      
4 3 'Structure model' '_struct_site.pdbx_auth_comp_id'      
5 3 'Structure model' '_struct_site.pdbx_auth_seq_id'       
# 
loop_
_software.name 
_software.classification 
_software.version 
_software.citation_id 
_software.pdbx_ordinal 
HKL-2000 'data collection' .                 ? 1 
PHASER   phasing           .                 ? 2 
PHENIX   refinement        '(phenix.refine)' ? 3 
HKL-2000 'data reduction'  .                 ? 4 
HKL-2000 'data scaling'    .                 ? 5 
# 
loop_
_pdbx_validate_torsion.id 
_pdbx_validate_torsion.PDB_model_num 
_pdbx_validate_torsion.auth_comp_id 
_pdbx_validate_torsion.auth_asym_id 
_pdbx_validate_torsion.auth_seq_id 
_pdbx_validate_torsion.PDB_ins_code 
_pdbx_validate_torsion.label_alt_id 
_pdbx_validate_torsion.phi 
_pdbx_validate_torsion.psi 
1 1 ASN A 15 ? ? -143.22 57.66  
2 1 ASP A 52 ? ? -105.10 -71.67 
# 
_pdbx_unobs_or_zero_occ_atoms.id               1 
_pdbx_unobs_or_zero_occ_atoms.PDB_model_num    1 
_pdbx_unobs_or_zero_occ_atoms.polymer_flag     N 
_pdbx_unobs_or_zero_occ_atoms.occupancy_flag   1 
_pdbx_unobs_or_zero_occ_atoms.auth_asym_id     A 
_pdbx_unobs_or_zero_occ_atoms.auth_comp_id     CZH 
_pdbx_unobs_or_zero_occ_atoms.auth_seq_id      201 
_pdbx_unobs_or_zero_occ_atoms.PDB_ins_code     ? 
_pdbx_unobs_or_zero_occ_atoms.auth_atom_id     O34 
_pdbx_unobs_or_zero_occ_atoms.label_alt_id     ? 
_pdbx_unobs_or_zero_occ_atoms.label_asym_id    B 
_pdbx_unobs_or_zero_occ_atoms.label_comp_id    CZH 
_pdbx_unobs_or_zero_occ_atoms.label_seq_id     1 
_pdbx_unobs_or_zero_occ_atoms.label_atom_id    O34 
# 
loop_
_pdbx_unobs_or_zero_occ_residues.id 
_pdbx_unobs_or_zero_occ_residues.PDB_model_num 
_pdbx_unobs_or_zero_occ_residues.polymer_flag 
_pdbx_unobs_or_zero_occ_residues.occupancy_flag 
_pdbx_unobs_or_zero_occ_residues.auth_asym_id 
_pdbx_unobs_or_zero_occ_residues.auth_comp_id 
_pdbx_unobs_or_zero_occ_residues.auth_seq_id 
_pdbx_unobs_or_zero_occ_residues.PDB_ins_code 
_pdbx_unobs_or_zero_occ_residues.label_asym_id 
_pdbx_unobs_or_zero_occ_residues.label_comp_id 
_pdbx_unobs_or_zero_occ_residues.label_seq_id 
1 1 Y 1 A MET 1 ? A MET 1 
2 1 Y 1 A THR 2 ? A THR 2 
3 1 Y 1 A ASP 3 ? A ASP 3 
4 1 Y 1 A THR 4 ? A THR 4 
5 1 Y 1 A ALA 5 ? A ALA 5 
6 1 Y 1 A SER 6 ? A SER 6 
7 1 Y 1 A LYS 7 ? A LYS 7 
8 1 Y 1 A TYR 8 ? A TYR 8 
9 1 Y 1 A ALA 9 ? A ALA 9 
# 
loop_
_chem_comp_atom.comp_id 
_chem_comp_atom.atom_id 
_chem_comp_atom.type_symbol 
_chem_comp_atom.pdbx_aromatic_flag 
_chem_comp_atom.pdbx_stereo_config 
_chem_comp_atom.pdbx_ordinal 
ALA N    N  N N 1   
ALA CA   C  N S 2   
ALA C    C  N N 3   
ALA O    O  N N 4   
ALA CB   C  N N 5   
ALA OXT  O  N N 6   
ALA H    H  N N 7   
ALA H2   H  N N 8   
ALA HA   H  N N 9   
ALA HB1  H  N N 10  
ALA HB2  H  N N 11  
ALA HB3  H  N N 12  
ALA HXT  H  N N 13  
ARG N    N  N N 14  
ARG CA   C  N S 15  
ARG C    C  N N 16  
ARG O    O  N N 17  
ARG CB   C  N N 18  
ARG CG   C  N N 19  
ARG CD   C  N N 20  
ARG NE   N  N N 21  
ARG CZ   C  N N 22  
ARG NH1  N  N N 23  
ARG NH2  N  N N 24  
ARG OXT  O  N N 25  
ARG H    H  N N 26  
ARG H2   H  N N 27  
ARG HA   H  N N 28  
ARG HB2  H  N N 29  
ARG HB3  H  N N 30  
ARG HG2  H  N N 31  
ARG HG3  H  N N 32  
ARG HD2  H  N N 33  
ARG HD3  H  N N 34  
ARG HE   H  N N 35  
ARG HH11 H  N N 36  
ARG HH12 H  N N 37  
ARG HH21 H  N N 38  
ARG HH22 H  N N 39  
ARG HXT  H  N N 40  
ASN N    N  N N 41  
ASN CA   C  N S 42  
ASN C    C  N N 43  
ASN O    O  N N 44  
ASN CB   C  N N 45  
ASN CG   C  N N 46  
ASN OD1  O  N N 47  
ASN ND2  N  N N 48  
ASN OXT  O  N N 49  
ASN H    H  N N 50  
ASN H2   H  N N 51  
ASN HA   H  N N 52  
ASN HB2  H  N N 53  
ASN HB3  H  N N 54  
ASN HD21 H  N N 55  
ASN HD22 H  N N 56  
ASN HXT  H  N N 57  
ASP N    N  N N 58  
ASP CA   C  N S 59  
ASP C    C  N N 60  
ASP O    O  N N 61  
ASP CB   C  N N 62  
ASP CG   C  N N 63  
ASP OD1  O  N N 64  
ASP OD2  O  N N 65  
ASP OXT  O  N N 66  
ASP H    H  N N 67  
ASP H2   H  N N 68  
ASP HA   H  N N 69  
ASP HB2  H  N N 70  
ASP HB3  H  N N 71  
ASP HD2  H  N N 72  
ASP HXT  H  N N 73  
CA  CA   CA N N 74  
CYS N    N  N N 75  
CYS CA   C  N R 76  
CYS C    C  N N 77  
CYS O    O  N N 78  
CYS CB   C  N N 79  
CYS SG   S  N N 80  
CYS OXT  O  N N 81  
CYS H    H  N N 82  
CYS H2   H  N N 83  
CYS HA   H  N N 84  
CYS HB2  H  N N 85  
CYS HB3  H  N N 86  
CYS HG   H  N N 87  
CYS HXT  H  N N 88  
CZH N1   N  N N 89  
CZH C2   C  N S 90  
CZH C3   C  N N 91  
CZH N4   N  N N 92  
CZH C5   C  N N 93  
CZH C6   C  N N 94  
CZH N7   N  N N 95  
CZH C8   C  N N 96  
CZH C9   C  N N 97  
CZH C10  C  N N 98  
CZH C11  C  Y N 99  
CZH C12  C  Y N 100 
CZH C13  C  Y N 101 
CZH C14  C  Y N 102 
CZH C15  C  Y N 103 
CZH C16  C  Y N 104 
CZH O17  O  N N 105 
CZH O18  O  N N 106 
CZH C19  C  Y N 107 
CZH C20  C  Y N 108 
CZH C21  C  Y N 109 
CZH C22  C  Y N 110 
CZH C23  C  Y N 111 
CZH C24  C  Y N 112 
CZH O25  O  N N 113 
CZH C26  C  N N 114 
CZH C27  C  Y N 115 
CZH C28  C  Y N 116 
CZH C29  C  Y N 117 
CZH C30  C  Y N 118 
CZH C31  C  Y N 119 
CZH C32  C  Y N 120 
CZH O33  O  N N 121 
CZH O34  O  N N 122 
CZH H5   H  N N 123 
CZH H101 H  N N 124 
CZH H102 H  N N 125 
CZH H12  H  N N 126 
CZH H13  H  N N 127 
CZH H15  H  N N 128 
CZH H16  H  N N 129 
CZH H17  H  N N 130 
CZH H20  H  N N 131 
CZH H21  H  N N 132 
CZH H23  H  N N 133 
CZH H24  H  N N 134 
CZH H25  H  N N 135 
CZH H261 H  N N 136 
CZH H262 H  N N 137 
CZH H28  H  N N 138 
CZH H29  H  N N 139 
CZH H30  H  N N 140 
CZH H31  H  N N 141 
CZH H32  H  N N 142 
CZH H34  H  N N 143 
GLN N    N  N N 144 
GLN CA   C  N S 145 
GLN C    C  N N 146 
GLN O    O  N N 147 
GLN CB   C  N N 148 
GLN CG   C  N N 149 
GLN CD   C  N N 150 
GLN OE1  O  N N 151 
GLN NE2  N  N N 152 
GLN OXT  O  N N 153 
GLN H    H  N N 154 
GLN H2   H  N N 155 
GLN HA   H  N N 156 
GLN HB2  H  N N 157 
GLN HB3  H  N N 158 
GLN HG2  H  N N 159 
GLN HG3  H  N N 160 
GLN HE21 H  N N 161 
GLN HE22 H  N N 162 
GLN HXT  H  N N 163 
GLU N    N  N N 164 
GLU CA   C  N S 165 
GLU C    C  N N 166 
GLU O    O  N N 167 
GLU CB   C  N N 168 
GLU CG   C  N N 169 
GLU CD   C  N N 170 
GLU OE1  O  N N 171 
GLU OE2  O  N N 172 
GLU OXT  O  N N 173 
GLU H    H  N N 174 
GLU H2   H  N N 175 
GLU HA   H  N N 176 
GLU HB2  H  N N 177 
GLU HB3  H  N N 178 
GLU HG2  H  N N 179 
GLU HG3  H  N N 180 
GLU HE2  H  N N 181 
GLU HXT  H  N N 182 
GLY N    N  N N 183 
GLY CA   C  N N 184 
GLY C    C  N N 185 
GLY O    O  N N 186 
GLY OXT  O  N N 187 
GLY H    H  N N 188 
GLY H2   H  N N 189 
GLY HA2  H  N N 190 
GLY HA3  H  N N 191 
GLY HXT  H  N N 192 
HIS N    N  N N 193 
HIS CA   C  N S 194 
HIS C    C  N N 195 
HIS O    O  N N 196 
HIS CB   C  N N 197 
HIS CG   C  Y N 198 
HIS ND1  N  Y N 199 
HIS CD2  C  Y N 200 
HIS CE1  C  Y N 201 
HIS NE2  N  Y N 202 
HIS OXT  O  N N 203 
HIS H    H  N N 204 
HIS H2   H  N N 205 
HIS HA   H  N N 206 
HIS HB2  H  N N 207 
HIS HB3  H  N N 208 
HIS HD1  H  N N 209 
HIS HD2  H  N N 210 
HIS HE1  H  N N 211 
HIS HE2  H  N N 212 
HIS HXT  H  N N 213 
HOH O    O  N N 214 
HOH H1   H  N N 215 
HOH H2   H  N N 216 
ILE N    N  N N 217 
ILE CA   C  N S 218 
ILE C    C  N N 219 
ILE O    O  N N 220 
ILE CB   C  N S 221 
ILE CG1  C  N N 222 
ILE CG2  C  N N 223 
ILE CD1  C  N N 224 
ILE OXT  O  N N 225 
ILE H    H  N N 226 
ILE H2   H  N N 227 
ILE HA   H  N N 228 
ILE HB   H  N N 229 
ILE HG12 H  N N 230 
ILE HG13 H  N N 231 
ILE HG21 H  N N 232 
ILE HG22 H  N N 233 
ILE HG23 H  N N 234 
ILE HD11 H  N N 235 
ILE HD12 H  N N 236 
ILE HD13 H  N N 237 
ILE HXT  H  N N 238 
LEU N    N  N N 239 
LEU CA   C  N S 240 
LEU C    C  N N 241 
LEU O    O  N N 242 
LEU CB   C  N N 243 
LEU CG   C  N N 244 
LEU CD1  C  N N 245 
LEU CD2  C  N N 246 
LEU OXT  O  N N 247 
LEU H    H  N N 248 
LEU H2   H  N N 249 
LEU HA   H  N N 250 
LEU HB2  H  N N 251 
LEU HB3  H  N N 252 
LEU HG   H  N N 253 
LEU HD11 H  N N 254 
LEU HD12 H  N N 255 
LEU HD13 H  N N 256 
LEU HD21 H  N N 257 
LEU HD22 H  N N 258 
LEU HD23 H  N N 259 
LEU HXT  H  N N 260 
LYS N    N  N N 261 
LYS CA   C  N S 262 
LYS C    C  N N 263 
LYS O    O  N N 264 
LYS CB   C  N N 265 
LYS CG   C  N N 266 
LYS CD   C  N N 267 
LYS CE   C  N N 268 
LYS NZ   N  N N 269 
LYS OXT  O  N N 270 
LYS H    H  N N 271 
LYS H2   H  N N 272 
LYS HA   H  N N 273 
LYS HB2  H  N N 274 
LYS HB3  H  N N 275 
LYS HG2  H  N N 276 
LYS HG3  H  N N 277 
LYS HD2  H  N N 278 
LYS HD3  H  N N 279 
LYS HE2  H  N N 280 
LYS HE3  H  N N 281 
LYS HZ1  H  N N 282 
LYS HZ2  H  N N 283 
LYS HZ3  H  N N 284 
LYS HXT  H  N N 285 
MET N    N  N N 286 
MET CA   C  N S 287 
MET C    C  N N 288 
MET O    O  N N 289 
MET CB   C  N N 290 
MET CG   C  N N 291 
MET SD   S  N N 292 
MET CE   C  N N 293 
MET OXT  O  N N 294 
MET H    H  N N 295 
MET H2   H  N N 296 
MET HA   H  N N 297 
MET HB2  H  N N 298 
MET HB3  H  N N 299 
MET HG2  H  N N 300 
MET HG3  H  N N 301 
MET HE1  H  N N 302 
MET HE2  H  N N 303 
MET HE3  H  N N 304 
MET HXT  H  N N 305 
PHE N    N  N N 306 
PHE CA   C  N S 307 
PHE C    C  N N 308 
PHE O    O  N N 309 
PHE CB   C  N N 310 
PHE CG   C  Y N 311 
PHE CD1  C  Y N 312 
PHE CD2  C  Y N 313 
PHE CE1  C  Y N 314 
PHE CE2  C  Y N 315 
PHE CZ   C  Y N 316 
PHE OXT  O  N N 317 
PHE H    H  N N 318 
PHE H2   H  N N 319 
PHE HA   H  N N 320 
PHE HB2  H  N N 321 
PHE HB3  H  N N 322 
PHE HD1  H  N N 323 
PHE HD2  H  N N 324 
PHE HE1  H  N N 325 
PHE HE2  H  N N 326 
PHE HZ   H  N N 327 
PHE HXT  H  N N 328 
PRO N    N  N N 329 
PRO CA   C  N S 330 
PRO C    C  N N 331 
PRO O    O  N N 332 
PRO CB   C  N N 333 
PRO CG   C  N N 334 
PRO CD   C  N N 335 
PRO OXT  O  N N 336 
PRO H    H  N N 337 
PRO HA   H  N N 338 
PRO HB2  H  N N 339 
PRO HB3  H  N N 340 
PRO HG2  H  N N 341 
PRO HG3  H  N N 342 
PRO HD2  H  N N 343 
PRO HD3  H  N N 344 
PRO HXT  H  N N 345 
SER N    N  N N 346 
SER CA   C  N S 347 
SER C    C  N N 348 
SER O    O  N N 349 
SER CB   C  N N 350 
SER OG   O  N N 351 
SER OXT  O  N N 352 
SER H    H  N N 353 
SER H2   H  N N 354 
SER HA   H  N N 355 
SER HB2  H  N N 356 
SER HB3  H  N N 357 
SER HG   H  N N 358 
SER HXT  H  N N 359 
THR N    N  N N 360 
THR CA   C  N S 361 
THR C    C  N N 362 
THR O    O  N N 363 
THR CB   C  N R 364 
THR OG1  O  N N 365 
THR CG2  C  N N 366 
THR OXT  O  N N 367 
THR H    H  N N 368 
THR H2   H  N N 369 
THR HA   H  N N 370 
THR HB   H  N N 371 
THR HG1  H  N N 372 
THR HG21 H  N N 373 
THR HG22 H  N N 374 
THR HG23 H  N N 375 
THR HXT  H  N N 376 
TRP N    N  N N 377 
TRP CA   C  N S 378 
TRP C    C  N N 379 
TRP O    O  N N 380 
TRP CB   C  N N 381 
TRP CG   C  Y N 382 
TRP CD1  C  Y N 383 
TRP CD2  C  Y N 384 
TRP NE1  N  Y N 385 
TRP CE2  C  Y N 386 
TRP CE3  C  Y N 387 
TRP CZ2  C  Y N 388 
TRP CZ3  C  Y N 389 
TRP CH2  C  Y N 390 
TRP OXT  O  N N 391 
TRP H    H  N N 392 
TRP H2   H  N N 393 
TRP HA   H  N N 394 
TRP HB2  H  N N 395 
TRP HB3  H  N N 396 
TRP HD1  H  N N 397 
TRP HE1  H  N N 398 
TRP HE3  H  N N 399 
TRP HZ2  H  N N 400 
TRP HZ3  H  N N 401 
TRP HH2  H  N N 402 
TRP HXT  H  N N 403 
TYR N    N  N N 404 
TYR CA   C  N S 405 
TYR C    C  N N 406 
TYR O    O  N N 407 
TYR CB   C  N N 408 
TYR CG   C  Y N 409 
TYR CD1  C  Y N 410 
TYR CD2  C  Y N 411 
TYR CE1  C  Y N 412 
TYR CE2  C  Y N 413 
TYR CZ   C  Y N 414 
TYR OH   O  N N 415 
TYR OXT  O  N N 416 
TYR H    H  N N 417 
TYR H2   H  N N 418 
TYR HA   H  N N 419 
TYR HB2  H  N N 420 
TYR HB3  H  N N 421 
TYR HD1  H  N N 422 
TYR HD2  H  N N 423 
TYR HE1  H  N N 424 
TYR HE2  H  N N 425 
TYR HH   H  N N 426 
TYR HXT  H  N N 427 
VAL N    N  N N 428 
VAL CA   C  N S 429 
VAL C    C  N N 430 
VAL O    O  N N 431 
VAL CB   C  N N 432 
VAL CG1  C  N N 433 
VAL CG2  C  N N 434 
VAL OXT  O  N N 435 
VAL H    H  N N 436 
VAL H2   H  N N 437 
VAL HA   H  N N 438 
VAL HB   H  N N 439 
VAL HG11 H  N N 440 
VAL HG12 H  N N 441 
VAL HG13 H  N N 442 
VAL HG21 H  N N 443 
VAL HG22 H  N N 444 
VAL HG23 H  N N 445 
VAL HXT  H  N N 446 
# 
loop_
_chem_comp_bond.comp_id 
_chem_comp_bond.atom_id_1 
_chem_comp_bond.atom_id_2 
_chem_comp_bond.value_order 
_chem_comp_bond.pdbx_aromatic_flag 
_chem_comp_bond.pdbx_stereo_config 
_chem_comp_bond.pdbx_ordinal 
ALA N   CA   sing N N 1   
ALA N   H    sing N N 2   
ALA N   H2   sing N N 3   
ALA CA  C    sing N N 4   
ALA CA  CB   sing N N 5   
ALA CA  HA   sing N N 6   
ALA C   O    doub N N 7   
ALA C   OXT  sing N N 8   
ALA CB  HB1  sing N N 9   
ALA CB  HB2  sing N N 10  
ALA CB  HB3  sing N N 11  
ALA OXT HXT  sing N N 12  
ARG N   CA   sing N N 13  
ARG N   H    sing N N 14  
ARG N   H2   sing N N 15  
ARG CA  C    sing N N 16  
ARG CA  CB   sing N N 17  
ARG CA  HA   sing N N 18  
ARG C   O    doub N N 19  
ARG C   OXT  sing N N 20  
ARG CB  CG   sing N N 21  
ARG CB  HB2  sing N N 22  
ARG CB  HB3  sing N N 23  
ARG CG  CD   sing N N 24  
ARG CG  HG2  sing N N 25  
ARG CG  HG3  sing N N 26  
ARG CD  NE   sing N N 27  
ARG CD  HD2  sing N N 28  
ARG CD  HD3  sing N N 29  
ARG NE  CZ   sing N N 30  
ARG NE  HE   sing N N 31  
ARG CZ  NH1  sing N N 32  
ARG CZ  NH2  doub N N 33  
ARG NH1 HH11 sing N N 34  
ARG NH1 HH12 sing N N 35  
ARG NH2 HH21 sing N N 36  
ARG NH2 HH22 sing N N 37  
ARG OXT HXT  sing N N 38  
ASN N   CA   sing N N 39  
ASN N   H    sing N N 40  
ASN N   H2   sing N N 41  
ASN CA  C    sing N N 42  
ASN CA  CB   sing N N 43  
ASN CA  HA   sing N N 44  
ASN C   O    doub N N 45  
ASN C   OXT  sing N N 46  
ASN CB  CG   sing N N 47  
ASN CB  HB2  sing N N 48  
ASN CB  HB3  sing N N 49  
ASN CG  OD1  doub N N 50  
ASN CG  ND2  sing N N 51  
ASN ND2 HD21 sing N N 52  
ASN ND2 HD22 sing N N 53  
ASN OXT HXT  sing N N 54  
ASP N   CA   sing N N 55  
ASP N   H    sing N N 56  
ASP N   H2   sing N N 57  
ASP CA  C    sing N N 58  
ASP CA  CB   sing N N 59  
ASP CA  HA   sing N N 60  
ASP C   O    doub N N 61  
ASP C   OXT  sing N N 62  
ASP CB  CG   sing N N 63  
ASP CB  HB2  sing N N 64  
ASP CB  HB3  sing N N 65  
ASP CG  OD1  doub N N 66  
ASP CG  OD2  sing N N 67  
ASP OD2 HD2  sing N N 68  
ASP OXT HXT  sing N N 69  
CYS N   CA   sing N N 70  
CYS N   H    sing N N 71  
CYS N   H2   sing N N 72  
CYS CA  C    sing N N 73  
CYS CA  CB   sing N N 74  
CYS CA  HA   sing N N 75  
CYS C   O    doub N N 76  
CYS C   OXT  sing N N 77  
CYS CB  SG   sing N N 78  
CYS CB  HB2  sing N N 79  
CYS CB  HB3  sing N N 80  
CYS SG  HG   sing N N 81  
CYS OXT HXT  sing N N 82  
CZH N1  C2   sing N N 83  
CZH N1  C9   doub N N 84  
CZH C2  C3   sing N N 85  
CZH C2  C10  sing N N 86  
CZH C2  O33  sing N N 87  
CZH C3  N4   sing N N 88  
CZH C3  O18  doub N N 89  
CZH N4  C5   sing N N 90  
CZH N4  C9   sing N N 91  
CZH C5  C6   doub N N 92  
CZH C5  H5   sing N N 93  
CZH C6  N7   sing N N 94  
CZH C6  C19  sing N N 95  
CZH N7  C8   doub N N 96  
CZH C8  C9   sing N N 97  
CZH C8  C26  sing N N 98  
CZH C10 C11  sing N N 99  
CZH C10 H101 sing N N 100 
CZH C10 H102 sing N N 101 
CZH C11 C12  doub Y N 102 
CZH C11 C16  sing Y N 103 
CZH C12 C13  sing Y N 104 
CZH C12 H12  sing N N 105 
CZH C13 C14  doub Y N 106 
CZH C13 H13  sing N N 107 
CZH C14 C15  sing Y N 108 
CZH C14 O17  sing N N 109 
CZH C15 C16  doub Y N 110 
CZH C15 H15  sing N N 111 
CZH C16 H16  sing N N 112 
CZH O17 H17  sing N N 113 
CZH C19 C20  doub Y N 114 
CZH C19 C24  sing Y N 115 
CZH C20 C21  sing Y N 116 
CZH C20 H20  sing N N 117 
CZH C21 C22  doub Y N 118 
CZH C21 H21  sing N N 119 
CZH C22 C23  sing Y N 120 
CZH C22 O25  sing N N 121 
CZH C23 C24  doub Y N 122 
CZH C23 H23  sing N N 123 
CZH C24 H24  sing N N 124 
CZH O25 H25  sing N N 125 
CZH C26 C27  sing N N 126 
CZH C26 H261 sing N N 127 
CZH C26 H262 sing N N 128 
CZH C27 C28  doub Y N 129 
CZH C27 C32  sing Y N 130 
CZH C28 C29  sing Y N 131 
CZH C28 H28  sing N N 132 
CZH C29 C30  doub Y N 133 
CZH C29 H29  sing N N 134 
CZH C30 C31  sing Y N 135 
CZH C30 H30  sing N N 136 
CZH C31 C32  doub Y N 137 
CZH C31 H31  sing N N 138 
CZH C32 H32  sing N N 139 
CZH O33 O34  sing N N 140 
CZH O34 H34  sing N N 141 
GLN N   CA   sing N N 142 
GLN N   H    sing N N 143 
GLN N   H2   sing N N 144 
GLN CA  C    sing N N 145 
GLN CA  CB   sing N N 146 
GLN CA  HA   sing N N 147 
GLN C   O    doub N N 148 
GLN C   OXT  sing N N 149 
GLN CB  CG   sing N N 150 
GLN CB  HB2  sing N N 151 
GLN CB  HB3  sing N N 152 
GLN CG  CD   sing N N 153 
GLN CG  HG2  sing N N 154 
GLN CG  HG3  sing N N 155 
GLN CD  OE1  doub N N 156 
GLN CD  NE2  sing N N 157 
GLN NE2 HE21 sing N N 158 
GLN NE2 HE22 sing N N 159 
GLN OXT HXT  sing N N 160 
GLU N   CA   sing N N 161 
GLU N   H    sing N N 162 
GLU N   H2   sing N N 163 
GLU CA  C    sing N N 164 
GLU CA  CB   sing N N 165 
GLU CA  HA   sing N N 166 
GLU C   O    doub N N 167 
GLU C   OXT  sing N N 168 
GLU CB  CG   sing N N 169 
GLU CB  HB2  sing N N 170 
GLU CB  HB3  sing N N 171 
GLU CG  CD   sing N N 172 
GLU CG  HG2  sing N N 173 
GLU CG  HG3  sing N N 174 
GLU CD  OE1  doub N N 175 
GLU CD  OE2  sing N N 176 
GLU OE2 HE2  sing N N 177 
GLU OXT HXT  sing N N 178 
GLY N   CA   sing N N 179 
GLY N   H    sing N N 180 
GLY N   H2   sing N N 181 
GLY CA  C    sing N N 182 
GLY CA  HA2  sing N N 183 
GLY CA  HA3  sing N N 184 
GLY C   O    doub N N 185 
GLY C   OXT  sing N N 186 
GLY OXT HXT  sing N N 187 
HIS N   CA   sing N N 188 
HIS N   H    sing N N 189 
HIS N   H2   sing N N 190 
HIS CA  C    sing N N 191 
HIS CA  CB   sing N N 192 
HIS CA  HA   sing N N 193 
HIS C   O    doub N N 194 
HIS C   OXT  sing N N 195 
HIS CB  CG   sing N N 196 
HIS CB  HB2  sing N N 197 
HIS CB  HB3  sing N N 198 
HIS CG  ND1  sing Y N 199 
HIS CG  CD2  doub Y N 200 
HIS ND1 CE1  doub Y N 201 
HIS ND1 HD1  sing N N 202 
HIS CD2 NE2  sing Y N 203 
HIS CD2 HD2  sing N N 204 
HIS CE1 NE2  sing Y N 205 
HIS CE1 HE1  sing N N 206 
HIS NE2 HE2  sing N N 207 
HIS OXT HXT  sing N N 208 
HOH O   H1   sing N N 209 
HOH O   H2   sing N N 210 
ILE N   CA   sing N N 211 
ILE N   H    sing N N 212 
ILE N   H2   sing N N 213 
ILE CA  C    sing N N 214 
ILE CA  CB   sing N N 215 
ILE CA  HA   sing N N 216 
ILE C   O    doub N N 217 
ILE C   OXT  sing N N 218 
ILE CB  CG1  sing N N 219 
ILE CB  CG2  sing N N 220 
ILE CB  HB   sing N N 221 
ILE CG1 CD1  sing N N 222 
ILE CG1 HG12 sing N N 223 
ILE CG1 HG13 sing N N 224 
ILE CG2 HG21 sing N N 225 
ILE CG2 HG22 sing N N 226 
ILE CG2 HG23 sing N N 227 
ILE CD1 HD11 sing N N 228 
ILE CD1 HD12 sing N N 229 
ILE CD1 HD13 sing N N 230 
ILE OXT HXT  sing N N 231 
LEU N   CA   sing N N 232 
LEU N   H    sing N N 233 
LEU N   H2   sing N N 234 
LEU CA  C    sing N N 235 
LEU CA  CB   sing N N 236 
LEU CA  HA   sing N N 237 
LEU C   O    doub N N 238 
LEU C   OXT  sing N N 239 
LEU CB  CG   sing N N 240 
LEU CB  HB2  sing N N 241 
LEU CB  HB3  sing N N 242 
LEU CG  CD1  sing N N 243 
LEU CG  CD2  sing N N 244 
LEU CG  HG   sing N N 245 
LEU CD1 HD11 sing N N 246 
LEU CD1 HD12 sing N N 247 
LEU CD1 HD13 sing N N 248 
LEU CD2 HD21 sing N N 249 
LEU CD2 HD22 sing N N 250 
LEU CD2 HD23 sing N N 251 
LEU OXT HXT  sing N N 252 
LYS N   CA   sing N N 253 
LYS N   H    sing N N 254 
LYS N   H2   sing N N 255 
LYS CA  C    sing N N 256 
LYS CA  CB   sing N N 257 
LYS CA  HA   sing N N 258 
LYS C   O    doub N N 259 
LYS C   OXT  sing N N 260 
LYS CB  CG   sing N N 261 
LYS CB  HB2  sing N N 262 
LYS CB  HB3  sing N N 263 
LYS CG  CD   sing N N 264 
LYS CG  HG2  sing N N 265 
LYS CG  HG3  sing N N 266 
LYS CD  CE   sing N N 267 
LYS CD  HD2  sing N N 268 
LYS CD  HD3  sing N N 269 
LYS CE  NZ   sing N N 270 
LYS CE  HE2  sing N N 271 
LYS CE  HE3  sing N N 272 
LYS NZ  HZ1  sing N N 273 
LYS NZ  HZ2  sing N N 274 
LYS NZ  HZ3  sing N N 275 
LYS OXT HXT  sing N N 276 
MET N   CA   sing N N 277 
MET N   H    sing N N 278 
MET N   H2   sing N N 279 
MET CA  C    sing N N 280 
MET CA  CB   sing N N 281 
MET CA  HA   sing N N 282 
MET C   O    doub N N 283 
MET C   OXT  sing N N 284 
MET CB  CG   sing N N 285 
MET CB  HB2  sing N N 286 
MET CB  HB3  sing N N 287 
MET CG  SD   sing N N 288 
MET CG  HG2  sing N N 289 
MET CG  HG3  sing N N 290 
MET SD  CE   sing N N 291 
MET CE  HE1  sing N N 292 
MET CE  HE2  sing N N 293 
MET CE  HE3  sing N N 294 
MET OXT HXT  sing N N 295 
PHE N   CA   sing N N 296 
PHE N   H    sing N N 297 
PHE N   H2   sing N N 298 
PHE CA  C    sing N N 299 
PHE CA  CB   sing N N 300 
PHE CA  HA   sing N N 301 
PHE C   O    doub N N 302 
PHE C   OXT  sing N N 303 
PHE CB  CG   sing N N 304 
PHE CB  HB2  sing N N 305 
PHE CB  HB3  sing N N 306 
PHE CG  CD1  doub Y N 307 
PHE CG  CD2  sing Y N 308 
PHE CD1 CE1  sing Y N 309 
PHE CD1 HD1  sing N N 310 
PHE CD2 CE2  doub Y N 311 
PHE CD2 HD2  sing N N 312 
PHE CE1 CZ   doub Y N 313 
PHE CE1 HE1  sing N N 314 
PHE CE2 CZ   sing Y N 315 
PHE CE2 HE2  sing N N 316 
PHE CZ  HZ   sing N N 317 
PHE OXT HXT  sing N N 318 
PRO N   CA   sing N N 319 
PRO N   CD   sing N N 320 
PRO N   H    sing N N 321 
PRO CA  C    sing N N 322 
PRO CA  CB   sing N N 323 
PRO CA  HA   sing N N 324 
PRO C   O    doub N N 325 
PRO C   OXT  sing N N 326 
PRO CB  CG   sing N N 327 
PRO CB  HB2  sing N N 328 
PRO CB  HB3  sing N N 329 
PRO CG  CD   sing N N 330 
PRO CG  HG2  sing N N 331 
PRO CG  HG3  sing N N 332 
PRO CD  HD2  sing N N 333 
PRO CD  HD3  sing N N 334 
PRO OXT HXT  sing N N 335 
SER N   CA   sing N N 336 
SER N   H    sing N N 337 
SER N   H2   sing N N 338 
SER CA  C    sing N N 339 
SER CA  CB   sing N N 340 
SER CA  HA   sing N N 341 
SER C   O    doub N N 342 
SER C   OXT  sing N N 343 
SER CB  OG   sing N N 344 
SER CB  HB2  sing N N 345 
SER CB  HB3  sing N N 346 
SER OG  HG   sing N N 347 
SER OXT HXT  sing N N 348 
THR N   CA   sing N N 349 
THR N   H    sing N N 350 
THR N   H2   sing N N 351 
THR CA  C    sing N N 352 
THR CA  CB   sing N N 353 
THR CA  HA   sing N N 354 
THR C   O    doub N N 355 
THR C   OXT  sing N N 356 
THR CB  OG1  sing N N 357 
THR CB  CG2  sing N N 358 
THR CB  HB   sing N N 359 
THR OG1 HG1  sing N N 360 
THR CG2 HG21 sing N N 361 
THR CG2 HG22 sing N N 362 
THR CG2 HG23 sing N N 363 
THR OXT HXT  sing N N 364 
TRP N   CA   sing N N 365 
TRP N   H    sing N N 366 
TRP N   H2   sing N N 367 
TRP CA  C    sing N N 368 
TRP CA  CB   sing N N 369 
TRP CA  HA   sing N N 370 
TRP C   O    doub N N 371 
TRP C   OXT  sing N N 372 
TRP CB  CG   sing N N 373 
TRP CB  HB2  sing N N 374 
TRP CB  HB3  sing N N 375 
TRP CG  CD1  doub Y N 376 
TRP CG  CD2  sing Y N 377 
TRP CD1 NE1  sing Y N 378 
TRP CD1 HD1  sing N N 379 
TRP CD2 CE2  doub Y N 380 
TRP CD2 CE3  sing Y N 381 
TRP NE1 CE2  sing Y N 382 
TRP NE1 HE1  sing N N 383 
TRP CE2 CZ2  sing Y N 384 
TRP CE3 CZ3  doub Y N 385 
TRP CE3 HE3  sing N N 386 
TRP CZ2 CH2  doub Y N 387 
TRP CZ2 HZ2  sing N N 388 
TRP CZ3 CH2  sing Y N 389 
TRP CZ3 HZ3  sing N N 390 
TRP CH2 HH2  sing N N 391 
TRP OXT HXT  sing N N 392 
TYR N   CA   sing N N 393 
TYR N   H    sing N N 394 
TYR N   H2   sing N N 395 
TYR CA  C    sing N N 396 
TYR CA  CB   sing N N 397 
TYR CA  HA   sing N N 398 
TYR C   O    doub N N 399 
TYR C   OXT  sing N N 400 
TYR CB  CG   sing N N 401 
TYR CB  HB2  sing N N 402 
TYR CB  HB3  sing N N 403 
TYR CG  CD1  doub Y N 404 
TYR CG  CD2  sing Y N 405 
TYR CD1 CE1  sing Y N 406 
TYR CD1 HD1  sing N N 407 
TYR CD2 CE2  doub Y N 408 
TYR CD2 HD2  sing N N 409 
TYR CE1 CZ   doub Y N 410 
TYR CE1 HE1  sing N N 411 
TYR CE2 CZ   sing Y N 412 
TYR CE2 HE2  sing N N 413 
TYR CZ  OH   sing N N 414 
TYR OH  HH   sing N N 415 
TYR OXT HXT  sing N N 416 
VAL N   CA   sing N N 417 
VAL N   H    sing N N 418 
VAL N   H2   sing N N 419 
VAL CA  C    sing N N 420 
VAL CA  CB   sing N N 421 
VAL CA  HA   sing N N 422 
VAL C   O    doub N N 423 
VAL C   OXT  sing N N 424 
VAL CB  CG1  sing N N 425 
VAL CB  CG2  sing N N 426 
VAL CB  HB   sing N N 427 
VAL CG1 HG11 sing N N 428 
VAL CG1 HG12 sing N N 429 
VAL CG1 HG13 sing N N 430 
VAL CG2 HG21 sing N N 431 
VAL CG2 HG22 sing N N 432 
VAL CG2 HG23 sing N N 433 
VAL OXT HXT  sing N N 434 
# 
loop_
_pdbx_entity_nonpoly.entity_id 
_pdbx_entity_nonpoly.name 
_pdbx_entity_nonpoly.comp_id 
2 C2-HYDROPEROXY-COELENTERAZINE CZH 
3 'CALCIUM ION'                 CA  
4 water                         HOH 
# 
_pdbx_initial_refinement_model.id               1 
_pdbx_initial_refinement_model.entity_id_list   ? 
_pdbx_initial_refinement_model.type             'experimental model' 
_pdbx_initial_refinement_model.source_name      PDB 
_pdbx_initial_refinement_model.accession_code   2F8P 
_pdbx_initial_refinement_model.details          'PDB ENTRY 2F8P' 
# 
